data_2LWA
#
_entry.id   2LWA
#
_entity_poly.entity_id   1
_entity_poly.type   'polypeptide(L)'
_entity_poly.pdbx_seq_one_letter_code
;GLFGAIAAFIEGGWTGMIDGWYGSGKKKKD
;
_entity_poly.pdbx_strand_id   A,B,C
#
# COMPACT_ATOMS: atom_id res chain seq x y z
N GLY A 1 0.93 8.90 7.03
CA GLY A 1 -0.33 8.11 6.96
C GLY A 1 -1.06 8.42 5.68
N LEU A 2 -1.53 9.67 5.55
CA LEU A 2 -2.25 10.09 4.35
C LEU A 2 -1.34 10.01 3.13
N PHE A 3 -0.23 10.73 3.18
CA PHE A 3 0.71 10.73 2.06
C PHE A 3 1.34 9.36 1.92
N GLY A 4 1.64 8.71 3.03
CA GLY A 4 2.24 7.39 3.00
C GLY A 4 1.36 6.41 2.23
N ALA A 5 0.05 6.53 2.41
CA ALA A 5 -0.90 5.65 1.72
C ALA A 5 -0.84 5.86 0.22
N ILE A 6 -0.78 7.12 -0.20
CA ILE A 6 -0.72 7.44 -1.63
C ILE A 6 0.61 6.99 -2.23
N ALA A 7 1.70 7.30 -1.52
CA ALA A 7 3.03 6.93 -1.99
C ALA A 7 3.19 5.42 -2.01
N ALA A 8 2.75 4.76 -0.94
CA ALA A 8 2.86 3.33 -0.85
C ALA A 8 1.92 2.66 -1.86
N PHE A 9 0.84 3.35 -2.20
CA PHE A 9 -0.11 2.81 -3.17
C PHE A 9 0.53 2.69 -4.54
N ILE A 10 1.29 3.69 -4.92
CA ILE A 10 1.95 3.69 -6.22
C ILE A 10 3.12 2.68 -6.24
N GLU A 11 3.73 2.45 -5.06
CA GLU A 11 4.88 1.54 -4.98
C GLU A 11 4.44 0.08 -4.67
N GLY A 12 3.62 -0.09 -3.62
CA GLY A 12 3.15 -1.43 -3.23
C GLY A 12 1.69 -1.64 -3.57
N GLY A 13 1.25 -1.00 -4.63
CA GLY A 13 -0.13 -1.13 -5.08
C GLY A 13 -1.10 -1.06 -3.90
N TRP A 14 -2.19 -1.81 -3.99
CA TRP A 14 -3.20 -1.84 -2.93
C TRP A 14 -2.57 -2.20 -1.58
N THR A 15 -1.80 -3.28 -1.57
CA THR A 15 -1.14 -3.73 -0.33
C THR A 15 -0.33 -2.59 0.27
N GLY A 16 0.32 -1.82 -0.57
CA GLY A 16 1.12 -0.69 -0.11
C GLY A 16 0.25 0.37 0.55
N MET A 17 -0.96 0.55 0.03
CA MET A 17 -1.87 1.54 0.58
C MET A 17 -2.20 1.23 2.03
N ILE A 18 -2.50 -0.03 2.31
CA ILE A 18 -2.81 -0.44 3.68
C ILE A 18 -1.64 -0.19 4.61
N ASP A 19 -0.45 -0.66 4.20
CA ASP A 19 0.74 -0.49 5.01
C ASP A 19 1.05 0.99 5.22
N GLY A 20 0.94 1.77 4.14
CA GLY A 20 1.23 3.19 4.23
C GLY A 20 0.26 3.89 5.17
N TRP A 21 -1.01 3.47 5.12
CA TRP A 21 -2.04 4.07 5.97
C TRP A 21 -1.73 3.80 7.44
N TYR A 22 -1.34 2.57 7.74
CA TYR A 22 -1.04 2.18 9.12
C TYR A 22 0.42 2.50 9.44
N GLY A 23 1.14 3.04 8.46
CA GLY A 23 2.55 3.39 8.65
C GLY A 23 2.69 4.69 9.43
N SER A 24 2.73 4.58 10.74
CA SER A 24 2.87 5.76 11.59
C SER A 24 4.13 6.54 11.22
N GLY B 1 4.15 -4.06 23.18
CA GLY B 1 3.71 -2.66 22.92
C GLY B 1 3.19 -2.56 21.50
N LEU B 2 2.32 -1.58 21.26
CA LEU B 2 1.75 -1.39 19.93
C LEU B 2 2.84 -1.38 18.88
N PHE B 3 3.87 -0.59 19.10
CA PHE B 3 4.97 -0.51 18.16
C PHE B 3 5.55 -1.90 17.88
N GLY B 4 5.83 -2.63 18.94
CA GLY B 4 6.38 -3.98 18.81
C GLY B 4 5.40 -4.89 18.08
N ALA B 5 4.13 -4.82 18.46
CA ALA B 5 3.11 -5.66 17.83
C ALA B 5 3.15 -5.53 16.32
N ILE B 6 3.07 -4.29 15.84
CA ILE B 6 3.10 -4.05 14.41
C ILE B 6 4.43 -4.46 13.82
N ALA B 7 5.50 -4.12 14.52
CA ALA B 7 6.85 -4.46 14.04
C ALA B 7 7.04 -5.97 14.01
N ALA B 8 6.54 -6.65 15.03
CA ALA B 8 6.67 -8.09 15.10
C ALA B 8 5.82 -8.74 14.02
N PHE B 9 4.75 -8.08 13.63
CA PHE B 9 3.86 -8.61 12.60
C PHE B 9 4.61 -8.73 11.26
N ILE B 10 5.33 -7.66 10.90
CA ILE B 10 6.09 -7.65 9.64
C ILE B 10 7.44 -8.34 9.81
N GLU B 11 8.24 -7.84 10.75
CA GLU B 11 9.57 -8.41 10.99
C GLU B 11 9.47 -9.73 11.76
N GLY B 12 8.70 -9.72 12.85
CA GLY B 12 8.53 -10.92 13.67
C GLY B 12 7.64 -11.93 12.96
N GLY B 13 7.46 -11.76 11.65
CA GLY B 13 6.63 -12.67 10.87
C GLY B 13 5.16 -12.50 11.23
N TRP B 14 4.30 -12.48 10.21
CA TRP B 14 2.86 -12.34 10.45
C TRP B 14 2.26 -13.68 10.83
N THR B 15 2.83 -14.76 10.28
CA THR B 15 2.36 -16.11 10.57
C THR B 15 2.95 -16.63 11.88
N GLY B 16 4.13 -16.14 12.23
CA GLY B 16 4.79 -16.56 13.46
C GLY B 16 3.90 -16.35 14.67
N MET B 17 3.30 -15.17 14.75
CA MET B 17 2.42 -14.85 15.87
C MET B 17 1.21 -15.79 15.88
N ILE B 18 0.68 -16.06 14.70
CA ILE B 18 -0.48 -16.95 14.56
C ILE B 18 -0.12 -18.37 15.00
N ASP B 19 1.04 -18.84 14.58
CA ASP B 19 1.48 -20.17 14.94
C ASP B 19 1.54 -20.32 16.46
N GLY B 20 1.99 -19.27 17.13
CA GLY B 20 2.08 -19.29 18.60
C GLY B 20 0.70 -19.43 19.23
N TRP B 21 -0.24 -18.62 18.76
CA TRP B 21 -1.60 -18.66 19.30
C TRP B 21 -2.20 -20.06 19.15
N TYR B 22 -1.97 -20.68 17.99
CA TYR B 22 -2.48 -22.01 17.74
C TYR B 22 -1.75 -23.05 18.61
N GLY B 23 -0.45 -22.86 18.78
CA GLY B 23 0.35 -23.78 19.57
C GLY B 23 0.03 -23.63 21.05
N SER B 24 -0.97 -24.38 21.51
CA SER B 24 -1.38 -24.34 22.90
C SER B 24 -0.35 -25.04 23.79
N GLY C 1 -2.99 15.78 -4.98
CA GLY C 1 -3.84 17.00 -5.09
C GLY C 1 -4.35 17.13 -6.52
N LEU C 2 -4.99 18.25 -6.80
CA LEU C 2 -5.53 18.50 -8.13
C LEU C 2 -4.42 18.53 -9.17
N PHE C 3 -3.39 19.34 -8.91
CA PHE C 3 -2.27 19.47 -9.83
C PHE C 3 -1.58 18.12 -10.03
N GLY C 4 -1.31 17.43 -8.92
CA GLY C 4 -0.65 16.14 -8.98
C GLY C 4 -1.52 15.11 -9.70
N ALA C 5 -2.82 15.18 -9.46
CA ALA C 5 -3.76 14.24 -10.08
C ALA C 5 -3.75 14.40 -11.58
N ILE C 6 -3.81 15.64 -12.04
CA ILE C 6 -3.82 15.89 -13.48
C ILE C 6 -2.52 15.37 -14.11
N ALA C 7 -1.41 15.65 -13.44
CA ALA C 7 -0.11 15.21 -13.95
C ALA C 7 -0.04 13.70 -13.97
N ALA C 8 -0.48 13.07 -12.89
CA ALA C 8 -0.45 11.61 -12.80
C ALA C 8 -1.24 10.99 -13.97
N PHE C 9 -2.33 11.63 -14.34
CA PHE C 9 -3.16 11.15 -15.44
C PHE C 9 -2.39 11.18 -16.75
N ILE C 10 -1.63 12.26 -16.96
CA ILE C 10 -0.84 12.41 -18.18
C ILE C 10 0.34 11.45 -18.17
N GLU C 11 0.99 11.33 -17.02
CA GLU C 11 2.14 10.44 -16.88
C GLU C 11 1.77 9.01 -17.27
N GLY C 12 0.51 8.67 -17.15
CA GLY C 12 0.06 7.33 -17.49
C GLY C 12 0.14 7.11 -18.99
N GLY C 13 0.64 8.11 -19.71
CA GLY C 13 0.77 8.00 -21.16
C GLY C 13 -0.56 8.23 -21.85
N TRP C 14 -0.59 9.20 -22.75
CA TRP C 14 -1.80 9.53 -23.48
C TRP C 14 -2.26 8.35 -24.34
N THR C 15 -1.31 7.50 -24.73
CA THR C 15 -1.64 6.34 -25.56
C THR C 15 -2.24 5.22 -24.71
N GLY C 16 -2.00 5.28 -23.40
CA GLY C 16 -2.53 4.27 -22.49
C GLY C 16 -4.05 4.31 -22.46
N MET C 17 -4.60 5.51 -22.38
CA MET C 17 -6.04 5.68 -22.34
C MET C 17 -6.69 5.09 -23.58
N ILE C 18 -6.15 5.41 -24.75
CA ILE C 18 -6.69 4.89 -26.00
C ILE C 18 -6.55 3.36 -26.05
N ASP C 19 -5.37 2.88 -25.67
CA ASP C 19 -5.11 1.44 -25.67
C ASP C 19 -6.11 0.69 -24.78
N GLY C 20 -6.32 1.23 -23.59
CA GLY C 20 -7.25 0.60 -22.65
C GLY C 20 -8.68 0.70 -23.14
N TRP C 21 -8.99 1.78 -23.85
CA TRP C 21 -10.33 1.98 -24.37
C TRP C 21 -10.71 0.82 -25.30
N TYR C 22 -9.82 0.51 -26.26
CA TYR C 22 -10.07 -0.57 -27.20
C TYR C 22 -9.89 -1.92 -26.51
N GLY C 23 -8.89 -2.03 -25.66
CA GLY C 23 -8.63 -3.26 -24.93
C GLY C 23 -9.69 -3.50 -23.86
N SER C 24 -10.95 -3.46 -24.27
CA SER C 24 -12.05 -3.68 -23.33
C SER C 24 -11.90 -5.02 -22.62
N GLY A 1 0.56 9.89 7.16
CA GLY A 1 -0.32 8.68 7.01
C GLY A 1 -1.04 8.74 5.67
N LEU A 2 -1.67 9.88 5.39
CA LEU A 2 -2.37 10.05 4.12
C LEU A 2 -1.39 9.99 2.96
N PHE A 3 -0.27 10.70 3.10
CA PHE A 3 0.76 10.71 2.04
C PHE A 3 1.38 9.32 1.91
N GLY A 4 1.68 8.69 3.03
CA GLY A 4 2.27 7.37 3.01
C GLY A 4 1.39 6.38 2.24
N ALA A 5 0.07 6.54 2.41
CA ALA A 5 -0.90 5.66 1.73
C ALA A 5 -0.84 5.87 0.21
N ILE A 6 -0.80 7.13 -0.21
CA ILE A 6 -0.76 7.45 -1.63
C ILE A 6 0.58 7.01 -2.23
N ALA A 7 1.66 7.32 -1.53
CA ALA A 7 2.99 6.95 -2.01
C ALA A 7 3.15 5.43 -2.02
N ALA A 8 2.73 4.79 -0.95
CA ALA A 8 2.82 3.36 -0.85
C ALA A 8 1.91 2.68 -1.86
N PHE A 9 0.81 3.35 -2.20
CA PHE A 9 -0.13 2.81 -3.17
C PHE A 9 0.54 2.69 -4.54
N ILE A 10 1.30 3.69 -4.89
CA ILE A 10 1.99 3.69 -6.17
C ILE A 10 3.15 2.67 -6.19
N GLU A 11 3.76 2.43 -5.02
CA GLU A 11 4.91 1.49 -4.93
C GLU A 11 4.47 0.05 -4.60
N GLY A 12 3.67 -0.10 -3.55
CA GLY A 12 3.20 -1.44 -3.12
C GLY A 12 1.73 -1.63 -3.44
N GLY A 13 1.31 -1.06 -4.54
CA GLY A 13 -0.09 -1.17 -4.97
C GLY A 13 -1.04 -1.08 -3.78
N TRP A 14 -2.14 -1.81 -3.84
CA TRP A 14 -3.13 -1.81 -2.78
C TRP A 14 -2.48 -2.13 -1.43
N THR A 15 -1.74 -3.22 -1.38
CA THR A 15 -1.06 -3.63 -0.15
C THR A 15 -0.27 -2.47 0.44
N GLY A 16 0.33 -1.67 -0.42
CA GLY A 16 1.10 -0.53 0.04
C GLY A 16 0.21 0.51 0.70
N MET A 17 -1.00 0.67 0.19
CA MET A 17 -1.94 1.65 0.76
C MET A 17 -2.24 1.32 2.21
N ILE A 18 -2.50 0.06 2.49
CA ILE A 18 -2.81 -0.37 3.85
C ILE A 18 -1.62 -0.13 4.76
N ASP A 19 -0.45 -0.63 4.35
CA ASP A 19 0.76 -0.47 5.15
C ASP A 19 1.09 1.01 5.33
N GLY A 20 0.98 1.77 4.25
CA GLY A 20 1.28 3.19 4.31
C GLY A 20 0.35 3.92 5.27
N TRP A 21 -0.93 3.52 5.28
CA TRP A 21 -1.91 4.15 6.16
C TRP A 21 -1.54 3.92 7.63
N TYR A 22 -1.16 2.68 7.95
CA TYR A 22 -0.78 2.34 9.32
C TYR A 22 0.55 3.01 9.69
N GLY A 23 1.44 3.12 8.71
CA GLY A 23 2.75 3.73 8.94
C GLY A 23 2.61 4.99 9.79
N SER A 24 3.38 5.06 10.88
CA SER A 24 3.33 6.22 11.78
C SER A 24 4.49 7.18 11.47
N GLY B 1 5.66 -2.99 22.94
CA GLY B 1 4.30 -2.44 23.19
C GLY B 1 3.50 -2.45 21.90
N LEU B 2 2.80 -1.37 21.64
CA LEU B 2 2.00 -1.27 20.42
C LEU B 2 2.90 -1.31 19.19
N PHE B 3 3.99 -0.57 19.25
CA PHE B 3 4.91 -0.53 18.13
C PHE B 3 5.52 -1.90 17.88
N GLY B 4 5.83 -2.61 18.97
CA GLY B 4 6.42 -3.94 18.85
C GLY B 4 5.47 -4.89 18.13
N ALA B 5 4.19 -4.84 18.50
CA ALA B 5 3.19 -5.70 17.88
C ALA B 5 3.16 -5.51 16.37
N ILE B 6 3.07 -4.27 15.94
CA ILE B 6 3.04 -3.97 14.51
C ILE B 6 4.35 -4.38 13.85
N ALA B 7 5.45 -4.08 14.51
CA ALA B 7 6.77 -4.42 13.98
C ALA B 7 6.95 -5.94 13.93
N ALA B 8 6.47 -6.61 14.97
CA ALA B 8 6.58 -8.07 15.04
C ALA B 8 5.76 -8.71 13.92
N PHE B 9 4.68 -8.05 13.52
CA PHE B 9 3.83 -8.56 12.47
C PHE B 9 4.63 -8.74 11.18
N ILE B 10 5.42 -7.73 10.83
CA ILE B 10 6.25 -7.79 9.61
C ILE B 10 7.58 -8.51 9.90
N GLU B 11 8.34 -7.98 10.87
CA GLU B 11 9.64 -8.58 11.22
C GLU B 11 9.46 -9.88 12.02
N GLY B 12 8.62 -9.83 13.04
CA GLY B 12 8.38 -11.01 13.88
C GLY B 12 7.52 -12.02 13.14
N GLY B 13 7.33 -11.81 11.84
CA GLY B 13 6.52 -12.71 11.04
C GLY B 13 5.05 -12.46 11.29
N TRP B 14 4.26 -12.43 10.22
CA TRP B 14 2.82 -12.21 10.35
C TRP B 14 2.12 -13.51 10.74
N THR B 15 2.58 -14.62 10.15
CA THR B 15 2.00 -15.93 10.44
C THR B 15 2.53 -16.48 11.77
N GLY B 16 3.72 -16.04 12.16
CA GLY B 16 4.33 -16.50 13.41
C GLY B 16 3.60 -15.93 14.62
N MET B 17 3.08 -14.71 14.48
CA MET B 17 2.37 -14.06 15.58
C MET B 17 0.98 -14.68 15.74
N ILE B 18 0.35 -15.03 14.61
CA ILE B 18 -0.96 -15.64 14.63
C ILE B 18 -0.90 -17.04 15.25
N ASP B 19 0.12 -17.79 14.88
CA ASP B 19 0.28 -19.14 15.41
C ASP B 19 0.46 -19.10 16.93
N GLY B 20 1.27 -18.15 17.40
CA GLY B 20 1.51 -18.02 18.83
C GLY B 20 0.22 -17.77 19.59
N TRP B 21 -0.56 -16.79 19.11
CA TRP B 21 -1.82 -16.46 19.75
C TRP B 21 -2.74 -17.68 19.80
N TYR B 22 -2.73 -18.47 18.72
CA TYR B 22 -3.57 -19.68 18.66
C TYR B 22 -2.93 -20.82 19.47
N GLY B 23 -1.61 -20.91 19.43
CA GLY B 23 -0.90 -21.95 20.16
C GLY B 23 -0.78 -21.59 21.64
N SER B 24 -1.57 -22.27 22.46
CA SER B 24 -1.56 -22.01 23.89
C SER B 24 -0.15 -22.26 24.45
N GLY C 1 -2.17 16.42 -5.16
CA GLY C 1 -3.43 17.21 -5.08
C GLY C 1 -4.04 17.33 -6.47
N LEU C 2 -4.82 18.38 -6.68
CA LEU C 2 -5.46 18.59 -7.97
C LEU C 2 -4.44 18.55 -9.10
N PHE C 3 -3.39 19.35 -8.95
CA PHE C 3 -2.34 19.40 -9.97
C PHE C 3 -1.64 18.04 -10.08
N GLY C 4 -1.33 17.46 -8.94
CA GLY C 4 -0.67 16.16 -8.91
C GLY C 4 -1.51 15.10 -9.62
N ALA C 5 -2.81 15.16 -9.43
CA ALA C 5 -3.71 14.19 -10.05
C ALA C 5 -3.70 14.36 -11.57
N ILE C 6 -3.80 15.59 -12.03
CA ILE C 6 -3.80 15.85 -13.46
C ILE C 6 -2.48 15.38 -14.07
N ALA C 7 -1.40 15.69 -13.41
CA ALA C 7 -0.08 15.30 -13.89
C ALA C 7 0.03 13.77 -13.93
N ALA C 8 -0.49 13.12 -12.90
CA ALA C 8 -0.43 11.67 -12.83
C ALA C 8 -1.28 11.04 -13.94
N PHE C 9 -2.30 11.78 -14.39
CA PHE C 9 -3.18 11.30 -15.45
C PHE C 9 -2.44 11.22 -16.78
N ILE C 10 -1.64 12.26 -17.07
CA ILE C 10 -0.87 12.31 -18.32
C ILE C 10 0.35 11.39 -18.25
N GLU C 11 1.01 11.36 -17.11
CA GLU C 11 2.19 10.52 -16.94
C GLU C 11 1.86 9.07 -17.28
N GLY C 12 0.59 8.69 -17.14
CA GLY C 12 0.17 7.32 -17.43
C GLY C 12 0.25 7.04 -18.92
N GLY C 13 0.65 8.04 -19.70
CA GLY C 13 0.78 7.88 -21.15
C GLY C 13 -0.56 8.09 -21.85
N TRP C 14 -0.63 9.16 -22.64
CA TRP C 14 -1.84 9.49 -23.39
C TRP C 14 -2.28 8.31 -24.28
N THR C 15 -1.31 7.59 -24.82
CA THR C 15 -1.62 6.45 -25.70
C THR C 15 -2.10 5.25 -24.89
N GLY C 16 -1.82 5.26 -23.58
CA GLY C 16 -2.25 4.18 -22.71
C GLY C 16 -3.75 4.18 -22.53
N MET C 17 -4.32 5.37 -22.36
CA MET C 17 -5.77 5.49 -22.17
C MET C 17 -6.52 4.94 -23.38
N ILE C 18 -6.03 5.27 -24.57
CA ILE C 18 -6.68 4.80 -25.80
C ILE C 18 -6.68 3.27 -25.85
N ASP C 19 -5.52 2.68 -25.57
CA ASP C 19 -5.39 1.23 -25.58
C ASP C 19 -6.39 0.59 -24.63
N GLY C 20 -6.45 1.12 -23.42
CA GLY C 20 -7.37 0.59 -22.41
C GLY C 20 -8.82 0.87 -22.79
N TRP C 21 -9.02 1.82 -23.70
CA TRP C 21 -10.37 2.18 -24.13
C TRP C 21 -10.94 1.08 -25.03
N TYR C 22 -10.10 0.59 -25.96
CA TYR C 22 -10.52 -0.45 -26.88
C TYR C 22 -10.47 -1.82 -26.20
N GLY C 23 -9.61 -1.94 -25.20
CA GLY C 23 -9.47 -3.20 -24.46
C GLY C 23 -10.56 -3.35 -23.42
N SER C 24 -11.80 -3.05 -23.82
CA SER C 24 -12.94 -3.15 -22.91
C SER C 24 -12.87 -4.45 -22.11
N GLY A 1 0.60 9.91 7.12
CA GLY A 1 -0.35 8.74 7.04
C GLY A 1 -1.06 8.75 5.69
N LEU A 2 -1.76 9.84 5.40
CA LEU A 2 -2.47 9.96 4.13
C LEU A 2 -1.48 9.95 2.97
N PHE A 3 -0.40 10.70 3.11
CA PHE A 3 0.61 10.76 2.07
C PHE A 3 1.29 9.41 1.93
N GLY A 4 1.59 8.77 3.05
CA GLY A 4 2.24 7.47 3.04
C GLY A 4 1.40 6.46 2.24
N ALA A 5 0.09 6.55 2.40
CA ALA A 5 -0.82 5.63 1.69
C ALA A 5 -0.75 5.84 0.18
N ILE A 6 -0.71 7.10 -0.24
CA ILE A 6 -0.64 7.42 -1.67
C ILE A 6 0.69 6.96 -2.25
N ALA A 7 1.77 7.25 -1.54
CA ALA A 7 3.10 6.85 -1.99
C ALA A 7 3.23 5.33 -2.00
N ALA A 8 2.74 4.71 -0.94
CA ALA A 8 2.81 3.26 -0.84
C ALA A 8 1.87 2.61 -1.84
N PHE A 9 0.79 3.30 -2.18
CA PHE A 9 -0.18 2.77 -3.14
C PHE A 9 0.44 2.67 -4.53
N ILE A 10 1.18 3.70 -4.90
CA ILE A 10 1.85 3.74 -6.20
C ILE A 10 3.08 2.82 -6.22
N GLU A 11 3.64 2.52 -5.03
CA GLU A 11 4.86 1.68 -4.95
C GLU A 11 4.54 0.17 -4.75
N GLY A 12 3.69 -0.14 -3.76
CA GLY A 12 3.34 -1.56 -3.46
C GLY A 12 1.92 -1.90 -3.87
N GLY A 13 1.20 -0.90 -4.35
CA GLY A 13 -0.18 -1.12 -4.80
C GLY A 13 -1.15 -1.11 -3.62
N TRP A 14 -2.21 -1.89 -3.73
CA TRP A 14 -3.22 -1.96 -2.69
C TRP A 14 -2.58 -2.26 -1.32
N THR A 15 -1.75 -3.30 -1.28
CA THR A 15 -1.08 -3.68 -0.04
C THR A 15 -0.31 -2.51 0.55
N GLY A 16 0.33 -1.73 -0.31
CA GLY A 16 1.10 -0.58 0.14
C GLY A 16 0.19 0.48 0.77
N MET A 17 -1.00 0.65 0.21
CA MET A 17 -1.94 1.65 0.74
C MET A 17 -2.24 1.39 2.21
N ILE A 18 -2.53 0.16 2.53
CA ILE A 18 -2.83 -0.21 3.91
C ILE A 18 -1.62 0.06 4.80
N ASP A 19 -0.47 -0.46 4.39
CA ASP A 19 0.75 -0.30 5.18
C ASP A 19 1.04 1.18 5.40
N GLY A 20 0.96 1.97 4.33
CA GLY A 20 1.23 3.40 4.43
C GLY A 20 0.23 4.09 5.33
N TRP A 21 -1.03 3.67 5.25
CA TRP A 21 -2.08 4.27 6.08
C TRP A 21 -1.78 4.04 7.56
N TYR A 22 -1.47 2.80 7.91
CA TYR A 22 -1.16 2.48 9.30
C TYR A 22 0.20 3.07 9.70
N GLY A 23 1.12 3.10 8.75
CA GLY A 23 2.47 3.64 9.03
C GLY A 23 2.37 4.94 9.84
N SER A 24 2.72 4.85 11.12
CA SER A 24 2.68 6.02 12.00
C SER A 24 3.96 6.83 11.89
N GLY B 1 4.03 -3.68 23.63
CA GLY B 1 3.79 -2.29 23.11
C GLY B 1 3.08 -2.38 21.77
N LEU B 2 2.49 -1.26 21.35
CA LEU B 2 1.79 -1.21 20.06
C LEU B 2 2.78 -1.28 18.90
N PHE B 3 3.88 -0.55 19.04
CA PHE B 3 4.89 -0.54 17.99
C PHE B 3 5.51 -1.92 17.83
N GLY B 4 5.72 -2.61 18.95
CA GLY B 4 6.30 -3.94 18.90
C GLY B 4 5.39 -4.91 18.16
N ALA B 5 4.10 -4.83 18.45
CA ALA B 5 3.12 -5.71 17.80
C ALA B 5 3.17 -5.55 16.29
N ILE B 6 3.10 -4.30 15.85
CA ILE B 6 3.13 -4.02 14.42
C ILE B 6 4.47 -4.44 13.82
N ALA B 7 5.55 -4.14 14.53
CA ALA B 7 6.89 -4.49 14.06
C ALA B 7 7.04 -5.99 13.96
N ALA B 8 6.65 -6.69 15.02
CA ALA B 8 6.76 -8.14 15.04
C ALA B 8 5.86 -8.74 13.96
N PHE B 9 4.75 -8.08 13.68
CA PHE B 9 3.84 -8.57 12.67
C PHE B 9 4.55 -8.68 11.32
N ILE B 10 5.32 -7.64 10.97
CA ILE B 10 6.06 -7.64 9.69
C ILE B 10 7.43 -8.30 9.86
N GLU B 11 8.26 -7.76 10.76
CA GLU B 11 9.59 -8.31 10.99
C GLU B 11 9.52 -9.67 11.69
N GLY B 12 8.69 -9.74 12.73
CA GLY B 12 8.54 -10.97 13.48
C GLY B 12 7.73 -12.00 12.68
N GLY B 13 7.41 -11.66 11.44
CA GLY B 13 6.63 -12.57 10.59
C GLY B 13 5.22 -12.77 11.14
N TRP B 14 4.23 -12.26 10.41
CA TRP B 14 2.83 -12.38 10.84
C TRP B 14 2.40 -13.85 10.90
N THR B 15 2.88 -14.64 9.95
CA THR B 15 2.53 -16.05 9.91
C THR B 15 3.15 -16.77 11.11
N GLY B 16 4.37 -16.37 11.47
CA GLY B 16 5.06 -16.97 12.60
C GLY B 16 4.41 -16.59 13.92
N MET B 17 3.85 -15.39 13.98
CA MET B 17 3.20 -14.91 15.21
C MET B 17 1.94 -15.72 15.49
N ILE B 18 1.17 -15.99 14.45
CA ILE B 18 -0.06 -16.76 14.59
C ILE B 18 0.23 -18.17 15.07
N ASP B 19 1.28 -18.78 14.51
CA ASP B 19 1.65 -20.14 14.90
C ASP B 19 2.00 -20.19 16.39
N GLY B 20 2.71 -19.16 16.85
CA GLY B 20 3.10 -19.09 18.26
C GLY B 20 1.87 -19.10 19.17
N TRP B 21 0.89 -18.27 18.82
CA TRP B 21 -0.33 -18.17 19.61
C TRP B 21 -0.98 -19.55 19.74
N TYR B 22 -0.94 -20.32 18.65
CA TYR B 22 -1.53 -21.67 18.66
C TYR B 22 -0.72 -22.60 19.55
N GLY B 23 0.60 -22.51 19.46
CA GLY B 23 1.47 -23.36 20.27
C GLY B 23 1.44 -22.94 21.72
N SER B 24 0.49 -23.48 22.48
CA SER B 24 0.36 -23.16 23.89
C SER B 24 1.46 -23.84 24.70
N GLY C 1 -3.38 15.77 -4.89
CA GLY C 1 -3.84 17.16 -5.19
C GLY C 1 -4.35 17.23 -6.63
N LEU C 2 -5.06 18.31 -6.96
CA LEU C 2 -5.58 18.48 -8.29
C LEU C 2 -4.46 18.51 -9.32
N PHE C 3 -3.44 19.31 -9.06
CA PHE C 3 -2.31 19.42 -9.97
C PHE C 3 -1.60 18.07 -10.09
N GLY C 4 -1.44 17.39 -8.96
CA GLY C 4 -0.78 16.10 -8.96
C GLY C 4 -1.61 15.05 -9.69
N ALA C 5 -2.94 15.12 -9.52
CA ALA C 5 -3.83 14.19 -10.17
C ALA C 5 -3.75 14.32 -11.68
N ILE C 6 -3.80 15.55 -12.16
CA ILE C 6 -3.74 15.80 -13.59
C ILE C 6 -2.38 15.36 -14.13
N ALA C 7 -1.32 15.67 -13.39
CA ALA C 7 0.02 15.31 -13.81
C ALA C 7 0.17 13.79 -13.88
N ALA C 8 -0.32 13.10 -12.86
CA ALA C 8 -0.23 11.65 -12.84
C ALA C 8 -1.14 11.03 -13.90
N PHE C 9 -2.23 11.74 -14.23
CA PHE C 9 -3.18 11.26 -15.23
C PHE C 9 -2.54 11.22 -16.62
N ILE C 10 -1.78 12.28 -16.95
CA ILE C 10 -1.12 12.36 -18.26
C ILE C 10 0.19 11.56 -18.27
N GLU C 11 0.90 11.61 -17.14
CA GLU C 11 2.17 10.89 -17.04
C GLU C 11 1.95 9.37 -17.08
N GLY C 12 0.78 8.92 -16.60
CA GLY C 12 0.48 7.48 -16.60
C GLY C 12 0.28 6.97 -18.01
N GLY C 13 0.49 7.85 -18.99
CA GLY C 13 0.35 7.48 -20.40
C GLY C 13 -1.06 7.72 -20.89
N TRP C 14 -1.20 8.72 -21.75
CA TRP C 14 -2.51 9.06 -22.30
C TRP C 14 -3.08 7.86 -23.11
N THR C 15 -2.19 7.00 -23.59
CA THR C 15 -2.60 5.83 -24.36
C THR C 15 -3.18 4.75 -23.45
N GLY C 16 -2.92 4.88 -22.15
CA GLY C 16 -3.43 3.90 -21.18
C GLY C 16 -4.95 3.97 -21.09
N MET C 17 -5.46 5.19 -21.04
CA MET C 17 -6.91 5.40 -20.94
C MET C 17 -7.63 4.70 -22.10
N ILE C 18 -7.12 4.88 -23.31
CA ILE C 18 -7.75 4.26 -24.49
C ILE C 18 -7.63 2.73 -24.42
N ASP C 19 -6.45 2.26 -24.03
CA ASP C 19 -6.20 0.82 -23.92
C ASP C 19 -7.21 0.17 -22.99
N GLY C 20 -7.40 0.75 -21.81
CA GLY C 20 -8.34 0.21 -20.83
C GLY C 20 -9.78 0.37 -21.30
N TRP C 21 -10.09 1.51 -21.89
CA TRP C 21 -11.45 1.74 -22.37
C TRP C 21 -11.88 0.59 -23.28
N TYR C 22 -11.05 0.28 -24.27
CA TYR C 22 -11.35 -0.80 -25.20
C TYR C 22 -11.10 -2.16 -24.54
N GLY C 23 -10.00 -2.26 -23.79
CA GLY C 23 -9.67 -3.51 -23.10
C GLY C 23 -10.20 -3.51 -21.67
N SER C 24 -11.47 -3.87 -21.52
CA SER C 24 -12.10 -3.91 -20.20
C SER C 24 -11.87 -5.26 -19.53
N GLY A 1 0.64 9.34 6.87
CA GLY A 1 -0.59 8.49 6.77
C GLY A 1 -1.20 8.67 5.39
N LEU A 2 -1.97 9.74 5.18
CA LEU A 2 -2.57 9.97 3.87
C LEU A 2 -1.49 9.95 2.78
N PHE A 3 -0.37 10.65 3.05
CA PHE A 3 0.73 10.69 2.09
C PHE A 3 1.37 9.32 1.93
N GLY A 4 1.67 8.68 3.05
CA GLY A 4 2.28 7.36 3.01
C GLY A 4 1.39 6.38 2.25
N ALA A 5 0.08 6.55 2.41
CA ALA A 5 -0.88 5.68 1.73
C ALA A 5 -0.84 5.89 0.22
N ILE A 6 -0.79 7.15 -0.20
CA ILE A 6 -0.74 7.47 -1.63
C ILE A 6 0.60 7.04 -2.22
N ALA A 7 1.67 7.33 -1.52
CA ALA A 7 3.00 6.97 -1.99
C ALA A 7 3.17 5.46 -2.01
N ALA A 8 2.75 4.81 -0.94
CA ALA A 8 2.86 3.37 -0.85
C ALA A 8 1.93 2.70 -1.86
N PHE A 9 0.86 3.39 -2.22
CA PHE A 9 -0.10 2.85 -3.18
C PHE A 9 0.55 2.70 -4.55
N ILE A 10 1.33 3.68 -4.93
CA ILE A 10 2.01 3.65 -6.22
C ILE A 10 3.13 2.61 -6.24
N GLU A 11 3.79 2.41 -5.10
CA GLU A 11 4.91 1.45 -5.01
C GLU A 11 4.43 0.02 -4.67
N GLY A 12 3.62 -0.10 -3.61
CA GLY A 12 3.13 -1.44 -3.17
C GLY A 12 1.65 -1.61 -3.48
N GLY A 13 1.20 -1.00 -4.56
CA GLY A 13 -0.21 -1.12 -4.95
C GLY A 13 -1.13 -1.06 -3.74
N TRP A 14 -2.21 -1.83 -3.79
CA TRP A 14 -3.18 -1.86 -2.69
C TRP A 14 -2.50 -2.24 -1.37
N THR A 15 -1.62 -3.23 -1.41
CA THR A 15 -0.90 -3.68 -0.22
C THR A 15 -0.12 -2.53 0.40
N GLY A 16 0.49 -1.72 -0.43
CA GLY A 16 1.26 -0.59 0.04
C GLY A 16 0.37 0.45 0.70
N MET A 17 -0.84 0.63 0.14
CA MET A 17 -1.78 1.60 0.69
C MET A 17 -2.10 1.30 2.14
N ILE A 18 -2.38 0.03 2.42
CA ILE A 18 -2.69 -0.37 3.79
C ILE A 18 -1.51 -0.11 4.71
N ASP A 19 -0.33 -0.56 4.31
CA ASP A 19 0.87 -0.38 5.11
C ASP A 19 1.20 1.11 5.26
N GLY A 20 1.06 1.85 4.17
CA GLY A 20 1.35 3.28 4.20
C GLY A 20 0.44 4.01 5.16
N TRP A 21 -0.84 3.64 5.16
CA TRP A 21 -1.82 4.27 6.03
C TRP A 21 -1.45 4.05 7.50
N TYR A 22 -1.09 2.81 7.82
CA TYR A 22 -0.71 2.47 9.20
C TYR A 22 0.75 2.83 9.46
N GLY A 23 1.42 3.36 8.44
CA GLY A 23 2.82 3.74 8.56
C GLY A 23 2.95 5.01 9.39
N SER A 24 2.91 4.85 10.72
CA SER A 24 3.03 5.99 11.61
C SER A 24 4.33 6.76 11.35
N GLY B 1 4.85 -4.12 23.13
CA GLY B 1 3.94 -2.94 23.13
C GLY B 1 3.29 -2.80 21.76
N LEU B 2 2.72 -1.63 21.50
CA LEU B 2 2.05 -1.38 20.22
C LEU B 2 3.07 -1.40 19.08
N PHE B 3 4.18 -0.71 19.28
CA PHE B 3 5.22 -0.65 18.26
C PHE B 3 5.69 -2.05 17.90
N GLY B 4 5.94 -2.86 18.91
CA GLY B 4 6.39 -4.23 18.72
C GLY B 4 5.32 -5.08 18.04
N ALA B 5 4.06 -4.83 18.38
CA ALA B 5 2.96 -5.57 17.79
C ALA B 5 2.95 -5.41 16.27
N ILE B 6 2.97 -4.16 15.82
CA ILE B 6 2.96 -3.87 14.39
C ILE B 6 4.30 -4.30 13.75
N ALA B 7 5.40 -3.96 14.41
CA ALA B 7 6.72 -4.30 13.90
C ALA B 7 6.91 -5.81 13.87
N ALA B 8 6.64 -6.45 14.99
CA ALA B 8 6.79 -7.90 15.09
C ALA B 8 5.93 -8.60 14.03
N PHE B 9 4.81 -7.99 13.70
CA PHE B 9 3.91 -8.56 12.71
C PHE B 9 4.67 -8.84 11.41
N ILE B 10 5.38 -7.81 10.91
CA ILE B 10 6.14 -7.94 9.66
C ILE B 10 7.56 -8.47 9.93
N GLU B 11 8.20 -7.94 10.96
CA GLU B 11 9.56 -8.37 11.30
C GLU B 11 9.53 -9.67 12.10
N GLY B 12 8.93 -9.60 13.28
CA GLY B 12 8.82 -10.76 14.14
C GLY B 12 7.84 -11.78 13.60
N GLY B 13 7.60 -11.73 12.29
CA GLY B 13 6.68 -12.66 11.67
C GLY B 13 5.24 -12.34 12.04
N TRP B 14 4.33 -12.49 11.10
CA TRP B 14 2.92 -12.22 11.36
C TRP B 14 2.27 -13.39 12.08
N THR B 15 2.64 -14.60 11.67
CA THR B 15 2.08 -15.80 12.30
C THR B 15 2.70 -16.04 13.68
N GLY B 16 3.86 -15.43 13.92
CA GLY B 16 4.54 -15.60 15.20
C GLY B 16 3.74 -14.99 16.34
N MET B 17 3.15 -13.82 16.07
CA MET B 17 2.35 -13.15 17.09
C MET B 17 1.09 -13.94 17.40
N ILE B 18 0.49 -14.53 16.35
CA ILE B 18 -0.73 -15.32 16.52
C ILE B 18 -0.45 -16.55 17.38
N ASP B 19 0.67 -17.22 17.11
CA ASP B 19 1.05 -18.41 17.86
C ASP B 19 1.18 -18.08 19.34
N GLY B 20 1.83 -16.95 19.63
CA GLY B 20 2.03 -16.52 21.01
C GLY B 20 0.69 -16.20 21.67
N TRP B 21 -0.22 -15.59 20.91
CA TRP B 21 -1.54 -15.23 21.42
C TRP B 21 -2.33 -16.48 21.81
N TYR B 22 -2.20 -17.52 20.99
CA TYR B 22 -2.92 -18.77 21.25
C TYR B 22 -2.27 -19.53 22.43
N GLY B 23 -0.94 -19.53 22.47
CA GLY B 23 -0.23 -20.21 23.53
C GLY B 23 -0.49 -19.54 24.88
N SER B 24 -1.54 -19.97 25.55
CA SER B 24 -1.89 -19.40 26.85
C SER B 24 -1.02 -19.99 27.95
N GLY C 1 -2.31 15.78 -5.23
CA GLY C 1 -3.51 16.64 -5.08
C GLY C 1 -4.18 16.84 -6.43
N LEU C 2 -4.92 17.94 -6.56
CA LEU C 2 -5.60 18.23 -7.80
C LEU C 2 -4.60 18.37 -8.95
N PHE C 3 -3.53 19.14 -8.69
CA PHE C 3 -2.51 19.34 -9.71
C PHE C 3 -1.72 18.05 -9.92
N GLY C 4 -1.47 17.32 -8.83
CA GLY C 4 -0.73 16.07 -8.94
C GLY C 4 -1.52 15.05 -9.73
N ALA C 5 -2.85 15.13 -9.61
CA ALA C 5 -3.73 14.20 -10.33
C ALA C 5 -3.68 14.44 -11.82
N ILE C 6 -3.71 15.70 -12.22
CA ILE C 6 -3.66 16.04 -13.64
C ILE C 6 -2.36 15.54 -14.25
N ALA C 7 -1.27 15.72 -13.51
CA ALA C 7 0.03 15.27 -13.99
C ALA C 7 0.12 13.75 -13.97
N ALA C 8 -0.33 13.15 -12.87
CA ALA C 8 -0.30 11.70 -12.76
C ALA C 8 -1.15 11.04 -13.84
N PHE C 9 -2.25 11.69 -14.19
CA PHE C 9 -3.15 11.15 -15.21
C PHE C 9 -2.46 11.13 -16.58
N ILE C 10 -1.81 12.24 -16.94
CA ILE C 10 -1.12 12.32 -18.22
C ILE C 10 0.10 11.41 -18.22
N GLU C 11 0.87 11.45 -17.14
CA GLU C 11 2.07 10.62 -17.04
C GLU C 11 1.71 9.13 -17.15
N GLY C 12 0.42 8.82 -17.31
CA GLY C 12 -0.01 7.43 -17.44
C GLY C 12 0.29 6.91 -18.83
N GLY C 13 1.09 7.65 -19.58
CA GLY C 13 1.45 7.26 -20.94
C GLY C 13 0.27 7.43 -21.90
N TRP C 14 0.51 8.18 -22.97
CA TRP C 14 -0.53 8.43 -23.96
C TRP C 14 -1.13 7.09 -24.43
N THR C 15 -0.28 6.08 -24.56
CA THR C 15 -0.74 4.75 -25.00
C THR C 15 -1.52 4.05 -23.88
N GLY C 16 -1.29 4.47 -22.65
CA GLY C 16 -1.98 3.88 -21.51
C GLY C 16 -3.45 4.22 -21.55
N MET C 17 -3.77 5.47 -21.89
CA MET C 17 -5.15 5.92 -21.97
C MET C 17 -5.94 5.11 -22.99
N ILE C 18 -5.36 4.95 -24.17
CA ILE C 18 -6.01 4.18 -25.24
C ILE C 18 -6.24 2.73 -24.80
N ASP C 19 -5.21 2.14 -24.20
CA ASP C 19 -5.32 0.77 -23.75
C ASP C 19 -6.48 0.60 -22.77
N GLY C 20 -6.59 1.54 -21.84
CA GLY C 20 -7.66 1.50 -20.86
C GLY C 20 -9.02 1.69 -21.51
N TRP C 21 -9.07 2.55 -22.53
CA TRP C 21 -10.33 2.80 -23.23
C TRP C 21 -10.88 1.47 -23.78
N TYR C 22 -10.05 0.75 -24.53
CA TYR C 22 -10.46 -0.52 -25.11
C TYR C 22 -10.61 -1.58 -24.02
N GLY C 23 -9.68 -1.56 -23.04
CA GLY C 23 -9.72 -2.52 -21.94
C GLY C 23 -10.68 -2.05 -20.84
N SER C 24 -11.83 -1.53 -21.25
CA SER C 24 -12.81 -1.04 -20.30
C SER C 24 -13.52 -2.21 -19.61
N GLY A 1 1.04 8.87 6.91
CA GLY A 1 -0.38 8.44 7.02
C GLY A 1 -1.07 8.57 5.67
N LEU A 2 -1.79 9.67 5.48
CA LEU A 2 -2.47 9.88 4.21
C LEU A 2 -1.47 9.91 3.06
N PHE A 3 -0.41 10.67 3.23
CA PHE A 3 0.62 10.76 2.19
C PHE A 3 1.30 9.41 2.00
N GLY A 4 1.61 8.75 3.10
CA GLY A 4 2.27 7.45 3.02
C GLY A 4 1.41 6.45 2.24
N ALA A 5 0.09 6.57 2.39
CA ALA A 5 -0.83 5.67 1.69
C ALA A 5 -0.77 5.89 0.19
N ILE A 6 -0.73 7.15 -0.22
CA ILE A 6 -0.67 7.46 -1.65
C ILE A 6 0.66 6.98 -2.25
N ALA A 7 1.75 7.28 -1.57
CA ALA A 7 3.07 6.88 -2.05
C ALA A 7 3.20 5.36 -2.04
N ALA A 8 2.74 4.74 -0.97
CA ALA A 8 2.80 3.30 -0.86
C ALA A 8 1.89 2.64 -1.87
N PHE A 9 0.79 3.31 -2.20
CA PHE A 9 -0.15 2.77 -3.18
C PHE A 9 0.50 2.66 -4.56
N ILE A 10 1.26 3.66 -4.92
CA ILE A 10 1.94 3.67 -6.20
C ILE A 10 3.10 2.69 -6.22
N GLU A 11 3.69 2.42 -5.05
CA GLU A 11 4.84 1.51 -4.95
C GLU A 11 4.42 0.06 -4.63
N GLY A 12 3.62 -0.10 -3.57
CA GLY A 12 3.17 -1.45 -3.17
C GLY A 12 1.72 -1.67 -3.51
N GLY A 13 1.25 -0.99 -4.55
CA GLY A 13 -0.13 -1.14 -5.00
C GLY A 13 -1.10 -1.11 -3.81
N TRP A 14 -2.17 -1.87 -3.91
CA TRP A 14 -3.17 -1.93 -2.85
C TRP A 14 -2.52 -2.32 -1.51
N THR A 15 -1.61 -3.28 -1.57
CA THR A 15 -0.93 -3.74 -0.36
C THR A 15 -0.16 -2.59 0.29
N GLY A 16 0.46 -1.77 -0.53
CA GLY A 16 1.22 -0.64 -0.03
C GLY A 16 0.31 0.40 0.61
N MET A 17 -0.88 0.58 0.04
CA MET A 17 -1.84 1.56 0.57
C MET A 17 -2.13 1.28 2.05
N ILE A 18 -2.43 0.02 2.36
CA ILE A 18 -2.73 -0.35 3.73
C ILE A 18 -1.51 -0.10 4.62
N ASP A 19 -0.36 -0.63 4.20
CA ASP A 19 0.86 -0.47 4.97
C ASP A 19 1.17 0.99 5.20
N GLY A 20 1.08 1.79 4.14
CA GLY A 20 1.36 3.21 4.23
C GLY A 20 0.38 3.91 5.16
N TRP A 21 -0.88 3.50 5.09
CA TRP A 21 -1.92 4.10 5.92
C TRP A 21 -1.64 3.84 7.39
N TYR A 22 -1.32 2.58 7.71
CA TYR A 22 -1.02 2.21 9.08
C TYR A 22 0.31 2.81 9.52
N GLY A 23 1.23 2.97 8.58
CA GLY A 23 2.54 3.52 8.89
C GLY A 23 2.41 4.83 9.67
N SER A 24 2.51 4.73 10.99
CA SER A 24 2.41 5.92 11.85
C SER A 24 3.78 6.57 12.04
N GLY B 1 5.00 -3.55 23.15
CA GLY B 1 4.12 -2.34 23.06
C GLY B 1 3.40 -2.33 21.73
N LEU B 2 2.72 -1.23 21.44
CA LEU B 2 1.99 -1.11 20.17
C LEU B 2 2.94 -1.21 18.99
N PHE B 3 4.06 -0.52 19.08
CA PHE B 3 5.03 -0.53 18.00
C PHE B 3 5.61 -1.93 17.83
N GLY B 4 5.74 -2.65 18.93
CA GLY B 4 6.28 -4.00 18.91
C GLY B 4 5.35 -4.94 18.16
N ALA B 5 4.05 -4.83 18.45
CA ALA B 5 3.06 -5.69 17.80
C ALA B 5 3.11 -5.52 16.29
N ILE B 6 3.03 -4.29 15.83
CA ILE B 6 3.07 -4.02 14.40
C ILE B 6 4.40 -4.44 13.81
N ALA B 7 5.48 -4.09 14.49
CA ALA B 7 6.82 -4.44 14.01
C ALA B 7 6.99 -5.94 13.94
N ALA B 8 6.61 -6.63 15.01
CA ALA B 8 6.72 -8.08 15.05
C ALA B 8 5.88 -8.72 13.96
N PHE B 9 4.73 -8.14 13.69
CA PHE B 9 3.85 -8.68 12.66
C PHE B 9 4.60 -8.75 11.32
N ILE B 10 5.33 -7.68 11.01
CA ILE B 10 6.09 -7.62 9.75
C ILE B 10 7.46 -8.28 9.92
N GLU B 11 8.25 -7.77 10.86
CA GLU B 11 9.60 -8.32 11.11
C GLU B 11 9.51 -9.65 11.86
N GLY B 12 8.71 -9.68 12.90
CA GLY B 12 8.55 -10.89 13.71
C GLY B 12 7.75 -11.94 12.94
N GLY B 13 7.51 -11.68 11.65
CA GLY B 13 6.75 -12.61 10.82
C GLY B 13 5.33 -12.78 11.35
N TRP B 14 4.35 -12.41 10.53
CA TRP B 14 2.95 -12.53 10.92
C TRP B 14 2.57 -14.00 11.12
N THR B 15 3.10 -14.86 10.25
CA THR B 15 2.81 -16.29 10.35
C THR B 15 3.52 -16.89 11.56
N GLY B 16 4.71 -16.40 11.86
CA GLY B 16 5.48 -16.90 12.98
C GLY B 16 4.78 -16.58 14.31
N MET B 17 4.18 -15.40 14.39
CA MET B 17 3.49 -15.00 15.60
C MET B 17 2.28 -15.89 15.86
N ILE B 18 1.57 -16.25 14.79
CA ILE B 18 0.40 -17.11 14.89
C ILE B 18 0.79 -18.48 15.44
N ASP B 19 1.88 -19.04 14.92
CA ASP B 19 2.33 -20.34 15.37
C ASP B 19 2.64 -20.32 16.86
N GLY B 20 3.21 -19.21 17.32
CA GLY B 20 3.55 -19.05 18.73
C GLY B 20 2.30 -19.09 19.60
N TRP B 21 1.25 -18.42 19.14
CA TRP B 21 -0.01 -18.38 19.89
C TRP B 21 -0.58 -19.78 20.06
N TYR B 22 -0.53 -20.57 18.99
CA TYR B 22 -1.03 -21.94 19.04
C TYR B 22 -0.17 -22.81 19.96
N GLY B 23 1.14 -22.60 19.90
CA GLY B 23 2.05 -23.36 20.74
C GLY B 23 1.66 -23.25 22.21
N SER B 24 0.91 -24.24 22.69
CA SER B 24 0.47 -24.25 24.08
C SER B 24 1.65 -24.56 25.01
N GLY C 1 -3.03 15.77 -5.31
CA GLY C 1 -4.14 16.76 -5.34
C GLY C 1 -4.60 16.96 -6.77
N LEU C 2 -5.26 18.07 -7.02
CA LEU C 2 -5.76 18.36 -8.35
C LEU C 2 -4.61 18.43 -9.35
N PHE C 3 -3.59 19.22 -9.02
CA PHE C 3 -2.44 19.36 -9.90
C PHE C 3 -1.69 18.04 -10.01
N GLY C 4 -1.56 17.35 -8.89
CA GLY C 4 -0.85 16.07 -8.87
C GLY C 4 -1.62 15.03 -9.67
N ALA C 5 -2.96 15.09 -9.59
CA ALA C 5 -3.80 14.13 -10.31
C ALA C 5 -3.67 14.32 -11.80
N ILE C 6 -3.76 15.54 -12.26
CA ILE C 6 -3.64 15.83 -13.69
C ILE C 6 -2.27 15.40 -14.20
N ALA C 7 -1.25 15.72 -13.42
CA ALA C 7 0.12 15.38 -13.80
C ALA C 7 0.29 13.86 -13.87
N ALA C 8 -0.25 13.16 -12.89
CA ALA C 8 -0.14 11.70 -12.86
C ALA C 8 -1.12 11.07 -13.85
N PHE C 9 -2.17 11.82 -14.20
CA PHE C 9 -3.17 11.33 -15.14
C PHE C 9 -2.58 11.25 -16.55
N ILE C 10 -1.84 12.29 -16.95
CA ILE C 10 -1.24 12.33 -18.29
C ILE C 10 0.02 11.48 -18.34
N GLU C 11 0.88 11.64 -17.35
CA GLU C 11 2.13 10.89 -17.30
C GLU C 11 1.85 9.39 -17.20
N GLY C 12 0.69 9.03 -16.66
CA GLY C 12 0.34 7.63 -16.50
C GLY C 12 0.08 6.99 -17.86
N GLY C 13 0.19 7.79 -18.92
CA GLY C 13 -0.02 7.30 -20.28
C GLY C 13 -1.50 7.23 -20.60
N TRP C 14 -1.89 7.92 -21.66
CA TRP C 14 -3.29 7.95 -22.08
C TRP C 14 -3.75 6.54 -22.47
N THR C 15 -2.90 5.82 -23.18
CA THR C 15 -3.24 4.46 -23.61
C THR C 15 -3.37 3.54 -22.40
N GLY C 16 -2.75 3.92 -21.28
CA GLY C 16 -2.81 3.12 -20.08
C GLY C 16 -4.21 3.10 -19.50
N MET C 17 -4.85 4.26 -19.49
CA MET C 17 -6.21 4.38 -18.96
C MET C 17 -7.16 3.45 -19.72
N ILE C 18 -7.04 3.43 -21.04
CA ILE C 18 -7.90 2.57 -21.84
C ILE C 18 -7.60 1.10 -21.59
N ASP C 19 -6.31 0.78 -21.51
CA ASP C 19 -5.89 -0.60 -21.27
C ASP C 19 -6.49 -1.13 -19.98
N GLY C 20 -6.41 -0.33 -18.92
CA GLY C 20 -6.95 -0.75 -17.64
C GLY C 20 -8.46 -0.87 -17.69
N TRP C 21 -9.10 -0.01 -18.47
CA TRP C 21 -10.55 -0.05 -18.60
C TRP C 21 -11.01 -1.41 -19.15
N TYR C 22 -10.42 -1.80 -20.28
CA TYR C 22 -10.75 -3.08 -20.90
C TYR C 22 -10.28 -4.24 -20.03
N GLY C 23 -9.11 -4.07 -19.43
CA GLY C 23 -8.55 -5.11 -18.57
C GLY C 23 -9.18 -5.08 -17.18
N SER C 24 -10.50 -5.21 -17.14
CA SER C 24 -11.22 -5.19 -15.87
C SER C 24 -10.81 -6.38 -15.01
N GLY A 1 0.41 9.21 7.21
CA GLY A 1 -0.53 8.09 6.91
C GLY A 1 -1.17 8.32 5.54
N LEU A 2 -1.93 9.39 5.41
CA LEU A 2 -2.57 9.68 4.13
C LEU A 2 -1.49 9.80 3.03
N PHE A 3 -0.45 10.57 3.30
CA PHE A 3 0.64 10.75 2.34
C PHE A 3 1.33 9.41 2.07
N GLY A 4 1.61 8.67 3.12
CA GLY A 4 2.27 7.38 2.97
C GLY A 4 1.38 6.40 2.19
N ALA A 5 0.07 6.54 2.36
CA ALA A 5 -0.87 5.68 1.67
C ALA A 5 -0.82 5.90 0.16
N ILE A 6 -0.73 7.16 -0.26
CA ILE A 6 -0.67 7.49 -1.68
C ILE A 6 0.65 7.03 -2.28
N ALA A 7 1.75 7.35 -1.60
CA ALA A 7 3.08 6.95 -2.07
C ALA A 7 3.22 5.45 -2.09
N ALA A 8 2.78 4.82 -1.01
CA ALA A 8 2.86 3.37 -0.91
C ALA A 8 1.93 2.71 -1.91
N PHE A 9 0.79 3.34 -2.18
CA PHE A 9 -0.16 2.79 -3.14
C PHE A 9 0.50 2.65 -4.51
N ILE A 10 1.30 3.61 -4.86
CA ILE A 10 1.99 3.60 -6.15
C ILE A 10 3.13 2.57 -6.17
N GLU A 11 3.83 2.43 -5.04
CA GLU A 11 4.98 1.49 -4.96
C GLU A 11 4.51 0.05 -4.67
N GLY A 12 3.67 -0.13 -3.65
CA GLY A 12 3.20 -1.47 -3.27
C GLY A 12 1.72 -1.65 -3.59
N GLY A 13 1.26 -1.01 -4.65
CA GLY A 13 -0.14 -1.12 -5.05
C GLY A 13 -1.07 -1.08 -3.85
N TRP A 14 -2.15 -1.85 -3.92
CA TRP A 14 -3.13 -1.90 -2.83
C TRP A 14 -2.45 -2.28 -1.51
N THR A 15 -1.53 -3.22 -1.58
CA THR A 15 -0.79 -3.66 -0.39
C THR A 15 -0.04 -2.50 0.24
N GLY A 16 0.54 -1.66 -0.59
CA GLY A 16 1.29 -0.51 -0.08
C GLY A 16 0.35 0.50 0.58
N MET A 17 -0.84 0.66 0.03
CA MET A 17 -1.82 1.60 0.58
C MET A 17 -2.07 1.31 2.05
N ILE A 18 -2.34 0.06 2.37
CA ILE A 18 -2.60 -0.33 3.74
C ILE A 18 -1.38 -0.07 4.61
N ASP A 19 -0.22 -0.54 4.16
CA ASP A 19 1.01 -0.36 4.92
C ASP A 19 1.28 1.12 5.15
N GLY A 20 1.14 1.93 4.11
CA GLY A 20 1.37 3.36 4.20
C GLY A 20 0.41 4.00 5.20
N TRP A 21 -0.84 3.57 5.16
CA TRP A 21 -1.85 4.12 6.07
C TRP A 21 -1.46 3.85 7.52
N TYR A 22 -0.96 2.65 7.78
CA TYR A 22 -0.54 2.27 9.13
C TYR A 22 0.82 2.86 9.47
N GLY A 23 1.72 2.89 8.48
CA GLY A 23 3.07 3.45 8.68
C GLY A 23 3.03 4.66 9.60
N SER A 24 3.24 4.43 10.90
CA SER A 24 3.23 5.51 11.87
C SER A 24 4.48 6.37 11.73
N GLY B 1 4.91 -3.16 23.06
CA GLY B 1 3.70 -2.28 23.02
C GLY B 1 3.09 -2.34 21.63
N LEU B 2 2.44 -1.25 21.23
CA LEU B 2 1.80 -1.18 19.91
C LEU B 2 2.84 -1.30 18.81
N PHE B 3 3.94 -0.57 18.94
CA PHE B 3 4.99 -0.60 17.94
C PHE B 3 5.57 -2.00 17.82
N GLY B 4 5.75 -2.66 18.97
CA GLY B 4 6.29 -4.01 18.98
C GLY B 4 5.38 -4.97 18.25
N ALA B 5 4.07 -4.83 18.48
CA ALA B 5 3.08 -5.69 17.84
C ALA B 5 3.12 -5.53 16.32
N ILE B 6 3.05 -4.29 15.87
CA ILE B 6 3.08 -4.00 14.43
C ILE B 6 4.43 -4.39 13.83
N ALA B 7 5.50 -4.04 14.55
CA ALA B 7 6.84 -4.36 14.07
C ALA B 7 7.03 -5.86 13.96
N ALA B 8 6.62 -6.58 14.99
CA ALA B 8 6.74 -8.04 14.99
C ALA B 8 5.87 -8.64 13.90
N PHE B 9 4.74 -8.02 13.63
CA PHE B 9 3.84 -8.53 12.61
C PHE B 9 4.59 -8.71 11.29
N ILE B 10 5.34 -7.68 10.89
CA ILE B 10 6.10 -7.74 9.65
C ILE B 10 7.43 -8.48 9.85
N GLU B 11 8.24 -7.97 10.78
CA GLU B 11 9.55 -8.58 11.05
C GLU B 11 9.38 -9.93 11.75
N GLY B 12 8.59 -9.94 12.81
CA GLY B 12 8.35 -11.17 13.56
C GLY B 12 7.45 -12.11 12.76
N GLY B 13 7.30 -11.84 11.48
CA GLY B 13 6.47 -12.69 10.62
C GLY B 13 5.03 -12.71 11.13
N TRP B 14 4.11 -12.21 10.32
CA TRP B 14 2.70 -12.18 10.71
C TRP B 14 2.20 -13.61 10.96
N THR B 15 2.78 -14.56 10.25
CA THR B 15 2.39 -15.97 10.40
C THR B 15 3.05 -16.58 11.63
N GLY B 16 4.19 -16.03 12.03
CA GLY B 16 4.91 -16.54 13.21
C GLY B 16 4.12 -16.32 14.49
N MET B 17 3.53 -15.14 14.63
CA MET B 17 2.76 -14.82 15.81
C MET B 17 1.57 -15.78 15.95
N ILE B 18 0.95 -16.11 14.82
CA ILE B 18 -0.18 -17.03 14.81
C ILE B 18 0.26 -18.42 15.27
N ASP B 19 1.40 -18.88 14.78
CA ASP B 19 1.91 -20.19 15.14
C ASP B 19 2.20 -20.23 16.64
N GLY B 20 2.72 -19.14 17.18
CA GLY B 20 3.05 -19.06 18.59
C GLY B 20 1.79 -19.21 19.44
N TRP B 21 0.77 -18.41 19.13
CA TRP B 21 -0.49 -18.46 19.87
C TRP B 21 -1.04 -19.89 19.92
N TYR B 22 -1.00 -20.56 18.77
CA TYR B 22 -1.50 -21.93 18.70
C TYR B 22 -0.57 -22.88 19.46
N GLY B 23 0.73 -22.68 19.31
CA GLY B 23 1.72 -23.52 19.99
C GLY B 23 1.41 -23.59 21.48
N SER B 24 0.70 -24.64 21.88
CA SER B 24 0.35 -24.82 23.29
C SER B 24 1.50 -25.48 24.05
N GLY C 1 -2.81 16.13 -4.37
CA GLY C 1 -2.96 17.54 -4.86
C GLY C 1 -3.73 17.54 -6.17
N LEU C 2 -4.44 18.62 -6.44
CA LEU C 2 -5.21 18.74 -7.67
C LEU C 2 -4.29 18.65 -8.89
N PHE C 3 -3.26 19.48 -8.91
CA PHE C 3 -2.33 19.49 -10.02
C PHE C 3 -1.60 18.15 -10.12
N GLY C 4 -1.36 17.52 -8.97
CA GLY C 4 -0.68 16.24 -8.94
C GLY C 4 -1.52 15.16 -9.61
N ALA C 5 -2.83 15.23 -9.42
CA ALA C 5 -3.74 14.26 -10.01
C ALA C 5 -3.75 14.36 -11.53
N ILE C 6 -3.84 15.57 -12.03
CA ILE C 6 -3.85 15.78 -13.47
C ILE C 6 -2.52 15.31 -14.06
N ALA C 7 -1.44 15.59 -13.35
CA ALA C 7 -0.11 15.20 -13.81
C ALA C 7 0.00 13.67 -13.89
N ALA C 8 -0.53 12.98 -12.88
CA ALA C 8 -0.47 11.53 -12.85
C ALA C 8 -1.25 10.94 -14.02
N PHE C 9 -2.34 11.61 -14.39
CA PHE C 9 -3.18 11.16 -15.50
C PHE C 9 -2.41 11.19 -16.82
N ILE C 10 -1.67 12.29 -17.04
CA ILE C 10 -0.88 12.43 -18.27
C ILE C 10 0.36 11.53 -18.23
N GLU C 11 1.01 11.49 -17.08
CA GLU C 11 2.21 10.67 -16.92
C GLU C 11 1.93 9.22 -17.36
N GLY C 12 0.68 8.80 -17.27
CA GLY C 12 0.32 7.44 -17.65
C GLY C 12 0.43 7.26 -19.16
N GLY C 13 0.82 8.33 -19.84
CA GLY C 13 0.97 8.29 -21.29
C GLY C 13 -0.38 8.30 -22.00
N TRP C 14 -0.46 9.05 -23.10
CA TRP C 14 -1.69 9.15 -23.87
C TRP C 14 -1.95 7.87 -24.66
N THR C 15 -0.88 7.27 -25.17
CA THR C 15 -1.01 6.04 -25.96
C THR C 15 -1.42 4.86 -25.07
N GLY C 16 -1.13 4.99 -23.78
CA GLY C 16 -1.48 3.93 -22.83
C GLY C 16 -2.99 3.83 -22.65
N MET C 17 -3.63 4.97 -22.52
CA MET C 17 -5.08 5.02 -22.34
C MET C 17 -5.80 4.32 -23.49
N ILE C 18 -5.41 4.66 -24.72
CA ILE C 18 -6.04 4.06 -25.90
C ILE C 18 -5.73 2.56 -25.97
N ASP C 19 -4.47 2.21 -25.75
CA ASP C 19 -4.07 0.81 -25.80
C ASP C 19 -4.94 -0.04 -24.88
N GLY C 20 -5.19 0.45 -23.68
CA GLY C 20 -6.01 -0.29 -22.72
C GLY C 20 -7.46 -0.37 -23.18
N TRP C 21 -7.98 0.73 -23.72
CA TRP C 21 -9.36 0.76 -24.20
C TRP C 21 -9.63 -0.48 -25.07
N TYR C 22 -8.87 -0.61 -26.15
CA TYR C 22 -9.02 -1.75 -27.05
C TYR C 22 -8.69 -3.05 -26.34
N GLY C 23 -7.77 -2.98 -25.37
CA GLY C 23 -7.37 -4.17 -24.62
C GLY C 23 -8.32 -4.43 -23.46
N SER C 24 -9.35 -5.23 -23.72
CA SER C 24 -10.33 -5.55 -22.69
C SER C 24 -9.70 -6.39 -21.59
N GLY A 1 0.90 9.07 6.95
CA GLY A 1 -0.42 8.38 6.97
C GLY A 1 -1.09 8.55 5.62
N LEU A 2 -1.70 9.71 5.40
CA LEU A 2 -2.38 9.97 4.14
C LEU A 2 -1.38 9.95 2.99
N PHE A 3 -0.30 10.70 3.12
CA PHE A 3 0.71 10.74 2.08
C PHE A 3 1.37 9.38 1.94
N GLY A 4 1.62 8.71 3.05
CA GLY A 4 2.24 7.40 3.03
C GLY A 4 1.36 6.40 2.26
N ALA A 5 0.04 6.55 2.41
CA ALA A 5 -0.90 5.65 1.73
C ALA A 5 -0.83 5.83 0.22
N ILE A 6 -0.79 7.08 -0.23
CA ILE A 6 -0.74 7.37 -1.66
C ILE A 6 0.62 6.97 -2.22
N ALA A 7 1.69 7.31 -1.51
CA ALA A 7 3.04 6.98 -1.96
C ALA A 7 3.23 5.47 -1.99
N ALA A 8 2.76 4.80 -0.96
CA ALA A 8 2.88 3.35 -0.89
C ALA A 8 1.91 2.68 -1.86
N PHE A 9 0.86 3.41 -2.24
CA PHE A 9 -0.13 2.87 -3.16
C PHE A 9 0.48 2.69 -4.57
N ILE A 10 1.26 3.65 -4.97
CA ILE A 10 1.91 3.61 -6.29
C ILE A 10 3.14 2.70 -6.27
N GLU A 11 3.82 2.62 -5.13
CA GLU A 11 5.05 1.80 -5.02
C GLU A 11 4.75 0.31 -4.79
N GLY A 12 3.93 0.01 -3.78
CA GLY A 12 3.59 -1.38 -3.45
C GLY A 12 2.19 -1.75 -3.90
N GLY A 13 1.42 -0.77 -4.28
CA GLY A 13 0.05 -1.02 -4.76
C GLY A 13 -0.94 -1.08 -3.60
N TRP A 14 -1.94 -1.91 -3.75
CA TRP A 14 -2.97 -2.05 -2.73
C TRP A 14 -2.34 -2.46 -1.39
N THR A 15 -1.35 -3.33 -1.44
CA THR A 15 -0.67 -3.79 -0.23
C THR A 15 0.10 -2.64 0.41
N GLY A 16 0.77 -1.85 -0.39
CA GLY A 16 1.54 -0.71 0.11
C GLY A 16 0.62 0.34 0.72
N MET A 17 -0.57 0.49 0.16
CA MET A 17 -1.53 1.47 0.68
C MET A 17 -1.88 1.16 2.13
N ILE A 18 -2.16 -0.10 2.41
CA ILE A 18 -2.50 -0.50 3.77
C ILE A 18 -1.34 -0.22 4.73
N ASP A 19 -0.15 -0.67 4.36
CA ASP A 19 1.03 -0.48 5.21
C ASP A 19 1.31 1.02 5.39
N GLY A 20 1.08 1.79 4.33
CA GLY A 20 1.31 3.23 4.38
C GLY A 20 0.33 3.92 5.33
N TRP A 21 -0.93 3.50 5.27
CA TRP A 21 -1.95 4.08 6.13
C TRP A 21 -1.73 3.67 7.59
N TYR A 22 -1.25 2.45 7.80
CA TYR A 22 -1.00 1.97 9.15
C TYR A 22 0.31 2.57 9.70
N GLY A 23 1.31 2.67 8.84
CA GLY A 23 2.60 3.22 9.24
C GLY A 23 2.42 4.56 9.94
N SER A 24 2.62 4.56 11.26
CA SER A 24 2.48 5.79 12.04
C SER A 24 3.77 6.62 11.98
N GLY B 1 4.38 -4.17 22.66
CA GLY B 1 3.44 -3.02 22.70
C GLY B 1 2.91 -2.75 21.30
N LEU B 2 2.31 -1.57 21.11
CA LEU B 2 1.77 -1.21 19.80
C LEU B 2 2.87 -1.21 18.75
N PHE B 3 4.02 -0.65 19.09
CA PHE B 3 5.13 -0.59 18.17
C PHE B 3 5.70 -1.99 17.94
N GLY B 4 5.74 -2.79 18.99
CA GLY B 4 6.27 -4.14 18.89
C GLY B 4 5.33 -5.04 18.12
N ALA B 5 4.03 -4.90 18.37
CA ALA B 5 3.02 -5.72 17.68
C ALA B 5 3.08 -5.50 16.18
N ILE B 6 2.98 -4.25 15.77
CA ILE B 6 3.01 -3.92 14.35
C ILE B 6 4.34 -4.34 13.73
N ALA B 7 5.43 -4.01 14.42
CA ALA B 7 6.75 -4.35 13.92
C ALA B 7 6.96 -5.86 13.93
N ALA B 8 6.60 -6.49 15.03
CA ALA B 8 6.76 -7.93 15.16
C ALA B 8 5.91 -8.65 14.11
N PHE B 9 4.82 -8.02 13.71
CA PHE B 9 3.94 -8.61 12.71
C PHE B 9 4.68 -8.78 11.38
N ILE B 10 5.29 -7.69 10.90
CA ILE B 10 6.02 -7.74 9.63
C ILE B 10 7.39 -8.41 9.81
N GLU B 11 8.17 -7.91 10.77
CA GLU B 11 9.51 -8.45 11.03
C GLU B 11 9.44 -9.74 11.87
N GLY B 12 8.73 -9.66 12.99
CA GLY B 12 8.60 -10.81 13.88
C GLY B 12 7.69 -11.87 13.26
N GLY B 13 7.48 -11.78 11.95
CA GLY B 13 6.62 -12.73 11.27
C GLY B 13 5.17 -12.61 11.75
N TRP B 14 4.23 -12.68 10.83
CA TRP B 14 2.81 -12.58 11.18
C TRP B 14 2.31 -13.92 11.70
N THR B 15 2.87 -15.01 11.19
CA THR B 15 2.47 -16.35 11.61
C THR B 15 3.19 -16.75 12.90
N GLY B 16 4.35 -16.15 13.14
CA GLY B 16 5.12 -16.44 14.35
C GLY B 16 4.34 -16.07 15.60
N MET B 17 3.71 -14.90 15.58
CA MET B 17 2.93 -14.44 16.73
C MET B 17 1.73 -15.34 16.97
N ILE B 18 1.03 -15.68 15.88
CA ILE B 18 -0.14 -16.53 15.99
C ILE B 18 0.23 -17.87 16.62
N ASP B 19 1.33 -18.44 16.16
CA ASP B 19 1.78 -19.72 16.69
C ASP B 19 2.05 -19.61 18.19
N GLY B 20 2.71 -18.52 18.60
CA GLY B 20 3.03 -18.30 20.01
C GLY B 20 1.76 -18.27 20.84
N TRP B 21 0.71 -17.65 20.30
CA TRP B 21 -0.56 -17.56 21.01
C TRP B 21 -1.24 -18.92 21.08
N TYR B 22 -1.17 -19.66 19.98
CA TYR B 22 -1.78 -20.99 19.92
C TYR B 22 -1.02 -21.97 20.82
N GLY B 23 0.30 -21.85 20.85
CA GLY B 23 1.14 -22.73 21.65
C GLY B 23 0.84 -22.53 23.13
N SER B 24 -0.01 -23.38 23.68
CA SER B 24 -0.37 -23.29 25.10
C SER B 24 0.85 -23.58 25.98
N GLY C 1 -2.32 16.29 -5.33
CA GLY C 1 -3.72 16.79 -5.25
C GLY C 1 -4.24 17.07 -6.65
N LEU C 2 -4.98 18.16 -6.80
CA LEU C 2 -5.54 18.52 -8.10
C LEU C 2 -4.43 18.55 -9.16
N PHE C 3 -3.41 19.35 -8.92
CA PHE C 3 -2.30 19.46 -9.88
C PHE C 3 -1.59 18.12 -10.04
N GLY C 4 -1.30 17.47 -8.92
CA GLY C 4 -0.63 16.18 -8.95
C GLY C 4 -1.49 15.12 -9.63
N ALA C 5 -2.80 15.23 -9.43
CA ALA C 5 -3.72 14.26 -10.03
C ALA C 5 -3.73 14.39 -11.54
N ILE C 6 -3.81 15.62 -12.03
CA ILE C 6 -3.83 15.86 -13.46
C ILE C 6 -2.53 15.35 -14.08
N ALA C 7 -1.42 15.66 -13.44
CA ALA C 7 -0.11 15.24 -13.93
C ALA C 7 -0.03 13.70 -13.94
N ALA C 8 -0.54 13.08 -12.90
CA ALA C 8 -0.51 11.64 -12.81
C ALA C 8 -1.29 11.00 -13.97
N PHE C 9 -2.35 11.68 -14.41
CA PHE C 9 -3.16 11.19 -15.51
C PHE C 9 -2.36 11.18 -16.82
N ILE C 10 -1.64 12.27 -17.06
CA ILE C 10 -0.83 12.39 -18.28
C ILE C 10 0.36 11.45 -18.24
N GLU C 11 1.05 11.42 -17.10
CA GLU C 11 2.21 10.55 -16.96
C GLU C 11 1.89 9.13 -17.41
N GLY C 12 0.60 8.83 -17.55
CA GLY C 12 0.17 7.50 -17.97
C GLY C 12 0.50 7.28 -19.44
N GLY C 13 1.19 8.24 -20.04
CA GLY C 13 1.57 8.13 -21.44
C GLY C 13 0.37 8.34 -22.36
N TRP C 14 0.51 9.26 -23.30
CA TRP C 14 -0.55 9.56 -24.25
C TRP C 14 -0.90 8.33 -25.09
N THR C 15 0.12 7.55 -25.43
CA THR C 15 -0.08 6.35 -26.23
C THR C 15 -0.75 5.25 -25.41
N GLY C 16 -0.62 5.33 -24.09
CA GLY C 16 -1.21 4.34 -23.20
C GLY C 16 -2.74 4.43 -23.25
N MET C 17 -3.26 5.64 -23.20
CA MET C 17 -4.70 5.85 -23.23
C MET C 17 -5.32 5.26 -24.51
N ILE C 18 -4.72 5.58 -25.65
CA ILE C 18 -5.23 5.07 -26.92
C ILE C 18 -5.20 3.54 -26.93
N ASP C 19 -4.07 2.98 -26.53
CA ASP C 19 -3.92 1.53 -26.51
C ASP C 19 -5.00 0.89 -25.64
N GLY C 20 -5.18 1.43 -24.44
CA GLY C 20 -6.18 0.90 -23.52
C GLY C 20 -7.57 1.06 -24.09
N TRP C 21 -7.78 2.12 -24.86
CA TRP C 21 -9.09 2.36 -25.47
C TRP C 21 -9.49 1.18 -26.36
N TYR C 22 -8.58 0.79 -27.26
CA TYR C 22 -8.84 -0.31 -28.17
C TYR C 22 -8.86 -1.64 -27.40
N GLY C 23 -7.96 -1.77 -26.44
CA GLY C 23 -7.89 -2.98 -25.63
C GLY C 23 -9.06 -3.06 -24.65
N SER C 24 -10.24 -2.66 -25.11
CA SER C 24 -11.43 -2.67 -24.27
C SER C 24 -11.85 -4.11 -23.98
N GLY A 1 1.02 9.00 6.95
CA GLY A 1 -0.29 8.27 6.99
C GLY A 1 -1.03 8.49 5.69
N LEU A 2 -1.63 9.66 5.55
CA LEU A 2 -2.37 9.99 4.34
C LEU A 2 -1.44 9.97 3.12
N PHE A 3 -0.35 10.71 3.20
CA PHE A 3 0.61 10.76 2.12
C PHE A 3 1.29 9.40 1.95
N GLY A 4 1.61 8.76 3.07
CA GLY A 4 2.26 7.46 3.02
C GLY A 4 1.42 6.46 2.25
N ALA A 5 0.10 6.54 2.42
CA ALA A 5 -0.81 5.63 1.74
C ALA A 5 -0.76 5.86 0.23
N ILE A 6 -0.74 7.12 -0.18
CA ILE A 6 -0.70 7.45 -1.60
C ILE A 6 0.63 7.00 -2.22
N ALA A 7 1.72 7.27 -1.52
CA ALA A 7 3.05 6.90 -1.99
C ALA A 7 3.19 5.38 -2.02
N ALA A 8 2.73 4.74 -0.96
CA ALA A 8 2.80 3.30 -0.87
C ALA A 8 1.87 2.64 -1.89
N PHE A 9 0.80 3.35 -2.25
CA PHE A 9 -0.16 2.83 -3.21
C PHE A 9 0.50 2.68 -4.59
N ILE A 10 1.29 3.66 -4.96
CA ILE A 10 1.98 3.65 -6.24
C ILE A 10 3.13 2.65 -6.24
N GLU A 11 3.71 2.37 -5.06
CA GLU A 11 4.86 1.44 -4.95
C GLU A 11 4.42 0.00 -4.62
N GLY A 12 3.65 -0.15 -3.54
CA GLY A 12 3.19 -1.50 -3.11
C GLY A 12 1.73 -1.71 -3.42
N GLY A 13 1.25 -1.03 -4.44
CA GLY A 13 -0.15 -1.17 -4.84
C GLY A 13 -1.09 -1.10 -3.63
N TRP A 14 -2.17 -1.86 -3.69
CA TRP A 14 -3.15 -1.89 -2.59
C TRP A 14 -2.45 -2.20 -1.26
N THR A 15 -1.68 -3.28 -1.23
CA THR A 15 -0.98 -3.68 -0.01
C THR A 15 -0.16 -2.52 0.55
N GLY A 16 0.49 -1.78 -0.31
CA GLY A 16 1.30 -0.66 0.11
C GLY A 16 0.44 0.41 0.76
N MET A 17 -0.74 0.64 0.22
CA MET A 17 -1.66 1.65 0.75
C MET A 17 -1.97 1.37 2.21
N ILE A 18 -2.29 0.12 2.52
CA ILE A 18 -2.61 -0.26 3.88
C ILE A 18 -1.43 0.00 4.80
N ASP A 19 -0.25 -0.46 4.38
CA ASP A 19 0.95 -0.27 5.18
C ASP A 19 1.23 1.21 5.40
N GLY A 20 1.09 2.00 4.35
CA GLY A 20 1.33 3.44 4.43
C GLY A 20 0.35 4.10 5.40
N TRP A 21 -0.90 3.66 5.35
CA TRP A 21 -1.93 4.22 6.24
C TRP A 21 -1.61 3.92 7.69
N TYR A 22 -1.20 2.69 7.97
CA TYR A 22 -0.87 2.29 9.33
C TYR A 22 0.32 3.09 9.84
N GLY A 23 1.20 3.49 8.92
CA GLY A 23 2.37 4.26 9.31
C GLY A 23 1.99 5.45 10.17
N SER A 24 2.67 5.60 11.31
CA SER A 24 2.39 6.70 12.24
C SER A 24 3.68 7.44 12.59
N GLY B 1 4.60 -2.50 23.60
CA GLY B 1 4.02 -1.29 22.94
C GLY B 1 3.41 -1.69 21.61
N LEU B 2 2.41 -0.93 21.17
CA LEU B 2 1.75 -1.21 19.91
C LEU B 2 2.78 -1.33 18.79
N PHE B 3 3.84 -0.54 18.89
CA PHE B 3 4.88 -0.56 17.87
C PHE B 3 5.49 -1.96 17.76
N GLY B 4 5.75 -2.57 18.91
CA GLY B 4 6.34 -3.90 18.93
C GLY B 4 5.44 -4.90 18.23
N ALA B 5 4.14 -4.83 18.51
CA ALA B 5 3.18 -5.72 17.88
C ALA B 5 3.18 -5.55 16.36
N ILE B 6 3.12 -4.31 15.92
CA ILE B 6 3.13 -4.04 14.48
C ILE B 6 4.46 -4.46 13.86
N ALA B 7 5.55 -4.12 14.53
CA ALA B 7 6.88 -4.46 14.03
C ALA B 7 7.05 -5.97 13.98
N ALA B 8 6.56 -6.65 15.01
CA ALA B 8 6.68 -8.11 15.07
C ALA B 8 5.80 -8.75 14.00
N PHE B 9 4.74 -8.05 13.60
CA PHE B 9 3.84 -8.58 12.59
C PHE B 9 4.56 -8.65 11.24
N ILE B 10 5.38 -7.64 10.97
CA ILE B 10 6.14 -7.59 9.71
C ILE B 10 7.44 -8.40 9.83
N GLU B 11 8.19 -8.14 10.91
CA GLU B 11 9.46 -8.83 11.15
C GLU B 11 9.22 -10.24 11.70
N GLY B 12 8.35 -10.34 12.69
CA GLY B 12 8.04 -11.63 13.29
C GLY B 12 7.10 -12.44 12.41
N GLY B 13 7.00 -12.04 11.15
CA GLY B 13 6.11 -12.74 10.21
C GLY B 13 4.66 -12.58 10.60
N TRP B 14 3.79 -12.44 9.61
CA TRP B 14 2.36 -12.26 9.86
C TRP B 14 1.70 -13.60 10.16
N THR B 15 2.11 -14.63 9.42
CA THR B 15 1.55 -15.96 9.61
C THR B 15 2.14 -16.63 10.84
N GLY B 16 3.28 -16.13 11.31
CA GLY B 16 3.94 -16.70 12.49
C GLY B 16 3.16 -16.40 13.76
N MET B 17 2.81 -15.14 13.97
CA MET B 17 2.07 -14.75 15.16
C MET B 17 0.68 -15.37 15.15
N ILE B 18 0.06 -15.39 13.98
CA ILE B 18 -1.29 -15.97 13.84
C ILE B 18 -1.25 -17.46 14.16
N ASP B 19 -0.23 -18.15 13.65
CA ASP B 19 -0.11 -19.58 13.89
C ASP B 19 0.01 -19.86 15.38
N GLY B 20 0.80 -19.04 16.08
CA GLY B 20 0.98 -19.21 17.52
C GLY B 20 -0.35 -19.09 18.25
N TRP B 21 -1.16 -18.13 17.84
CA TRP B 21 -2.47 -17.91 18.46
C TRP B 21 -3.35 -19.17 18.32
N TYR B 22 -3.39 -19.71 17.10
CA TYR B 22 -4.19 -20.90 16.84
C TYR B 22 -3.61 -22.12 17.59
N GLY B 23 -2.28 -22.16 17.68
CA GLY B 23 -1.62 -23.27 18.36
C GLY B 23 -1.86 -23.20 19.86
N SER B 24 -2.94 -23.82 20.32
CA SER B 24 -3.27 -23.83 21.74
C SER B 24 -2.07 -24.27 22.56
N GLY C 1 -2.27 16.08 -5.35
CA GLY C 1 -3.74 16.21 -5.20
C GLY C 1 -4.35 16.57 -6.55
N LEU C 2 -5.08 17.69 -6.58
CA LEU C 2 -5.70 18.13 -7.83
C LEU C 2 -4.65 18.29 -8.93
N PHE C 3 -3.66 19.12 -8.67
CA PHE C 3 -2.61 19.37 -9.65
C PHE C 3 -1.82 18.09 -9.91
N GLY C 4 -1.52 17.35 -8.84
CA GLY C 4 -0.77 16.12 -8.96
C GLY C 4 -1.54 15.08 -9.77
N ALA C 5 -2.86 15.08 -9.61
CA ALA C 5 -3.70 14.13 -10.32
C ALA C 5 -3.61 14.35 -11.83
N ILE C 6 -3.66 15.62 -12.23
CA ILE C 6 -3.58 15.95 -13.64
C ILE C 6 -2.26 15.47 -14.23
N ALA C 7 -1.19 15.72 -13.49
CA ALA C 7 0.15 15.32 -13.94
C ALA C 7 0.25 13.79 -13.97
N ALA C 8 -0.25 13.14 -12.93
CA ALA C 8 -0.22 11.70 -12.85
C ALA C 8 -1.16 11.07 -13.87
N PHE C 9 -2.23 11.80 -14.20
CA PHE C 9 -3.21 11.33 -15.17
C PHE C 9 -2.60 11.21 -16.56
N ILE C 10 -1.77 12.20 -16.92
CA ILE C 10 -1.13 12.21 -18.23
C ILE C 10 0.10 11.31 -18.24
N GLU C 11 0.90 11.37 -17.18
CA GLU C 11 2.11 10.56 -17.10
C GLU C 11 1.79 9.09 -17.38
N GLY C 12 0.67 8.62 -16.84
CA GLY C 12 0.27 7.24 -17.02
C GLY C 12 -0.14 6.98 -18.46
N GLY C 13 0.05 7.98 -19.31
CA GLY C 13 -0.31 7.86 -20.72
C GLY C 13 -1.82 7.79 -20.91
N TRP C 14 -2.42 8.92 -21.26
CA TRP C 14 -3.86 8.98 -21.47
C TRP C 14 -4.29 7.96 -22.54
N THR C 15 -3.35 7.62 -23.43
CA THR C 15 -3.64 6.67 -24.51
C THR C 15 -3.53 5.24 -23.98
N GLY C 16 -2.73 5.06 -22.93
CA GLY C 16 -2.54 3.74 -22.34
C GLY C 16 -3.86 3.19 -21.81
N MET C 17 -4.53 3.98 -20.97
CA MET C 17 -5.80 3.55 -20.40
C MET C 17 -6.82 3.25 -21.49
N ILE C 18 -6.91 4.15 -22.47
CA ILE C 18 -7.85 3.97 -23.57
C ILE C 18 -7.58 2.67 -24.31
N ASP C 19 -6.30 2.44 -24.59
CA ASP C 19 -5.90 1.23 -25.31
C ASP C 19 -6.40 -0.01 -24.56
N GLY C 20 -6.16 -0.04 -23.26
CA GLY C 20 -6.60 -1.17 -22.45
C GLY C 20 -8.11 -1.29 -22.43
N TRP C 21 -8.79 -0.15 -22.43
CA TRP C 21 -10.25 -0.14 -22.42
C TRP C 21 -10.79 -0.88 -23.64
N TYR C 22 -10.36 -0.46 -24.82
CA TYR C 22 -10.79 -1.09 -26.06
C TYR C 22 -10.32 -2.55 -26.11
N GLY C 23 -9.12 -2.79 -25.60
CA GLY C 23 -8.57 -4.13 -25.59
C GLY C 23 -9.30 -5.01 -24.58
N SER C 24 -10.32 -5.71 -25.06
CA SER C 24 -11.10 -6.60 -24.20
C SER C 24 -10.21 -7.68 -23.60
N GLY A 1 0.53 9.28 7.20
CA GLY A 1 -0.46 8.20 6.85
C GLY A 1 -1.09 8.51 5.51
N LEU A 2 -1.77 9.64 5.42
CA LEU A 2 -2.42 10.03 4.18
C LEU A 2 -1.44 9.98 3.02
N PHE A 3 -0.33 10.69 3.16
CA PHE A 3 0.69 10.71 2.10
C PHE A 3 1.31 9.33 1.94
N GLY A 4 1.64 8.69 3.06
CA GLY A 4 2.24 7.36 3.03
C GLY A 4 1.39 6.39 2.23
N ALA A 5 0.07 6.52 2.39
CA ALA A 5 -0.86 5.64 1.69
C ALA A 5 -0.80 5.88 0.18
N ILE A 6 -0.77 7.15 -0.20
CA ILE A 6 -0.70 7.51 -1.62
C ILE A 6 0.62 7.06 -2.22
N ALA A 7 1.71 7.34 -1.52
CA ALA A 7 3.03 6.97 -2.00
C ALA A 7 3.18 5.44 -2.02
N ALA A 8 2.75 4.80 -0.96
CA ALA A 8 2.84 3.34 -0.86
C ALA A 8 1.93 2.69 -1.88
N PHE A 9 0.82 3.33 -2.19
CA PHE A 9 -0.12 2.80 -3.16
C PHE A 9 0.53 2.68 -4.54
N ILE A 10 1.32 3.66 -4.90
CA ILE A 10 1.99 3.66 -6.19
C ILE A 10 3.11 2.63 -6.20
N GLU A 11 3.80 2.49 -5.08
CA GLU A 11 4.91 1.55 -4.99
C GLU A 11 4.42 0.14 -4.69
N GLY A 12 3.63 0.01 -3.64
CA GLY A 12 3.11 -1.30 -3.23
C GLY A 12 1.65 -1.46 -3.59
N GLY A 13 1.25 -0.87 -4.71
CA GLY A 13 -0.14 -0.95 -5.15
C GLY A 13 -1.10 -0.89 -3.97
N TRP A 14 -2.21 -1.62 -4.07
CA TRP A 14 -3.19 -1.64 -3.00
C TRP A 14 -2.55 -2.01 -1.66
N THR A 15 -1.80 -3.10 -1.67
CA THR A 15 -1.13 -3.55 -0.45
C THR A 15 -0.37 -2.40 0.20
N GLY A 16 0.24 -1.55 -0.61
CA GLY A 16 0.99 -0.42 -0.11
C GLY A 16 0.07 0.60 0.56
N MET A 17 -1.11 0.78 -0.03
CA MET A 17 -2.08 1.73 0.53
C MET A 17 -2.35 1.44 2.00
N ILE A 18 -2.67 0.18 2.29
CA ILE A 18 -2.95 -0.21 3.67
C ILE A 18 -1.72 -0.01 4.55
N ASP A 19 -0.60 -0.58 4.14
CA ASP A 19 0.63 -0.45 4.91
C ASP A 19 0.98 1.01 5.14
N GLY A 20 0.91 1.81 4.07
CA GLY A 20 1.22 3.23 4.17
C GLY A 20 0.28 3.93 5.15
N TRP A 21 -0.99 3.53 5.12
CA TRP A 21 -1.99 4.14 6.00
C TRP A 21 -1.61 3.90 7.46
N TYR A 22 -1.23 2.67 7.78
CA TYR A 22 -0.85 2.33 9.15
C TYR A 22 0.51 2.92 9.48
N GLY A 23 1.40 2.97 8.50
CA GLY A 23 2.73 3.53 8.70
C GLY A 23 2.68 4.76 9.60
N SER A 24 3.08 4.59 10.85
CA SER A 24 3.07 5.70 11.79
C SER A 24 3.83 6.90 11.23
N GLY B 1 4.93 -3.17 23.06
CA GLY B 1 3.90 -2.10 22.98
C GLY B 1 3.23 -2.16 21.61
N LEU B 2 2.55 -1.08 21.24
CA LEU B 2 1.86 -1.02 19.95
C LEU B 2 2.86 -1.18 18.81
N PHE B 3 3.96 -0.46 18.90
CA PHE B 3 4.99 -0.53 17.85
C PHE B 3 5.54 -1.95 17.73
N GLY B 4 5.83 -2.56 18.88
CA GLY B 4 6.37 -3.93 18.89
C GLY B 4 5.41 -4.89 18.19
N ALA B 5 4.12 -4.79 18.54
CA ALA B 5 3.12 -5.65 17.94
C ALA B 5 3.14 -5.53 16.40
N ILE B 6 3.07 -4.29 15.92
CA ILE B 6 3.08 -4.05 14.49
C ILE B 6 4.42 -4.47 13.89
N ALA B 7 5.50 -4.15 14.58
CA ALA B 7 6.84 -4.50 14.10
C ALA B 7 6.99 -6.02 14.00
N ALA B 8 6.56 -6.72 15.04
CA ALA B 8 6.66 -8.18 15.05
C ALA B 8 5.84 -8.78 13.91
N PHE B 9 4.70 -8.16 13.62
CA PHE B 9 3.84 -8.65 12.55
C PHE B 9 4.60 -8.69 11.23
N ILE B 10 5.36 -7.64 10.97
CA ILE B 10 6.14 -7.57 9.73
C ILE B 10 7.48 -8.25 9.90
N GLU B 11 8.26 -7.79 10.87
CA GLU B 11 9.58 -8.37 11.13
C GLU B 11 9.45 -9.72 11.82
N GLY B 12 8.66 -9.76 12.89
CA GLY B 12 8.46 -10.99 13.64
C GLY B 12 7.58 -11.96 12.88
N GLY B 13 7.57 -11.83 11.56
CA GLY B 13 6.76 -12.70 10.71
C GLY B 13 5.29 -12.56 11.05
N TRP B 14 4.46 -12.41 10.02
CA TRP B 14 3.02 -12.27 10.21
C TRP B 14 2.37 -13.62 10.46
N THR B 15 2.88 -14.65 9.77
CA THR B 15 2.35 -15.99 9.93
C THR B 15 2.85 -16.63 11.22
N GLY B 16 4.00 -16.16 11.70
CA GLY B 16 4.57 -16.68 12.93
C GLY B 16 3.73 -16.31 14.13
N MET B 17 3.14 -15.12 14.09
CA MET B 17 2.31 -14.64 15.19
C MET B 17 1.02 -15.45 15.27
N ILE B 18 0.46 -15.79 14.12
CA ILE B 18 -0.78 -16.56 14.08
C ILE B 18 -0.56 -17.94 14.68
N ASP B 19 0.56 -18.56 14.34
CA ASP B 19 0.88 -19.90 14.85
C ASP B 19 0.99 -19.88 16.36
N GLY B 20 1.62 -18.83 16.89
CA GLY B 20 1.80 -18.69 18.32
C GLY B 20 0.44 -18.57 19.03
N TRP B 21 -0.43 -17.73 18.48
CA TRP B 21 -1.76 -17.54 19.07
C TRP B 21 -2.56 -18.83 19.00
N TYR B 22 -2.54 -19.48 17.85
CA TYR B 22 -3.28 -20.72 17.66
C TYR B 22 -2.68 -21.83 18.51
N GLY B 23 -1.36 -21.80 18.68
CA GLY B 23 -0.67 -22.81 19.47
C GLY B 23 -0.94 -22.61 20.95
N SER B 24 -1.78 -23.47 21.51
CA SER B 24 -2.11 -23.38 22.93
C SER B 24 -1.15 -24.21 23.76
N GLY C 1 -2.24 16.50 -5.14
CA GLY C 1 -3.61 17.08 -4.94
C GLY C 1 -4.31 17.22 -6.29
N LEU C 2 -4.70 18.44 -6.62
CA LEU C 2 -5.39 18.69 -7.88
C LEU C 2 -4.40 18.62 -9.04
N PHE C 3 -3.34 19.42 -8.97
CA PHE C 3 -2.33 19.44 -10.02
C PHE C 3 -1.64 18.09 -10.12
N GLY C 4 -1.32 17.50 -8.96
CA GLY C 4 -0.66 16.20 -8.92
C GLY C 4 -1.51 15.14 -9.60
N ALA C 5 -2.83 15.22 -9.39
CA ALA C 5 -3.74 14.25 -9.99
C ALA C 5 -3.72 14.36 -11.51
N ILE C 6 -3.81 15.59 -12.01
CA ILE C 6 -3.80 15.82 -13.44
C ILE C 6 -2.49 15.33 -14.06
N ALA C 7 -1.38 15.64 -13.40
CA ALA C 7 -0.07 15.23 -13.89
C ALA C 7 0.02 13.71 -13.95
N ALA C 8 -0.49 13.05 -12.91
CA ALA C 8 -0.46 11.59 -12.86
C ALA C 8 -1.27 10.99 -14.01
N PHE C 9 -2.33 11.69 -14.41
CA PHE C 9 -3.18 11.23 -15.49
C PHE C 9 -2.42 11.23 -16.80
N ILE C 10 -1.63 12.28 -17.03
CA ILE C 10 -0.85 12.40 -18.25
C ILE C 10 0.36 11.48 -18.20
N GLU C 11 1.04 11.45 -17.07
CA GLU C 11 2.23 10.62 -16.90
C GLU C 11 1.92 9.18 -17.28
N GLY C 12 0.64 8.80 -17.16
CA GLY C 12 0.22 7.44 -17.47
C GLY C 12 0.33 7.18 -18.97
N GLY C 13 0.92 8.12 -19.69
CA GLY C 13 1.07 7.98 -21.14
C GLY C 13 -0.25 8.15 -21.86
N TRP C 14 -0.25 8.96 -22.91
CA TRP C 14 -1.46 9.20 -23.68
C TRP C 14 -1.90 7.94 -24.41
N THR C 15 -0.95 7.26 -25.03
CA THR C 15 -1.25 6.04 -25.77
C THR C 15 -1.76 4.96 -24.82
N GLY C 16 -1.41 5.07 -23.54
CA GLY C 16 -1.84 4.10 -22.55
C GLY C 16 -3.33 4.20 -22.29
N MET C 17 -3.84 5.43 -22.21
CA MET C 17 -5.26 5.65 -21.96
C MET C 17 -6.10 5.00 -23.06
N ILE C 18 -5.69 5.21 -24.31
CA ILE C 18 -6.43 4.63 -25.43
C ILE C 18 -6.39 3.11 -25.38
N ASP C 19 -5.22 2.56 -25.10
CA ASP C 19 -5.06 1.12 -25.02
C ASP C 19 -5.98 0.54 -23.95
N GLY C 20 -5.98 1.17 -22.77
CA GLY C 20 -6.80 0.71 -21.67
C GLY C 20 -8.29 0.86 -22.00
N TRP C 21 -8.61 1.91 -22.75
CA TRP C 21 -10.00 2.16 -23.14
C TRP C 21 -10.59 0.94 -23.84
N TYR C 22 -9.92 0.49 -24.89
CA TYR C 22 -10.38 -0.66 -25.65
C TYR C 22 -10.31 -1.93 -24.79
N GLY C 23 -9.26 -2.02 -23.98
CA GLY C 23 -9.09 -3.17 -23.10
C GLY C 23 -10.22 -3.27 -22.08
N SER C 24 -11.15 -4.19 -22.33
CA SER C 24 -12.27 -4.37 -21.42
C SER C 24 -11.83 -5.09 -20.16
N GLY A 1 0.11 9.80 7.28
CA GLY A 1 -0.60 8.52 6.97
C GLY A 1 -1.24 8.61 5.59
N LEU A 2 -1.89 9.73 5.32
CA LEU A 2 -2.52 9.92 4.02
C LEU A 2 -1.46 9.93 2.91
N PHE A 3 -0.38 10.67 3.13
CA PHE A 3 0.70 10.75 2.14
C PHE A 3 1.34 9.38 1.97
N GLY A 4 1.64 8.71 3.06
CA GLY A 4 2.27 7.40 3.00
C GLY A 4 1.39 6.42 2.23
N ALA A 5 0.08 6.56 2.39
CA ALA A 5 -0.86 5.67 1.71
C ALA A 5 -0.80 5.88 0.21
N ILE A 6 -0.77 7.14 -0.21
CA ILE A 6 -0.71 7.45 -1.64
C ILE A 6 0.62 7.00 -2.23
N ALA A 7 1.70 7.29 -1.52
CA ALA A 7 3.03 6.92 -2.00
C ALA A 7 3.18 5.40 -2.01
N ALA A 8 2.74 4.76 -0.94
CA ALA A 8 2.83 3.32 -0.84
C ALA A 8 1.91 2.66 -1.86
N PHE A 9 0.83 3.35 -2.21
CA PHE A 9 -0.12 2.80 -3.17
C PHE A 9 0.53 2.68 -4.55
N ILE A 10 1.29 3.68 -4.93
CA ILE A 10 1.95 3.68 -6.23
C ILE A 10 3.11 2.68 -6.24
N GLU A 11 3.71 2.44 -5.08
CA GLU A 11 4.85 1.51 -4.99
C GLU A 11 4.43 0.08 -4.65
N GLY A 12 3.64 -0.07 -3.58
CA GLY A 12 3.18 -1.40 -3.15
C GLY A 12 1.72 -1.61 -3.46
N GLY A 13 1.24 -0.98 -4.51
CA GLY A 13 -0.15 -1.12 -4.92
C GLY A 13 -1.08 -1.10 -3.71
N TRP A 14 -2.14 -1.90 -3.77
CA TRP A 14 -3.10 -1.97 -2.68
C TRP A 14 -2.40 -2.29 -1.35
N THR A 15 -1.63 -3.36 -1.34
CA THR A 15 -0.90 -3.76 -0.14
C THR A 15 -0.14 -2.58 0.45
N GLY A 16 0.43 -1.77 -0.41
CA GLY A 16 1.20 -0.61 0.04
C GLY A 16 0.29 0.43 0.69
N MET A 17 -0.90 0.60 0.13
CA MET A 17 -1.85 1.58 0.65
C MET A 17 -2.14 1.31 2.12
N ILE A 18 -2.45 0.08 2.45
CA ILE A 18 -2.74 -0.29 3.83
C ILE A 18 -1.52 -0.06 4.71
N ASP A 19 -0.39 -0.61 4.30
CA ASP A 19 0.83 -0.47 5.09
C ASP A 19 1.17 1.01 5.30
N GLY A 20 1.07 1.80 4.25
CA GLY A 20 1.36 3.23 4.34
C GLY A 20 0.38 3.92 5.28
N TRP A 21 -0.88 3.51 5.23
CA TRP A 21 -1.91 4.11 6.07
C TRP A 21 -1.59 3.87 7.55
N TYR A 22 -1.23 2.64 7.87
CA TYR A 22 -0.90 2.28 9.25
C TYR A 22 0.50 2.77 9.60
N GLY A 23 1.40 2.75 8.62
CA GLY A 23 2.76 3.19 8.86
C GLY A 23 2.80 4.51 9.64
N SER A 24 2.80 4.40 10.96
CA SER A 24 2.83 5.59 11.80
C SER A 24 3.96 6.53 11.38
N GLY B 1 4.62 -3.78 22.99
CA GLY B 1 3.48 -2.81 23.02
C GLY B 1 2.86 -2.71 21.65
N LEU B 2 2.14 -1.62 21.40
CA LEU B 2 1.49 -1.42 20.11
C LEU B 2 2.52 -1.43 18.99
N PHE B 3 3.57 -0.63 19.16
CA PHE B 3 4.62 -0.54 18.15
C PHE B 3 5.29 -1.90 17.96
N GLY B 4 5.60 -2.55 19.08
CA GLY B 4 6.26 -3.85 19.03
C GLY B 4 5.43 -4.85 18.25
N ALA B 5 4.12 -4.82 18.44
CA ALA B 5 3.23 -5.74 17.75
C ALA B 5 3.28 -5.50 16.25
N ILE B 6 3.27 -4.25 15.85
CA ILE B 6 3.31 -3.90 14.44
C ILE B 6 4.64 -4.34 13.83
N ALA B 7 5.73 -4.10 14.56
CA ALA B 7 7.05 -4.47 14.08
C ALA B 7 7.16 -5.98 13.93
N ALA B 8 6.75 -6.71 14.96
CA ALA B 8 6.81 -8.16 14.94
C ALA B 8 5.88 -8.71 13.85
N PHE B 9 4.76 -8.04 13.64
CA PHE B 9 3.81 -8.47 12.65
C PHE B 9 4.50 -8.70 11.31
N ILE B 10 5.28 -7.72 10.86
CA ILE B 10 5.98 -7.84 9.58
C ILE B 10 7.28 -8.62 9.75
N GLU B 11 8.16 -8.11 10.61
CA GLU B 11 9.45 -8.77 10.85
C GLU B 11 9.27 -10.05 11.64
N GLY B 12 8.57 -9.96 12.76
CA GLY B 12 8.34 -11.13 13.60
C GLY B 12 7.36 -12.08 12.94
N GLY B 13 7.10 -11.86 11.66
CA GLY B 13 6.18 -12.72 10.92
C GLY B 13 4.74 -12.49 11.35
N TRP B 14 3.88 -12.21 10.39
CA TRP B 14 2.47 -11.97 10.67
C TRP B 14 1.80 -13.25 11.13
N THR B 15 2.33 -14.38 10.69
CA THR B 15 1.78 -15.68 11.07
C THR B 15 2.29 -16.11 12.44
N GLY B 16 3.35 -15.46 12.90
CA GLY B 16 3.93 -15.79 14.20
C GLY B 16 2.93 -15.58 15.33
N MET B 17 2.33 -14.40 15.38
CA MET B 17 1.36 -14.09 16.42
C MET B 17 0.22 -15.11 16.38
N ILE B 18 -0.21 -15.47 15.18
CA ILE B 18 -1.29 -16.44 15.02
C ILE B 18 -0.90 -17.79 15.62
N ASP B 19 0.32 -18.23 15.31
CA ASP B 19 0.81 -19.50 15.81
C ASP B 19 0.72 -19.54 17.34
N GLY B 20 1.07 -18.43 17.98
CA GLY B 20 1.01 -18.34 19.43
C GLY B 20 -0.43 -18.45 19.92
N TRP B 21 -1.33 -17.75 19.25
CA TRP B 21 -2.74 -17.78 19.64
C TRP B 21 -3.30 -19.20 19.48
N TYR B 22 -2.99 -19.83 18.35
CA TYR B 22 -3.47 -21.18 18.08
C TYR B 22 -2.70 -22.19 18.93
N GLY B 23 -1.62 -21.74 19.54
CA GLY B 23 -0.80 -22.61 20.38
C GLY B 23 -1.55 -22.99 21.65
N SER B 24 -2.52 -23.89 21.51
CA SER B 24 -3.31 -24.33 22.65
C SER B 24 -2.48 -25.26 23.55
N GLY C 1 -3.09 15.91 -4.92
CA GLY C 1 -3.68 17.25 -5.14
C GLY C 1 -4.24 17.33 -6.55
N LEU C 2 -5.02 18.37 -6.83
CA LEU C 2 -5.61 18.53 -8.14
C LEU C 2 -4.53 18.49 -9.22
N PHE C 3 -3.48 19.29 -9.02
CA PHE C 3 -2.40 19.34 -9.99
C PHE C 3 -1.68 17.99 -10.05
N GLY C 4 -1.51 17.36 -8.90
CA GLY C 4 -0.84 16.07 -8.84
C GLY C 4 -1.61 15.02 -9.62
N ALA C 5 -2.94 15.07 -9.50
CA ALA C 5 -3.79 14.12 -10.21
C ALA C 5 -3.70 14.32 -11.71
N ILE C 6 -3.77 15.56 -12.14
CA ILE C 6 -3.69 15.87 -13.56
C ILE C 6 -2.33 15.47 -14.12
N ALA C 7 -1.28 15.77 -13.37
CA ALA C 7 0.08 15.44 -13.80
C ALA C 7 0.26 13.92 -13.87
N ALA C 8 -0.36 13.21 -12.95
CA ALA C 8 -0.26 11.75 -12.92
C ALA C 8 -1.14 11.13 -13.99
N PHE C 9 -2.27 11.79 -14.28
CA PHE C 9 -3.20 11.30 -15.27
C PHE C 9 -2.52 11.21 -16.64
N ILE C 10 -1.79 12.25 -17.00
CA ILE C 10 -1.10 12.27 -18.29
C ILE C 10 0.08 11.31 -18.28
N GLU C 11 0.94 11.45 -17.28
CA GLU C 11 2.12 10.58 -17.17
C GLU C 11 1.70 9.12 -17.04
N GLY C 12 0.43 8.90 -16.71
CA GLY C 12 -0.08 7.55 -16.54
C GLY C 12 -0.22 6.86 -17.90
N GLY C 13 0.10 7.59 -18.96
CA GLY C 13 0.00 7.04 -20.32
C GLY C 13 -1.44 7.09 -20.82
N TRP C 14 -1.59 7.31 -22.12
CA TRP C 14 -2.92 7.37 -22.73
C TRP C 14 -3.51 5.97 -22.89
N THR C 15 -2.64 4.99 -23.13
CA THR C 15 -3.09 3.61 -23.33
C THR C 15 -3.39 2.96 -21.97
N GLY C 16 -2.90 3.56 -20.90
CA GLY C 16 -3.13 3.04 -19.56
C GLY C 16 -4.60 3.13 -19.19
N MET C 17 -5.22 4.25 -19.54
CA MET C 17 -6.63 4.45 -19.24
C MET C 17 -7.49 3.37 -19.89
N ILE C 18 -7.25 3.10 -21.15
CA ILE C 18 -8.02 2.08 -21.86
C ILE C 18 -7.80 0.71 -21.22
N ASP C 19 -6.54 0.38 -20.96
CA ASP C 19 -6.20 -0.90 -20.35
C ASP C 19 -6.90 -1.04 -19.01
N GLY C 20 -6.84 0.01 -18.20
CA GLY C 20 -7.47 -0.01 -16.89
C GLY C 20 -8.95 -0.31 -17.00
N TRP C 21 -9.59 0.28 -18.01
CA TRP C 21 -11.02 0.07 -18.22
C TRP C 21 -11.33 -1.42 -18.35
N TYR C 22 -10.64 -2.09 -19.26
CA TYR C 22 -10.84 -3.51 -19.46
C TYR C 22 -10.43 -4.30 -18.22
N GLY C 23 -9.47 -3.76 -17.49
CA GLY C 23 -8.98 -4.41 -16.28
C GLY C 23 -10.00 -4.28 -15.14
N SER C 24 -11.09 -5.04 -15.26
CA SER C 24 -12.13 -5.01 -14.24
C SER C 24 -11.64 -5.64 -12.93
N GLY A 1 0.37 9.87 7.26
CA GLY A 1 -0.38 8.58 7.06
C GLY A 1 -1.11 8.62 5.71
N LEU A 2 -1.85 9.68 5.46
CA LEU A 2 -2.56 9.82 4.19
C LEU A 2 -1.55 9.87 3.05
N PHE A 3 -0.47 10.63 3.25
CA PHE A 3 0.56 10.75 2.23
C PHE A 3 1.27 9.42 2.03
N GLY A 4 1.60 8.75 3.12
CA GLY A 4 2.27 7.46 3.04
C GLY A 4 1.43 6.46 2.24
N ALA A 5 0.11 6.54 2.42
CA ALA A 5 -0.81 5.64 1.72
C ALA A 5 -0.77 5.87 0.20
N ILE A 6 -0.71 7.15 -0.19
CA ILE A 6 -0.67 7.49 -1.62
C ILE A 6 0.66 7.02 -2.23
N ALA A 7 1.74 7.29 -1.52
CA ALA A 7 3.07 6.90 -2.01
C ALA A 7 3.20 5.40 -2.04
N ALA A 8 2.75 4.75 -0.98
CA ALA A 8 2.82 3.31 -0.89
C ALA A 8 1.90 2.66 -1.91
N PHE A 9 0.82 3.37 -2.25
CA PHE A 9 -0.14 2.85 -3.23
C PHE A 9 0.51 2.69 -4.59
N ILE A 10 1.32 3.65 -4.96
CA ILE A 10 2.01 3.62 -6.23
C ILE A 10 3.13 2.55 -6.23
N GLU A 11 3.83 2.42 -5.11
CA GLU A 11 4.94 1.44 -5.01
C GLU A 11 4.45 0.01 -4.68
N GLY A 12 3.63 -0.12 -3.63
CA GLY A 12 3.13 -1.46 -3.20
C GLY A 12 1.63 -1.62 -3.51
N GLY A 13 1.19 -1.02 -4.59
CA GLY A 13 -0.22 -1.10 -4.99
C GLY A 13 -1.15 -1.02 -3.78
N TRP A 14 -2.26 -1.73 -3.83
CA TRP A 14 -3.23 -1.72 -2.73
C TRP A 14 -2.54 -2.05 -1.40
N THR A 15 -1.78 -3.14 -1.36
CA THR A 15 -1.08 -3.57 -0.15
C THR A 15 -0.27 -2.42 0.45
N GLY A 16 0.36 -1.64 -0.41
CA GLY A 16 1.16 -0.53 0.05
C GLY A 16 0.29 0.53 0.71
N MET A 17 -0.91 0.74 0.17
CA MET A 17 -1.83 1.73 0.72
C MET A 17 -2.13 1.42 2.17
N ILE A 18 -2.43 0.16 2.46
CA ILE A 18 -2.73 -0.24 3.82
C ILE A 18 -1.53 0.00 4.74
N ASP A 19 -0.36 -0.46 4.30
CA ASP A 19 0.85 -0.28 5.10
C ASP A 19 1.16 1.19 5.32
N GLY A 20 1.01 1.99 4.27
CA GLY A 20 1.28 3.41 4.37
C GLY A 20 0.33 4.08 5.34
N TRP A 21 -0.94 3.66 5.32
CA TRP A 21 -1.93 4.23 6.21
C TRP A 21 -1.53 4.02 7.67
N TYR A 22 -1.16 2.78 8.00
CA TYR A 22 -0.75 2.44 9.36
C TYR A 22 0.56 3.14 9.71
N GLY A 23 1.44 3.29 8.71
CA GLY A 23 2.73 3.95 8.93
C GLY A 23 2.58 5.16 9.84
N SER A 24 3.04 5.03 11.08
CA SER A 24 2.95 6.12 12.04
C SER A 24 3.63 7.37 11.49
N GLY B 1 5.24 -2.48 23.32
CA GLY B 1 4.22 -1.44 23.02
C GLY B 1 3.51 -1.78 21.71
N LEU B 2 2.70 -0.86 21.23
CA LEU B 2 1.97 -1.07 19.98
C LEU B 2 2.95 -1.24 18.83
N PHE B 3 4.07 -0.53 18.90
CA PHE B 3 5.08 -0.60 17.85
C PHE B 3 5.61 -2.04 17.74
N GLY B 4 5.84 -2.68 18.88
CA GLY B 4 6.35 -4.04 18.90
C GLY B 4 5.38 -4.99 18.20
N ALA B 5 4.09 -4.83 18.50
CA ALA B 5 3.06 -5.68 17.89
C ALA B 5 3.05 -5.53 16.37
N ILE B 6 3.01 -4.29 15.91
CA ILE B 6 3.02 -4.03 14.48
C ILE B 6 4.35 -4.41 13.86
N ALA B 7 5.44 -4.07 14.53
CA ALA B 7 6.77 -4.37 14.03
C ALA B 7 6.99 -5.88 13.97
N ALA B 8 6.56 -6.57 15.01
CA ALA B 8 6.70 -8.02 15.08
C ALA B 8 5.85 -8.68 14.00
N PHE B 9 4.78 -8.01 13.61
CA PHE B 9 3.90 -8.56 12.59
C PHE B 9 4.66 -8.69 11.27
N ILE B 10 5.37 -7.63 10.91
CA ILE B 10 6.16 -7.63 9.66
C ILE B 10 7.49 -8.40 9.86
N GLU B 11 8.27 -8.01 10.87
CA GLU B 11 9.56 -8.66 11.16
C GLU B 11 9.36 -10.04 11.79
N GLY B 12 8.50 -10.11 12.81
CA GLY B 12 8.24 -11.39 13.48
C GLY B 12 7.28 -12.24 12.66
N GLY B 13 7.17 -11.93 11.37
CA GLY B 13 6.29 -12.67 10.49
C GLY B 13 4.83 -12.46 10.89
N TRP B 14 3.95 -12.46 9.91
CA TRP B 14 2.53 -12.28 10.17
C TRP B 14 1.90 -13.59 10.64
N THR B 15 2.18 -14.65 9.90
CA THR B 15 1.65 -15.97 10.22
C THR B 15 2.25 -16.51 11.51
N GLY B 16 3.50 -16.13 11.79
CA GLY B 16 4.19 -16.59 12.99
C GLY B 16 3.42 -16.19 14.24
N MET B 17 2.94 -14.95 14.27
CA MET B 17 2.19 -14.46 15.42
C MET B 17 0.87 -15.21 15.57
N ILE B 18 0.17 -15.40 14.45
CA ILE B 18 -1.10 -16.11 14.46
C ILE B 18 -0.90 -17.55 14.90
N ASP B 19 0.16 -18.17 14.40
CA ASP B 19 0.46 -19.55 14.75
C ASP B 19 0.70 -19.68 16.25
N GLY B 20 1.47 -18.74 16.80
CA GLY B 20 1.76 -18.76 18.23
C GLY B 20 0.49 -18.70 19.06
N TRP B 21 -0.46 -17.86 18.63
CA TRP B 21 -1.73 -17.72 19.35
C TRP B 21 -2.51 -19.03 19.32
N TYR B 22 -2.60 -19.64 18.15
CA TYR B 22 -3.31 -20.91 17.99
C TYR B 22 -2.58 -22.03 18.72
N GLY B 23 -1.26 -22.05 18.58
CA GLY B 23 -0.45 -23.07 19.23
C GLY B 23 -0.58 -22.99 20.73
N SER B 24 -1.67 -23.54 21.26
CA SER B 24 -1.91 -23.52 22.69
C SER B 24 -0.81 -24.28 23.43
N GLY C 1 -2.43 15.59 -5.28
CA GLY C 1 -3.68 16.38 -5.10
C GLY C 1 -4.28 16.71 -6.46
N LEU C 2 -4.97 17.84 -6.55
CA LEU C 2 -5.60 18.26 -7.80
C LEU C 2 -4.55 18.38 -8.90
N PHE C 3 -3.54 19.19 -8.67
CA PHE C 3 -2.48 19.38 -9.66
C PHE C 3 -1.74 18.08 -9.92
N GLY C 4 -1.44 17.36 -8.85
CA GLY C 4 -0.72 16.10 -8.97
C GLY C 4 -1.54 15.08 -9.75
N ALA C 5 -2.86 15.13 -9.59
CA ALA C 5 -3.74 14.20 -10.29
C ALA C 5 -3.68 14.43 -11.79
N ILE C 6 -3.70 15.68 -12.21
CA ILE C 6 -3.65 16.00 -13.63
C ILE C 6 -2.34 15.50 -14.22
N ALA C 7 -1.26 15.71 -13.51
CA ALA C 7 0.06 15.27 -13.97
C ALA C 7 0.14 13.75 -13.99
N ALA C 8 -0.32 13.11 -12.91
CA ALA C 8 -0.29 11.66 -12.82
C ALA C 8 -1.15 11.03 -13.92
N PHE C 9 -2.30 11.63 -14.18
CA PHE C 9 -3.20 11.14 -15.21
C PHE C 9 -2.52 11.13 -16.58
N ILE C 10 -1.77 12.19 -16.86
CA ILE C 10 -1.06 12.31 -18.13
C ILE C 10 0.16 11.38 -18.17
N GLU C 11 0.92 11.34 -17.07
CA GLU C 11 2.12 10.50 -17.02
C GLU C 11 1.77 9.06 -17.42
N GLY C 12 0.59 8.61 -17.02
CA GLY C 12 0.17 7.25 -17.33
C GLY C 12 -0.09 7.09 -18.82
N GLY C 13 0.27 8.11 -19.59
CA GLY C 13 0.10 8.08 -21.04
C GLY C 13 -1.37 8.21 -21.42
N TRP C 14 -1.74 9.41 -21.87
CA TRP C 14 -3.12 9.66 -22.28
C TRP C 14 -3.50 8.77 -23.47
N THR C 15 -2.53 8.49 -24.34
CA THR C 15 -2.77 7.64 -25.52
C THR C 15 -3.05 6.21 -25.08
N GLY C 16 -2.60 5.86 -23.89
CA GLY C 16 -2.81 4.53 -23.37
C GLY C 16 -4.29 4.26 -23.14
N MET C 17 -4.97 5.24 -22.56
CA MET C 17 -6.41 5.11 -22.29
C MET C 17 -7.21 4.96 -23.58
N ILE C 18 -6.96 5.86 -24.54
CA ILE C 18 -7.67 5.81 -25.81
C ILE C 18 -7.37 4.51 -26.54
N ASP C 19 -6.11 4.11 -26.52
CA ASP C 19 -5.70 2.87 -27.18
C ASP C 19 -6.46 1.68 -26.59
N GLY C 20 -6.49 1.61 -25.26
CA GLY C 20 -7.18 0.51 -24.59
C GLY C 20 -8.67 0.54 -24.89
N TRP C 21 -9.18 1.72 -25.22
CA TRP C 21 -10.60 1.86 -25.54
C TRP C 21 -10.91 1.24 -26.91
N TYR C 22 -10.23 1.73 -27.95
CA TYR C 22 -10.44 1.22 -29.30
C TYR C 22 -9.98 -0.24 -29.40
N GLY C 23 -9.26 -0.70 -28.37
CA GLY C 23 -8.76 -2.07 -28.35
C GLY C 23 -9.81 -3.02 -27.73
N SER C 24 -10.59 -3.66 -28.59
CA SER C 24 -11.62 -4.58 -28.13
C SER C 24 -10.99 -5.87 -27.59
N GLY A 1 0.45 9.43 7.27
CA GLY A 1 -0.47 8.29 6.98
C GLY A 1 -1.20 8.53 5.67
N LEU A 2 -1.61 9.78 5.45
CA LEU A 2 -2.30 10.14 4.21
C LEU A 2 -1.33 10.03 3.02
N PHE A 3 -0.20 10.72 3.11
CA PHE A 3 0.77 10.70 2.03
C PHE A 3 1.38 9.30 1.89
N GLY A 4 1.65 8.67 3.03
CA GLY A 4 2.24 7.33 3.00
C GLY A 4 1.35 6.36 2.24
N ALA A 5 0.03 6.49 2.42
CA ALA A 5 -0.91 5.62 1.73
C ALA A 5 -0.86 5.84 0.23
N ILE A 6 -0.83 7.11 -0.18
CA ILE A 6 -0.77 7.45 -1.59
C ILE A 6 0.58 7.04 -2.20
N ALA A 7 1.65 7.34 -1.48
CA ALA A 7 2.99 7.01 -1.95
C ALA A 7 3.17 5.50 -2.00
N ALA A 8 2.74 4.83 -0.95
CA ALA A 8 2.88 3.38 -0.88
C ALA A 8 1.96 2.72 -1.89
N PHE A 9 0.85 3.39 -2.22
CA PHE A 9 -0.10 2.86 -3.18
C PHE A 9 0.56 2.71 -4.55
N ILE A 10 1.35 3.68 -4.92
CA ILE A 10 2.04 3.65 -6.21
C ILE A 10 3.15 2.60 -6.22
N GLU A 11 3.88 2.52 -5.11
CA GLU A 11 5.01 1.57 -5.00
C GLU A 11 4.55 0.15 -4.65
N GLY A 12 3.79 0.03 -3.56
CA GLY A 12 3.30 -1.30 -3.13
C GLY A 12 1.85 -1.49 -3.50
N GLY A 13 1.44 -0.89 -4.60
CA GLY A 13 0.07 -1.02 -5.07
C GLY A 13 -0.93 -0.98 -3.92
N TRP A 14 -2.02 -1.71 -4.06
CA TRP A 14 -3.04 -1.75 -3.01
C TRP A 14 -2.42 -2.11 -1.66
N THR A 15 -1.67 -3.20 -1.63
CA THR A 15 -1.01 -3.64 -0.40
C THR A 15 -0.25 -2.49 0.25
N GLY A 16 0.38 -1.68 -0.58
CA GLY A 16 1.15 -0.55 -0.08
C GLY A 16 0.24 0.50 0.56
N MET A 17 -0.94 0.67 -0.02
CA MET A 17 -1.89 1.66 0.50
C MET A 17 -2.21 1.36 1.96
N ILE A 18 -2.54 0.11 2.25
CA ILE A 18 -2.87 -0.28 3.62
C ILE A 18 -1.68 -0.06 4.53
N ASP A 19 -0.51 -0.54 4.11
CA ASP A 19 0.69 -0.40 4.91
C ASP A 19 0.99 1.08 5.18
N GLY A 20 0.93 1.89 4.13
CA GLY A 20 1.20 3.31 4.28
C GLY A 20 0.23 3.95 5.25
N TRP A 21 -1.02 3.51 5.21
CA TRP A 21 -2.05 4.06 6.10
C TRP A 21 -1.68 3.82 7.56
N TYR A 22 -1.31 2.58 7.88
CA TYR A 22 -0.93 2.23 9.24
C TYR A 22 0.42 2.85 9.60
N GLY A 23 1.30 2.95 8.60
CA GLY A 23 2.62 3.54 8.83
C GLY A 23 2.54 4.78 9.70
N SER A 24 3.03 4.67 10.93
CA SER A 24 3.00 5.79 11.87
C SER A 24 4.24 6.67 11.69
N GLY B 1 4.19 -3.91 23.63
CA GLY B 1 3.88 -2.51 23.21
C GLY B 1 3.14 -2.54 21.87
N LEU B 2 2.52 -1.42 21.53
CA LEU B 2 1.79 -1.32 20.28
C LEU B 2 2.74 -1.40 19.09
N PHE B 3 3.81 -0.61 19.15
CA PHE B 3 4.78 -0.58 18.07
C PHE B 3 5.41 -1.96 17.88
N GLY B 4 5.73 -2.61 18.99
CA GLY B 4 6.33 -3.93 18.94
C GLY B 4 5.44 -4.91 18.19
N ALA B 5 4.14 -4.84 18.46
CA ALA B 5 3.20 -5.74 17.79
C ALA B 5 3.25 -5.55 16.28
N ILE B 6 3.11 -4.33 15.82
CA ILE B 6 3.15 -4.04 14.40
C ILE B 6 4.51 -4.41 13.82
N ALA B 7 5.56 -4.05 14.55
CA ALA B 7 6.93 -4.35 14.11
C ALA B 7 7.14 -5.86 14.01
N ALA B 8 6.59 -6.58 14.98
CA ALA B 8 6.73 -8.03 14.99
C ALA B 8 5.80 -8.66 13.95
N PHE B 9 4.76 -7.94 13.57
CA PHE B 9 3.81 -8.45 12.59
C PHE B 9 4.51 -8.67 11.25
N ILE B 10 5.35 -7.72 10.85
CA ILE B 10 6.08 -7.83 9.59
C ILE B 10 7.39 -8.60 9.78
N GLU B 11 8.22 -8.14 10.72
CA GLU B 11 9.50 -8.78 10.98
C GLU B 11 9.31 -10.03 11.85
N GLY B 12 8.56 -9.87 12.93
CA GLY B 12 8.31 -10.99 13.83
C GLY B 12 7.39 -12.02 13.21
N GLY B 13 7.26 -11.96 11.87
CA GLY B 13 6.41 -12.90 11.16
C GLY B 13 4.97 -12.85 11.67
N TRP B 14 4.05 -12.50 10.80
CA TRP B 14 2.65 -12.41 11.19
C TRP B 14 2.07 -13.81 11.39
N THR B 15 2.56 -14.76 10.62
CA THR B 15 2.08 -16.14 10.73
C THR B 15 2.71 -16.84 11.94
N GLY B 16 3.92 -16.42 12.30
CA GLY B 16 4.60 -17.02 13.43
C GLY B 16 3.88 -16.72 14.73
N MET B 17 3.29 -15.54 14.82
CA MET B 17 2.57 -15.13 16.01
C MET B 17 1.29 -15.96 16.17
N ILE B 18 0.64 -16.24 15.05
CA ILE B 18 -0.59 -17.03 15.06
C ILE B 18 -0.33 -18.43 15.62
N ASP B 19 0.77 -19.04 15.16
CA ASP B 19 1.12 -20.38 15.62
C ASP B 19 1.35 -20.39 17.14
N GLY B 20 2.09 -19.41 17.62
CA GLY B 20 2.37 -19.31 19.05
C GLY B 20 1.07 -19.21 19.85
N TRP B 21 0.10 -18.50 19.30
CA TRP B 21 -1.18 -18.33 19.98
C TRP B 21 -1.91 -19.68 20.09
N TYR B 22 -1.91 -20.44 18.99
CA TYR B 22 -2.58 -21.74 18.99
C TYR B 22 -1.81 -22.73 19.84
N GLY B 23 -0.56 -22.40 20.18
CA GLY B 23 0.26 -23.27 21.01
C GLY B 23 0.28 -22.81 22.45
N SER B 24 -0.43 -23.54 23.31
CA SER B 24 -0.50 -23.18 24.73
C SER B 24 0.68 -23.80 25.49
N GLY C 1 -3.02 16.17 -4.72
CA GLY C 1 -3.40 17.57 -5.08
C GLY C 1 -4.02 17.57 -6.46
N LEU C 2 -4.74 18.64 -6.78
CA LEU C 2 -5.39 18.76 -8.07
C LEU C 2 -4.36 18.65 -9.19
N PHE C 3 -3.29 19.42 -9.07
CA PHE C 3 -2.24 19.40 -10.09
C PHE C 3 -1.58 18.03 -10.15
N GLY C 4 -1.35 17.44 -8.97
CA GLY C 4 -0.71 16.12 -8.91
C GLY C 4 -1.58 15.07 -9.61
N ALA C 5 -2.89 15.18 -9.44
CA ALA C 5 -3.81 14.24 -10.06
C ALA C 5 -3.79 14.36 -11.58
N ILE C 6 -3.84 15.58 -12.07
CA ILE C 6 -3.82 15.81 -13.51
C ILE C 6 -2.49 15.35 -14.10
N ALA C 7 -1.41 15.67 -13.40
CA ALA C 7 -0.08 15.30 -13.86
C ALA C 7 0.06 13.77 -13.91
N ALA C 8 -0.44 13.09 -12.88
CA ALA C 8 -0.36 11.65 -12.83
C ALA C 8 -1.19 11.02 -13.94
N PHE C 9 -2.27 11.70 -14.33
CA PHE C 9 -3.14 11.20 -15.38
C PHE C 9 -2.42 11.23 -16.73
N ILE C 10 -1.67 12.29 -16.96
CA ILE C 10 -0.94 12.44 -18.22
C ILE C 10 0.28 11.52 -18.24
N GLU C 11 1.03 11.50 -17.14
CA GLU C 11 2.21 10.67 -17.04
C GLU C 11 1.84 9.19 -16.97
N GLY C 12 0.54 8.90 -17.06
CA GLY C 12 0.06 7.52 -17.01
C GLY C 12 0.03 6.91 -18.40
N GLY C 13 0.47 7.69 -19.40
CA GLY C 13 0.49 7.22 -20.78
C GLY C 13 -0.90 7.30 -21.40
N TRP C 14 -0.97 7.91 -22.57
CA TRP C 14 -2.25 8.07 -23.27
C TRP C 14 -2.73 6.73 -23.82
N THR C 15 -1.81 5.96 -24.39
CA THR C 15 -2.16 4.66 -24.96
C THR C 15 -2.60 3.70 -23.85
N GLY C 16 -2.24 4.04 -22.61
CA GLY C 16 -2.61 3.21 -21.47
C GLY C 16 -4.09 3.34 -21.15
N MET C 17 -4.68 4.46 -21.54
CA MET C 17 -6.10 4.70 -21.30
C MET C 17 -6.96 3.86 -22.24
N ILE C 18 -6.64 3.88 -23.52
CA ILE C 18 -7.39 3.11 -24.51
C ILE C 18 -7.23 1.61 -24.26
N ASP C 19 -6.00 1.20 -23.97
CA ASP C 19 -5.71 -0.21 -23.72
C ASP C 19 -6.55 -0.73 -22.55
N GLY C 20 -6.51 -0.02 -21.43
CA GLY C 20 -7.26 -0.44 -20.26
C GLY C 20 -8.76 -0.43 -20.53
N TRP C 21 -9.20 0.51 -21.37
CA TRP C 21 -10.61 0.61 -21.71
C TRP C 21 -11.07 -0.67 -22.43
N TYR C 22 -10.37 -1.03 -23.51
CA TYR C 22 -10.71 -2.22 -24.27
C TYR C 22 -10.29 -3.48 -23.51
N GLY C 23 -9.13 -3.42 -22.87
CA GLY C 23 -8.63 -4.55 -22.12
C GLY C 23 -9.39 -4.72 -20.81
N SER C 24 -10.71 -4.55 -20.88
CA SER C 24 -11.55 -4.69 -19.69
C SER C 24 -11.43 -6.09 -19.12
N GLY A 1 0.98 9.09 6.95
CA GLY A 1 -0.31 8.33 6.93
C GLY A 1 -1.03 8.58 5.63
N LEU A 2 -1.58 9.77 5.47
CA LEU A 2 -2.29 10.12 4.24
C LEU A 2 -1.33 10.03 3.04
N PHE A 3 -0.22 10.73 3.13
CA PHE A 3 0.75 10.72 2.04
C PHE A 3 1.37 9.34 1.91
N GLY A 4 1.67 8.72 3.04
CA GLY A 4 2.26 7.38 3.02
C GLY A 4 1.37 6.40 2.26
N ALA A 5 0.05 6.54 2.44
CA ALA A 5 -0.89 5.66 1.77
C ALA A 5 -0.86 5.87 0.27
N ILE A 6 -0.81 7.13 -0.15
CA ILE A 6 -0.77 7.46 -1.56
C ILE A 6 0.56 7.02 -2.18
N ALA A 7 1.65 7.33 -1.49
CA ALA A 7 2.98 6.98 -1.98
C ALA A 7 3.16 5.46 -2.02
N ALA A 8 2.71 4.80 -0.97
CA ALA A 8 2.82 3.35 -0.89
C ALA A 8 1.93 2.70 -1.93
N PHE A 9 0.81 3.34 -2.25
CA PHE A 9 -0.13 2.82 -3.24
C PHE A 9 0.56 2.68 -4.60
N ILE A 10 1.36 3.65 -4.93
CA ILE A 10 2.07 3.64 -6.21
C ILE A 10 3.18 2.60 -6.20
N GLU A 11 3.87 2.46 -5.07
CA GLU A 11 4.99 1.51 -4.96
C GLU A 11 4.52 0.09 -4.65
N GLY A 12 3.74 -0.05 -3.58
CA GLY A 12 3.26 -1.39 -3.16
C GLY A 12 1.80 -1.58 -3.51
N GLY A 13 1.37 -0.94 -4.59
CA GLY A 13 -0.01 -1.06 -5.05
C GLY A 13 -0.99 -1.02 -3.87
N TRP A 14 -2.08 -1.75 -3.99
CA TRP A 14 -3.09 -1.78 -2.94
C TRP A 14 -2.46 -2.14 -1.59
N THR A 15 -1.74 -3.26 -1.55
CA THR A 15 -1.10 -3.70 -0.32
C THR A 15 -0.28 -2.55 0.30
N GLY A 16 0.34 -1.76 -0.55
CA GLY A 16 1.14 -0.65 -0.07
C GLY A 16 0.27 0.41 0.60
N MET A 17 -0.94 0.59 0.09
CA MET A 17 -1.86 1.57 0.66
C MET A 17 -2.16 1.25 2.12
N ILE A 18 -2.46 -0.01 2.41
CA ILE A 18 -2.76 -0.42 3.76
C ILE A 18 -1.57 -0.18 4.67
N ASP A 19 -0.40 -0.65 4.25
CA ASP A 19 0.81 -0.50 5.05
C ASP A 19 1.12 0.98 5.25
N GLY A 20 1.00 1.77 4.19
CA GLY A 20 1.28 3.19 4.29
C GLY A 20 0.31 3.88 5.24
N TRP A 21 -0.96 3.47 5.20
CA TRP A 21 -1.97 4.05 6.07
C TRP A 21 -1.71 3.68 7.54
N TYR A 22 -1.34 2.43 7.76
CA TYR A 22 -1.06 1.97 9.11
C TYR A 22 0.24 2.59 9.64
N GLY A 23 1.21 2.77 8.75
CA GLY A 23 2.48 3.35 9.14
C GLY A 23 2.27 4.67 9.87
N SER A 24 2.46 4.65 11.19
CA SER A 24 2.30 5.86 12.00
C SER A 24 3.57 6.71 11.96
N GLY B 1 4.53 -3.80 22.98
CA GLY B 1 3.45 -2.79 22.91
C GLY B 1 2.96 -2.66 21.47
N LEU B 2 2.17 -1.63 21.21
CA LEU B 2 1.64 -1.41 19.87
C LEU B 2 2.77 -1.43 18.85
N PHE B 3 3.79 -0.61 19.06
CA PHE B 3 4.92 -0.54 18.15
C PHE B 3 5.51 -1.94 17.92
N GLY B 4 5.75 -2.65 19.02
CA GLY B 4 6.31 -4.00 18.92
C GLY B 4 5.38 -4.92 18.15
N ALA B 5 4.08 -4.81 18.43
CA ALA B 5 3.09 -5.63 17.75
C ALA B 5 3.19 -5.48 16.23
N ILE B 6 3.06 -4.25 15.76
CA ILE B 6 3.13 -3.99 14.33
C ILE B 6 4.48 -4.41 13.77
N ALA B 7 5.54 -4.11 14.52
CA ALA B 7 6.89 -4.45 14.07
C ALA B 7 7.04 -5.96 13.97
N ALA B 8 6.69 -6.66 15.05
CA ALA B 8 6.80 -8.12 15.08
C ALA B 8 5.90 -8.74 14.02
N PHE B 9 4.83 -8.04 13.68
CA PHE B 9 3.90 -8.54 12.67
C PHE B 9 4.60 -8.71 11.33
N ILE B 10 5.28 -7.65 10.90
CA ILE B 10 5.99 -7.70 9.62
C ILE B 10 7.33 -8.41 9.77
N GLU B 11 8.14 -7.93 10.70
CA GLU B 11 9.47 -8.52 10.93
C GLU B 11 9.35 -9.83 11.71
N GLY B 12 8.66 -9.79 12.83
CA GLY B 12 8.49 -10.98 13.66
C GLY B 12 7.53 -11.96 13.01
N GLY B 13 7.45 -11.90 11.69
CA GLY B 13 6.56 -12.80 10.95
C GLY B 13 5.14 -12.74 11.50
N TRP B 14 4.19 -12.40 10.64
CA TRP B 14 2.80 -12.32 11.06
C TRP B 14 2.25 -13.70 11.42
N THR B 15 2.66 -14.71 10.65
CA THR B 15 2.21 -16.07 10.90
C THR B 15 2.82 -16.61 12.18
N GLY B 16 4.10 -16.32 12.38
CA GLY B 16 4.80 -16.80 13.58
C GLY B 16 4.16 -16.25 14.84
N MET B 17 3.67 -15.02 14.78
CA MET B 17 3.03 -14.41 15.94
C MET B 17 1.78 -15.18 16.33
N ILE B 18 0.91 -15.41 15.35
CA ILE B 18 -0.33 -16.14 15.61
C ILE B 18 -0.03 -17.47 16.29
N ASP B 19 0.92 -18.22 15.73
CA ASP B 19 1.28 -19.51 16.29
C ASP B 19 1.68 -19.36 17.76
N GLY B 20 2.48 -18.34 18.04
CA GLY B 20 2.93 -18.08 19.41
C GLY B 20 1.75 -17.78 20.32
N TRP B 21 0.79 -17.01 19.80
CA TRP B 21 -0.38 -16.65 20.58
C TRP B 21 -1.14 -17.89 21.02
N TYR B 22 -1.28 -18.84 20.10
CA TYR B 22 -1.98 -20.09 20.40
C TYR B 22 -1.11 -21.01 21.25
N GLY B 23 0.18 -21.06 20.92
CA GLY B 23 1.10 -21.91 21.66
C GLY B 23 1.46 -21.28 23.00
N SER B 24 0.47 -21.19 23.88
CA SER B 24 0.68 -20.60 25.20
C SER B 24 1.40 -21.60 26.11
N GLY C 1 -2.79 15.87 -4.96
CA GLY C 1 -3.62 17.12 -5.06
C GLY C 1 -4.18 17.24 -6.47
N LEU C 2 -4.87 18.32 -6.73
CA LEU C 2 -5.45 18.56 -8.05
C LEU C 2 -4.37 18.54 -9.12
N PHE C 3 -3.34 19.35 -8.94
CA PHE C 3 -2.27 19.42 -9.90
C PHE C 3 -1.60 18.05 -10.06
N GLY C 4 -1.29 17.41 -8.94
CA GLY C 4 -0.66 16.10 -8.97
C GLY C 4 -1.54 15.09 -9.67
N ALA C 5 -2.84 15.19 -9.45
CA ALA C 5 -3.79 14.27 -10.08
C ALA C 5 -3.76 14.41 -11.59
N ILE C 6 -3.85 15.64 -12.07
CA ILE C 6 -3.83 15.88 -13.50
C ILE C 6 -2.52 15.40 -14.10
N ALA C 7 -1.43 15.66 -13.42
CA ALA C 7 -0.11 15.24 -13.89
C ALA C 7 -0.02 13.72 -13.93
N ALA C 8 -0.44 13.08 -12.87
CA ALA C 8 -0.38 11.62 -12.81
C ALA C 8 -1.20 11.02 -13.95
N PHE C 9 -2.27 11.70 -14.33
CA PHE C 9 -3.12 11.22 -15.40
C PHE C 9 -2.37 11.21 -16.73
N ILE C 10 -1.63 12.29 -17.00
CA ILE C 10 -0.87 12.40 -18.24
C ILE C 10 0.33 11.46 -18.24
N GLU C 11 1.06 11.45 -17.13
CA GLU C 11 2.24 10.61 -17.00
C GLU C 11 1.87 9.15 -17.26
N GLY C 12 0.59 8.84 -17.20
CA GLY C 12 0.13 7.48 -17.43
C GLY C 12 0.27 7.10 -18.89
N GLY C 13 1.02 7.91 -19.63
CA GLY C 13 1.23 7.64 -21.06
C GLY C 13 -0.06 7.76 -21.84
N TRP C 14 0.01 8.37 -23.01
CA TRP C 14 -1.17 8.54 -23.86
C TRP C 14 -1.59 7.20 -24.47
N THR C 15 -0.61 6.42 -24.92
CA THR C 15 -0.90 5.13 -25.52
C THR C 15 -1.47 4.16 -24.48
N GLY C 16 -0.95 4.24 -23.27
CA GLY C 16 -1.41 3.37 -22.19
C GLY C 16 -2.88 3.61 -21.89
N MET C 17 -3.27 4.87 -21.92
CA MET C 17 -4.66 5.23 -21.65
C MET C 17 -5.61 4.52 -22.62
N ILE C 18 -5.34 4.67 -23.90
CA ILE C 18 -6.18 4.04 -24.92
C ILE C 18 -6.20 2.52 -24.71
N ASP C 19 -5.05 1.96 -24.37
CA ASP C 19 -4.94 0.52 -24.15
C ASP C 19 -5.83 0.10 -22.98
N GLY C 20 -5.68 0.79 -21.86
CA GLY C 20 -6.47 0.47 -20.68
C GLY C 20 -7.94 0.68 -20.93
N TRP C 21 -8.26 1.57 -21.86
CA TRP C 21 -9.65 1.85 -22.18
C TRP C 21 -10.30 0.60 -22.82
N TYR C 22 -9.68 0.08 -23.87
CA TYR C 22 -10.20 -1.09 -24.55
C TYR C 22 -10.02 -2.33 -23.67
N GLY C 23 -8.90 -2.39 -22.96
CA GLY C 23 -8.61 -3.51 -22.10
C GLY C 23 -9.51 -3.50 -20.86
N SER C 24 -10.76 -3.09 -21.06
CA SER C 24 -11.71 -3.04 -19.95
C SER C 24 -11.61 -4.29 -19.09
N GLY A 1 0.66 9.30 6.93
CA GLY A 1 -0.65 8.59 6.93
C GLY A 1 -1.26 8.68 5.55
N LEU A 2 -1.86 9.82 5.24
CA LEU A 2 -2.47 10.00 3.93
C LEU A 2 -1.42 9.96 2.83
N PHE A 3 -0.33 10.68 3.01
CA PHE A 3 0.74 10.71 2.03
C PHE A 3 1.37 9.34 1.91
N GLY A 4 1.62 8.70 3.03
CA GLY A 4 2.23 7.37 3.02
C GLY A 4 1.37 6.38 2.25
N ALA A 5 0.06 6.52 2.37
CA ALA A 5 -0.87 5.62 1.68
C ALA A 5 -0.79 5.84 0.17
N ILE A 6 -0.79 7.10 -0.25
CA ILE A 6 -0.73 7.42 -1.66
C ILE A 6 0.62 7.00 -2.25
N ALA A 7 1.70 7.31 -1.54
CA ALA A 7 3.04 6.96 -1.99
C ALA A 7 3.21 5.43 -2.00
N ALA A 8 2.75 4.79 -0.94
CA ALA A 8 2.85 3.34 -0.84
C ALA A 8 1.91 2.67 -1.82
N PHE A 9 0.82 3.36 -2.17
CA PHE A 9 -0.15 2.82 -3.10
C PHE A 9 0.46 2.70 -4.50
N ILE A 10 1.23 3.68 -4.88
CA ILE A 10 1.87 3.66 -6.19
C ILE A 10 3.09 2.76 -6.21
N GLU A 11 3.63 2.46 -5.02
CA GLU A 11 4.82 1.62 -4.92
C GLU A 11 4.49 0.16 -4.64
N GLY A 12 3.68 -0.06 -3.60
CA GLY A 12 3.29 -1.43 -3.22
C GLY A 12 1.86 -1.74 -3.62
N GLY A 13 1.30 -0.87 -4.44
CA GLY A 13 -0.07 -1.07 -4.91
C GLY A 13 -1.06 -1.06 -3.75
N TRP A 14 -2.11 -1.86 -3.87
CA TRP A 14 -3.12 -1.92 -2.82
C TRP A 14 -2.49 -2.28 -1.47
N THR A 15 -1.65 -3.30 -1.47
CA THR A 15 -0.97 -3.73 -0.24
C THR A 15 -0.19 -2.57 0.37
N GLY A 16 0.47 -1.80 -0.47
CA GLY A 16 1.25 -0.68 0.01
C GLY A 16 0.35 0.38 0.65
N MET A 17 -0.84 0.55 0.09
CA MET A 17 -1.78 1.54 0.62
C MET A 17 -2.09 1.25 2.08
N ILE A 18 -2.37 0.00 2.39
CA ILE A 18 -2.68 -0.38 3.77
C ILE A 18 -1.50 -0.09 4.68
N ASP A 19 -0.33 -0.57 4.28
CA ASP A 19 0.88 -0.37 5.08
C ASP A 19 1.14 1.12 5.29
N GLY A 20 0.98 1.90 4.23
CA GLY A 20 1.20 3.34 4.30
C GLY A 20 0.21 4.00 5.24
N TRP A 21 -1.05 3.57 5.16
CA TRP A 21 -2.09 4.13 6.01
C TRP A 21 -1.85 3.77 7.47
N TYR A 22 -1.39 2.56 7.71
CA TYR A 22 -1.12 2.10 9.07
C TYR A 22 0.19 2.70 9.59
N GLY A 23 1.03 3.14 8.68
CA GLY A 23 2.30 3.73 9.06
C GLY A 23 2.09 5.02 9.84
N SER A 24 2.71 5.10 11.00
CA SER A 24 2.59 6.30 11.85
C SER A 24 3.79 7.21 11.66
N GLY B 1 5.19 -3.30 23.22
CA GLY B 1 3.97 -2.45 23.23
C GLY B 1 3.29 -2.52 21.88
N LEU B 2 2.50 -1.50 21.57
CA LEU B 2 1.79 -1.47 20.30
C LEU B 2 2.78 -1.48 19.14
N PHE B 3 3.82 -0.66 19.24
CA PHE B 3 4.83 -0.60 18.20
C PHE B 3 5.42 -1.97 17.93
N GLY B 4 5.76 -2.68 19.01
CA GLY B 4 6.34 -4.01 18.88
C GLY B 4 5.40 -4.95 18.13
N ALA B 5 4.12 -4.87 18.44
CA ALA B 5 3.13 -5.72 17.77
C ALA B 5 3.17 -5.50 16.27
N ILE B 6 3.16 -4.24 15.86
CA ILE B 6 3.19 -3.91 14.43
C ILE B 6 4.52 -4.35 13.81
N ALA B 7 5.62 -4.01 14.47
CA ALA B 7 6.94 -4.37 13.97
C ALA B 7 7.08 -5.87 13.89
N ALA B 8 6.68 -6.56 14.96
CA ALA B 8 6.77 -8.01 15.00
C ALA B 8 5.86 -8.64 13.93
N PHE B 9 4.75 -7.99 13.65
CA PHE B 9 3.82 -8.50 12.65
C PHE B 9 4.54 -8.72 11.33
N ILE B 10 5.36 -7.75 10.93
CA ILE B 10 6.10 -7.86 9.67
C ILE B 10 7.43 -8.59 9.87
N GLU B 11 8.24 -8.09 10.80
CA GLU B 11 9.54 -8.70 11.07
C GLU B 11 9.37 -9.94 11.96
N GLY B 12 8.60 -9.80 13.02
CA GLY B 12 8.38 -10.91 13.94
C GLY B 12 7.55 -12.00 13.28
N GLY B 13 7.14 -11.76 12.04
CA GLY B 13 6.34 -12.74 11.30
C GLY B 13 4.91 -12.79 11.81
N TRP B 14 3.97 -12.45 10.93
CA TRP B 14 2.56 -12.45 11.29
C TRP B 14 2.05 -13.86 11.56
N THR B 15 2.56 -14.82 10.78
CA THR B 15 2.16 -16.21 10.93
C THR B 15 2.78 -16.80 12.19
N GLY B 16 3.97 -16.33 12.54
CA GLY B 16 4.66 -16.82 13.72
C GLY B 16 3.94 -16.39 15.00
N MET B 17 3.52 -15.14 15.04
CA MET B 17 2.81 -14.62 16.21
C MET B 17 1.54 -15.42 16.46
N ILE B 18 0.82 -15.73 15.38
CA ILE B 18 -0.41 -16.50 15.49
C ILE B 18 -0.14 -17.87 16.10
N ASP B 19 0.92 -18.52 15.63
CA ASP B 19 1.27 -19.83 16.15
C ASP B 19 1.59 -19.75 17.64
N GLY B 20 2.25 -18.67 18.03
CA GLY B 20 2.60 -18.47 19.44
C GLY B 20 1.36 -18.21 20.29
N TRP B 21 0.46 -17.39 19.76
CA TRP B 21 -0.77 -17.06 20.49
C TRP B 21 -1.57 -18.33 20.76
N TYR B 22 -1.68 -19.18 19.75
CA TYR B 22 -2.42 -20.43 19.88
C TYR B 22 -1.75 -21.34 20.91
N GLY B 23 -0.43 -21.43 20.84
CA GLY B 23 0.32 -22.28 21.77
C GLY B 23 0.24 -21.72 23.18
N SER B 24 -0.90 -21.92 23.83
CA SER B 24 -1.08 -21.44 25.19
C SER B 24 -0.10 -22.12 26.14
N GLY C 1 -3.30 16.02 -4.95
CA GLY C 1 -4.12 17.22 -5.22
C GLY C 1 -4.55 17.22 -6.68
N LEU C 2 -5.31 18.23 -7.07
CA LEU C 2 -5.79 18.35 -8.44
C LEU C 2 -4.60 18.40 -9.40
N PHE C 3 -3.61 19.22 -9.07
CA PHE C 3 -2.44 19.36 -9.91
C PHE C 3 -1.69 18.03 -10.01
N GLY C 4 -1.55 17.34 -8.88
CA GLY C 4 -0.85 16.06 -8.86
C GLY C 4 -1.62 15.02 -9.66
N ALA C 5 -2.94 15.06 -9.55
CA ALA C 5 -3.78 14.10 -10.27
C ALA C 5 -3.68 14.31 -11.77
N ILE C 6 -3.75 15.55 -12.21
CA ILE C 6 -3.66 15.85 -13.62
C ILE C 6 -2.29 15.43 -14.16
N ALA C 7 -1.26 15.73 -13.40
CA ALA C 7 0.10 15.40 -13.81
C ALA C 7 0.27 13.88 -13.89
N ALA C 8 -0.27 13.17 -12.91
CA ALA C 8 -0.16 11.71 -12.89
C ALA C 8 -1.13 11.10 -13.90
N PHE C 9 -2.18 11.84 -14.21
CA PHE C 9 -3.18 11.37 -15.16
C PHE C 9 -2.58 11.25 -16.56
N ILE C 10 -1.81 12.26 -16.96
CA ILE C 10 -1.18 12.26 -18.29
C ILE C 10 0.03 11.34 -18.30
N GLU C 11 0.82 11.38 -17.23
CA GLU C 11 2.02 10.57 -17.13
C GLU C 11 1.65 9.08 -17.04
N GLY C 12 0.36 8.81 -16.92
CA GLY C 12 -0.10 7.44 -16.83
C GLY C 12 -0.02 6.74 -18.19
N GLY C 13 0.21 7.53 -19.22
CA GLY C 13 0.30 6.98 -20.59
C GLY C 13 -1.07 6.93 -21.23
N TRP C 14 -1.28 7.78 -22.22
CA TRP C 14 -2.56 7.84 -22.93
C TRP C 14 -3.00 6.42 -23.35
N THR C 15 -2.09 5.70 -24.01
CA THR C 15 -2.39 4.35 -24.46
C THR C 15 -2.65 3.43 -23.27
N GLY C 16 -2.12 3.80 -22.11
CA GLY C 16 -2.31 3.01 -20.90
C GLY C 16 -3.74 3.13 -20.39
N MET C 17 -4.25 4.36 -20.37
CA MET C 17 -5.61 4.60 -19.90
C MET C 17 -6.61 3.71 -20.63
N ILE C 18 -6.52 3.70 -21.95
CA ILE C 18 -7.43 2.90 -22.76
C ILE C 18 -7.29 1.41 -22.40
N ASP C 19 -6.05 0.93 -22.34
CA ASP C 19 -5.79 -0.46 -22.01
C ASP C 19 -6.40 -0.81 -20.65
N GLY C 20 -6.22 0.07 -19.69
CA GLY C 20 -6.76 -0.16 -18.35
C GLY C 20 -8.27 -0.12 -18.36
N TRP C 21 -8.84 0.73 -19.21
CA TRP C 21 -10.29 0.85 -19.31
C TRP C 21 -10.93 -0.51 -19.62
N TYR C 22 -10.49 -1.12 -20.71
CA TYR C 22 -11.02 -2.42 -21.10
C TYR C 22 -10.79 -3.44 -20.00
N GLY C 23 -9.61 -3.40 -19.40
CA GLY C 23 -9.26 -4.31 -18.33
C GLY C 23 -10.03 -3.99 -17.06
N SER C 24 -11.33 -3.74 -17.19
CA SER C 24 -12.16 -3.42 -16.04
C SER C 24 -12.29 -4.62 -15.12
N GLY A 1 0.98 8.85 6.92
CA GLY A 1 -0.35 8.19 6.91
C GLY A 1 -1.08 8.51 5.62
N LEU A 2 -1.47 9.78 5.47
CA LEU A 2 -2.18 10.21 4.27
C LEU A 2 -1.28 10.07 3.04
N PHE A 3 -0.12 10.73 3.08
CA PHE A 3 0.81 10.67 1.98
C PHE A 3 1.40 9.27 1.86
N GLY A 4 1.70 8.66 3.01
CA GLY A 4 2.26 7.31 3.01
C GLY A 4 1.35 6.35 2.25
N ALA A 5 0.04 6.52 2.41
CA ALA A 5 -0.93 5.65 1.74
C ALA A 5 -0.87 5.88 0.23
N ILE A 6 -0.85 7.14 -0.18
CA ILE A 6 -0.81 7.47 -1.61
C ILE A 6 0.53 7.05 -2.22
N ALA A 7 1.62 7.35 -1.50
CA ALA A 7 2.95 7.00 -1.97
C ALA A 7 3.14 5.49 -2.00
N ALA A 8 2.72 4.84 -0.93
CA ALA A 8 2.85 3.40 -0.85
C ALA A 8 1.95 2.73 -1.88
N PHE A 9 0.83 3.36 -2.21
CA PHE A 9 -0.09 2.82 -3.18
C PHE A 9 0.58 2.70 -4.55
N ILE A 10 1.35 3.69 -4.90
CA ILE A 10 2.05 3.69 -6.18
C ILE A 10 3.17 2.64 -6.20
N GLU A 11 3.88 2.50 -5.08
CA GLU A 11 5.00 1.55 -4.99
C GLU A 11 4.53 0.11 -4.68
N GLY A 12 3.70 -0.04 -3.65
CA GLY A 12 3.22 -1.38 -3.24
C GLY A 12 1.75 -1.57 -3.58
N GLY A 13 1.32 -0.99 -4.69
CA GLY A 13 -0.08 -1.10 -5.13
C GLY A 13 -1.03 -1.05 -3.92
N TRP A 14 -2.11 -1.81 -4.00
CA TRP A 14 -3.10 -1.84 -2.92
C TRP A 14 -2.42 -2.13 -1.57
N THR A 15 -1.64 -3.21 -1.52
CA THR A 15 -0.95 -3.61 -0.30
C THR A 15 -0.20 -2.42 0.30
N GLY A 16 0.38 -1.60 -0.55
CA GLY A 16 1.12 -0.44 -0.09
C GLY A 16 0.19 0.56 0.60
N MET A 17 -1.03 0.69 0.09
CA MET A 17 -2.00 1.62 0.67
C MET A 17 -2.27 1.27 2.12
N ILE A 18 -2.52 0.00 2.39
CA ILE A 18 -2.80 -0.44 3.75
C ILE A 18 -1.59 -0.18 4.65
N ASP A 19 -0.43 -0.65 4.23
CA ASP A 19 0.77 -0.47 5.02
C ASP A 19 1.07 1.01 5.23
N GLY A 20 0.89 1.80 4.17
CA GLY A 20 1.15 3.24 4.25
C GLY A 20 0.17 3.91 5.21
N TRP A 21 -1.09 3.49 5.18
CA TRP A 21 -2.09 4.06 6.05
C TRP A 21 -1.82 3.69 7.51
N TYR A 22 -1.36 2.46 7.72
CA TYR A 22 -1.05 1.99 9.06
C TYR A 22 0.31 2.51 9.52
N GLY A 23 1.26 2.58 8.59
CA GLY A 23 2.60 3.07 8.92
C GLY A 23 2.54 4.39 9.64
N SER A 24 2.36 4.34 10.96
CA SER A 24 2.28 5.57 11.75
C SER A 24 3.38 6.55 11.35
N GLY B 1 4.61 -3.15 23.30
CA GLY B 1 3.56 -2.13 23.05
C GLY B 1 3.01 -2.29 21.64
N LEU B 2 2.24 -1.31 21.20
CA LEU B 2 1.66 -1.36 19.86
C LEU B 2 2.75 -1.39 18.80
N PHE B 3 3.78 -0.59 19.02
CA PHE B 3 4.88 -0.53 18.07
C PHE B 3 5.50 -1.91 17.87
N GLY B 4 5.81 -2.57 18.97
CA GLY B 4 6.41 -3.91 18.90
C GLY B 4 5.47 -4.88 18.20
N ALA B 5 4.18 -4.77 18.51
CA ALA B 5 3.18 -5.65 17.91
C ALA B 5 3.18 -5.51 16.39
N ILE B 6 3.10 -4.28 15.91
CA ILE B 6 3.10 -4.02 14.48
C ILE B 6 4.43 -4.44 13.86
N ALA B 7 5.52 -4.10 14.54
CA ALA B 7 6.85 -4.44 14.03
C ALA B 7 7.00 -5.96 13.94
N ALA B 8 6.53 -6.66 14.96
CA ALA B 8 6.63 -8.11 14.98
C ALA B 8 5.80 -8.71 13.86
N PHE B 9 4.66 -8.08 13.57
CA PHE B 9 3.79 -8.58 12.51
C PHE B 9 4.57 -8.69 11.21
N ILE B 10 5.42 -7.71 10.95
CA ILE B 10 6.23 -7.70 9.72
C ILE B 10 7.52 -8.51 9.92
N GLU B 11 8.33 -8.08 10.90
CA GLU B 11 9.61 -8.76 11.19
C GLU B 11 9.39 -10.04 12.01
N GLY B 12 8.59 -9.93 13.05
CA GLY B 12 8.31 -11.08 13.92
C GLY B 12 7.33 -12.04 13.25
N GLY B 13 7.10 -11.82 11.96
CA GLY B 13 6.17 -12.67 11.21
C GLY B 13 4.73 -12.24 11.43
N TRP B 14 3.88 -12.45 10.43
CA TRP B 14 2.47 -12.07 10.55
C TRP B 14 1.70 -13.14 11.31
N THR B 15 2.04 -14.40 11.05
CA THR B 15 1.37 -15.52 11.71
C THR B 15 1.98 -15.80 13.08
N GLY B 16 3.26 -15.46 13.24
CA GLY B 16 3.95 -15.70 14.50
C GLY B 16 3.23 -15.03 15.66
N MET B 17 2.80 -13.79 15.46
CA MET B 17 2.09 -13.06 16.51
C MET B 17 0.77 -13.73 16.83
N ILE B 18 0.05 -14.16 15.80
CA ILE B 18 -1.23 -14.81 15.98
C ILE B 18 -1.05 -16.12 16.75
N ASP B 19 -0.03 -16.88 16.37
CA ASP B 19 0.24 -18.16 17.02
C ASP B 19 0.51 -17.94 18.50
N GLY B 20 1.28 -16.91 18.81
CA GLY B 20 1.62 -16.61 20.20
C GLY B 20 0.37 -16.21 20.98
N TRP B 21 -0.52 -15.46 20.34
CA TRP B 21 -1.75 -15.03 20.99
C TRP B 21 -2.60 -16.25 21.39
N TYR B 22 -2.69 -17.22 20.48
CA TYR B 22 -3.47 -18.43 20.74
C TYR B 22 -2.75 -19.33 21.74
N GLY B 23 -1.43 -19.43 21.60
CA GLY B 23 -0.64 -20.27 22.49
C GLY B 23 -0.50 -19.62 23.86
N SER B 24 -1.63 -19.21 24.42
CA SER B 24 -1.62 -18.58 25.75
C SER B 24 -1.05 -19.53 26.79
N GLY C 1 -2.01 15.58 -5.49
CA GLY C 1 -3.43 15.92 -5.21
C GLY C 1 -4.09 16.43 -6.47
N LEU C 2 -4.91 17.47 -6.34
CA LEU C 2 -5.60 18.03 -7.51
C LEU C 2 -4.62 18.21 -8.68
N PHE C 3 -3.66 19.10 -8.50
CA PHE C 3 -2.68 19.37 -9.54
C PHE C 3 -1.86 18.12 -9.84
N GLY C 4 -1.52 17.39 -8.79
CA GLY C 4 -0.74 16.18 -8.93
C GLY C 4 -1.50 15.13 -9.75
N ALA C 5 -2.82 15.12 -9.58
CA ALA C 5 -3.65 14.16 -10.29
C ALA C 5 -3.58 14.40 -11.79
N ILE C 6 -3.66 15.66 -12.18
CA ILE C 6 -3.59 16.00 -13.60
C ILE C 6 -2.30 15.49 -14.21
N ALA C 7 -1.19 15.72 -13.51
CA ALA C 7 0.11 15.28 -14.01
C ALA C 7 0.17 13.74 -14.03
N ALA C 8 -0.24 13.12 -12.94
CA ALA C 8 -0.24 11.67 -12.84
C ALA C 8 -1.18 11.06 -13.88
N PHE C 9 -2.20 11.84 -14.28
CA PHE C 9 -3.17 11.38 -15.26
C PHE C 9 -2.54 11.23 -16.64
N ILE C 10 -1.66 12.18 -16.98
CA ILE C 10 -0.99 12.16 -18.29
C ILE C 10 0.15 11.15 -18.28
N GLU C 11 0.92 11.12 -17.19
CA GLU C 11 2.05 10.19 -17.09
C GLU C 11 1.63 8.78 -17.48
N GLY C 12 0.37 8.45 -17.22
CA GLY C 12 -0.13 7.12 -17.55
C GLY C 12 -0.21 6.93 -19.05
N GLY C 13 0.26 7.94 -19.78
CA GLY C 13 0.25 7.87 -21.25
C GLY C 13 -1.12 8.24 -21.81
N TRP C 14 -1.18 9.39 -22.46
CA TRP C 14 -2.42 9.86 -23.07
C TRP C 14 -2.85 8.93 -24.21
N THR C 15 -1.87 8.39 -24.93
CA THR C 15 -2.16 7.50 -26.04
C THR C 15 -2.68 6.16 -25.53
N GLY C 16 -2.07 5.66 -24.46
CA GLY C 16 -2.47 4.39 -23.88
C GLY C 16 -3.98 4.35 -23.68
N MET C 17 -4.55 5.46 -23.23
CA MET C 17 -5.99 5.53 -23.00
C MET C 17 -6.76 5.44 -24.32
N ILE C 18 -6.37 6.26 -25.29
CA ILE C 18 -7.04 6.26 -26.58
C ILE C 18 -6.89 4.90 -27.25
N ASP C 19 -5.69 4.34 -27.17
CA ASP C 19 -5.43 3.04 -27.77
C ASP C 19 -6.29 1.96 -27.12
N GLY C 20 -6.38 2.00 -25.79
CA GLY C 20 -7.17 1.02 -25.06
C GLY C 20 -8.64 1.15 -25.40
N TRP C 21 -9.09 2.37 -25.65
CA TRP C 21 -10.48 2.62 -25.99
C TRP C 21 -10.86 1.85 -27.26
N TYR C 22 -10.08 2.05 -28.32
CA TYR C 22 -10.34 1.38 -29.58
C TYR C 22 -10.05 -0.11 -29.45
N GLY C 23 -8.97 -0.45 -28.76
CA GLY C 23 -8.58 -1.84 -28.57
C GLY C 23 -9.63 -2.57 -27.74
N SER C 24 -10.66 -3.09 -28.42
CA SER C 24 -11.72 -3.82 -27.74
C SER C 24 -11.15 -4.84 -26.75
N GLY A 1 1.04 9.67 6.98
CA GLY A 1 -0.23 8.88 7.15
C GLY A 1 -0.99 8.85 5.83
N LEU A 2 -1.63 9.94 5.50
CA LEU A 2 -2.37 10.02 4.24
C LEU A 2 -1.40 9.97 3.05
N PHE A 3 -0.32 10.71 3.16
CA PHE A 3 0.66 10.75 2.08
C PHE A 3 1.32 9.38 1.92
N GLY A 4 1.63 8.73 3.04
CA GLY A 4 2.25 7.43 2.99
C GLY A 4 1.39 6.43 2.22
N ALA A 5 0.08 6.52 2.41
CA ALA A 5 -0.85 5.61 1.72
C ALA A 5 -0.79 5.85 0.21
N ILE A 6 -0.77 7.11 -0.19
CA ILE A 6 -0.71 7.44 -1.60
C ILE A 6 0.62 7.00 -2.21
N ALA A 7 1.71 7.28 -1.51
CA ALA A 7 3.03 6.91 -1.98
C ALA A 7 3.18 5.40 -2.01
N ALA A 8 2.75 4.75 -0.93
CA ALA A 8 2.85 3.30 -0.84
C ALA A 8 1.90 2.64 -1.84
N PHE A 9 0.85 3.37 -2.23
CA PHE A 9 -0.11 2.84 -3.17
C PHE A 9 0.51 2.72 -4.56
N ILE A 10 1.31 3.69 -4.93
CA ILE A 10 1.96 3.68 -6.23
C ILE A 10 3.14 2.70 -6.25
N GLU A 11 3.76 2.49 -5.08
CA GLU A 11 4.92 1.59 -4.99
C GLU A 11 4.51 0.16 -4.62
N GLY A 12 3.81 0.02 -3.51
CA GLY A 12 3.37 -1.31 -3.04
C GLY A 12 1.92 -1.55 -3.38
N GLY A 13 1.45 -0.92 -4.44
CA GLY A 13 0.07 -1.09 -4.87
C GLY A 13 -0.89 -1.07 -3.68
N TRP A 14 -1.97 -1.83 -3.79
CA TRP A 14 -2.96 -1.90 -2.72
C TRP A 14 -2.31 -2.27 -1.39
N THR A 15 -1.56 -3.36 -1.39
CA THR A 15 -0.88 -3.81 -0.17
C THR A 15 -0.07 -2.66 0.44
N GLY A 16 0.55 -1.87 -0.39
CA GLY A 16 1.35 -0.75 0.08
C GLY A 16 0.46 0.31 0.74
N MET A 17 -0.70 0.54 0.16
CA MET A 17 -1.63 1.53 0.70
C MET A 17 -1.95 1.25 2.15
N ILE A 18 -2.26 -0.01 2.46
CA ILE A 18 -2.58 -0.40 3.82
C ILE A 18 -1.39 -0.16 4.73
N ASP A 19 -0.21 -0.59 4.28
CA ASP A 19 1.00 -0.42 5.09
C ASP A 19 1.30 1.05 5.31
N GLY A 20 1.19 1.85 4.25
CA GLY A 20 1.46 3.28 4.35
C GLY A 20 0.50 3.95 5.31
N TRP A 21 -0.76 3.52 5.26
CA TRP A 21 -1.79 4.10 6.13
C TRP A 21 -1.47 3.82 7.59
N TYR A 22 -1.08 2.58 7.88
CA TYR A 22 -0.75 2.19 9.24
C TYR A 22 0.68 2.57 9.58
N GLY A 23 1.39 3.12 8.59
CA GLY A 23 2.77 3.53 8.80
C GLY A 23 2.84 4.82 9.60
N SER A 24 3.93 4.99 10.35
CA SER A 24 4.11 6.19 11.17
C SER A 24 5.23 7.07 10.59
N GLY B 1 5.26 -3.22 23.39
CA GLY B 1 4.31 -2.08 23.22
C GLY B 1 3.59 -2.21 21.89
N LEU B 2 2.74 -1.24 21.59
CA LEU B 2 2.00 -1.27 20.33
C LEU B 2 2.94 -1.36 19.14
N PHE B 3 3.99 -0.54 19.15
CA PHE B 3 4.96 -0.55 18.07
C PHE B 3 5.50 -1.96 17.85
N GLY B 4 5.83 -2.64 18.94
CA GLY B 4 6.37 -3.99 18.87
C GLY B 4 5.41 -4.91 18.13
N ALA B 5 4.14 -4.86 18.52
CA ALA B 5 3.13 -5.70 17.88
C ALA B 5 3.15 -5.52 16.37
N ILE B 6 3.10 -4.27 15.93
CA ILE B 6 3.11 -3.99 14.50
C ILE B 6 4.43 -4.43 13.88
N ALA B 7 5.53 -4.04 14.52
CA ALA B 7 6.85 -4.40 14.00
C ALA B 7 7.01 -5.91 13.92
N ALA B 8 6.57 -6.60 14.97
CA ALA B 8 6.65 -8.05 15.00
C ALA B 8 5.80 -8.67 13.89
N PHE B 9 4.68 -8.04 13.59
CA PHE B 9 3.80 -8.54 12.55
C PHE B 9 4.58 -8.72 11.24
N ILE B 10 5.39 -7.73 10.91
CA ILE B 10 6.19 -7.79 9.68
C ILE B 10 7.54 -8.45 9.93
N GLU B 11 8.31 -7.90 10.87
CA GLU B 11 9.62 -8.45 11.20
C GLU B 11 9.48 -9.75 11.99
N GLY B 12 8.61 -9.73 13.00
CA GLY B 12 8.39 -10.92 13.83
C GLY B 12 7.64 -11.99 13.05
N GLY B 13 7.41 -11.74 11.77
CA GLY B 13 6.70 -12.70 10.93
C GLY B 13 5.23 -12.76 11.31
N TRP B 14 4.37 -12.28 10.41
CA TRP B 14 2.94 -12.29 10.66
C TRP B 14 2.48 -13.68 11.10
N THR B 15 2.95 -14.70 10.39
CA THR B 15 2.58 -16.08 10.71
C THR B 15 3.29 -16.53 11.99
N GLY B 16 4.43 -15.91 12.28
CA GLY B 16 5.20 -16.26 13.47
C GLY B 16 4.42 -15.95 14.74
N MET B 17 3.65 -14.88 14.70
CA MET B 17 2.86 -14.48 15.86
C MET B 17 1.71 -15.46 16.08
N ILE B 18 1.13 -15.93 14.98
CA ILE B 18 0.01 -16.87 15.07
C ILE B 18 0.46 -18.17 15.73
N ASP B 19 1.61 -18.69 15.30
CA ASP B 19 2.13 -19.92 15.87
C ASP B 19 2.54 -19.71 17.32
N GLY B 20 3.09 -18.53 17.61
CA GLY B 20 3.53 -18.21 18.96
C GLY B 20 2.34 -18.10 19.91
N TRP B 21 1.23 -17.56 19.39
CA TRP B 21 0.03 -17.40 20.21
C TRP B 21 -0.58 -18.76 20.53
N TYR B 22 -0.59 -19.65 19.55
CA TYR B 22 -1.16 -20.98 19.75
C TYR B 22 -0.30 -21.79 20.72
N GLY B 23 1.02 -21.70 20.55
CA GLY B 23 1.93 -22.43 21.42
C GLY B 23 1.97 -21.81 22.80
N SER B 24 0.94 -22.10 23.60
CA SER B 24 0.87 -21.57 24.96
C SER B 24 1.96 -22.18 25.84
N GLY C 1 -3.83 15.91 -4.66
CA GLY C 1 -4.27 17.27 -5.09
C GLY C 1 -4.74 17.23 -6.53
N LEU C 2 -5.21 18.36 -7.02
CA LEU C 2 -5.70 18.45 -8.39
C LEU C 2 -4.54 18.48 -9.37
N PHE C 3 -3.52 19.29 -9.05
CA PHE C 3 -2.37 19.41 -9.92
C PHE C 3 -1.62 18.09 -10.00
N GLY C 4 -1.56 17.38 -8.89
CA GLY C 4 -0.86 16.10 -8.86
C GLY C 4 -1.61 15.05 -9.67
N ALA C 5 -2.93 15.04 -9.53
CA ALA C 5 -3.77 14.08 -10.25
C ALA C 5 -3.66 14.30 -11.75
N ILE C 6 -3.80 15.54 -12.18
CA ILE C 6 -3.72 15.86 -13.60
C ILE C 6 -2.38 15.42 -14.16
N ALA C 7 -1.33 15.69 -13.42
CA ALA C 7 0.02 15.31 -13.85
C ALA C 7 0.16 13.79 -13.93
N ALA C 8 -0.29 13.11 -12.87
CA ALA C 8 -0.20 11.65 -12.84
C ALA C 8 -1.15 11.03 -13.87
N PHE C 9 -2.18 11.79 -14.24
CA PHE C 9 -3.16 11.32 -15.22
C PHE C 9 -2.54 11.24 -16.61
N ILE C 10 -1.79 12.28 -16.97
CA ILE C 10 -1.13 12.32 -18.28
C ILE C 10 0.14 11.49 -18.28
N GLU C 11 0.92 11.61 -17.21
CA GLU C 11 2.16 10.86 -17.09
C GLU C 11 1.90 9.36 -17.11
N GLY C 12 0.66 8.98 -16.85
CA GLY C 12 0.30 7.57 -16.85
C GLY C 12 0.28 7.01 -18.27
N GLY C 13 0.49 7.88 -19.25
CA GLY C 13 0.49 7.47 -20.65
C GLY C 13 -0.93 7.23 -21.14
N TRP C 14 -1.28 7.90 -22.24
CA TRP C 14 -2.61 7.76 -22.81
C TRP C 14 -2.94 6.31 -23.08
N THR C 15 -2.06 5.63 -23.80
CA THR C 15 -2.27 4.22 -24.13
C THR C 15 -2.25 3.37 -22.87
N GLY C 16 -1.53 3.84 -21.85
CA GLY C 16 -1.45 3.12 -20.59
C GLY C 16 -2.79 3.09 -19.88
N MET C 17 -3.45 4.23 -19.82
CA MET C 17 -4.75 4.33 -19.16
C MET C 17 -5.75 3.37 -19.81
N ILE C 18 -5.77 3.32 -21.13
CA ILE C 18 -6.68 2.44 -21.84
C ILE C 18 -6.34 0.98 -21.58
N ASP C 19 -5.04 0.67 -21.61
CA ASP C 19 -4.59 -0.70 -21.38
C ASP C 19 -5.04 -1.18 -20.01
N GLY C 20 -4.92 -0.32 -19.00
CA GLY C 20 -5.31 -0.70 -17.64
C GLY C 20 -6.82 -0.81 -17.53
N TRP C 21 -7.54 0.06 -18.23
CA TRP C 21 -8.99 0.04 -18.20
C TRP C 21 -9.51 -1.37 -18.52
N TYR C 22 -9.12 -1.88 -19.67
CA TYR C 22 -9.54 -3.22 -20.09
C TYR C 22 -8.97 -4.27 -19.14
N GLY C 23 -7.71 -4.10 -18.78
CA GLY C 23 -7.05 -5.04 -17.89
C GLY C 23 -7.59 -4.91 -16.47
N SER C 24 -8.92 -4.83 -16.35
CA SER C 24 -9.55 -4.71 -15.03
C SER C 24 -9.32 -5.97 -14.21
N GLY A 1 0.39 9.34 7.25
CA GLY A 1 -0.45 8.17 6.89
C GLY A 1 -1.16 8.44 5.58
N LEU A 2 -1.71 9.64 5.44
CA LEU A 2 -2.40 10.01 4.21
C LEU A 2 -1.43 9.96 3.03
N PHE A 3 -0.32 10.70 3.14
CA PHE A 3 0.67 10.73 2.08
C PHE A 3 1.33 9.36 1.93
N GLY A 4 1.63 8.73 3.06
CA GLY A 4 2.26 7.41 3.03
C GLY A 4 1.39 6.42 2.25
N ALA A 5 0.08 6.53 2.41
CA ALA A 5 -0.85 5.64 1.72
C ALA A 5 -0.79 5.86 0.22
N ILE A 6 -0.76 7.12 -0.19
CA ILE A 6 -0.71 7.45 -1.61
C ILE A 6 0.63 7.00 -2.22
N ALA A 7 1.71 7.31 -1.52
CA ALA A 7 3.04 6.94 -2.00
C ALA A 7 3.20 5.43 -2.02
N ALA A 8 2.73 4.78 -0.97
CA ALA A 8 2.83 3.33 -0.88
C ALA A 8 1.89 2.67 -1.88
N PHE A 9 0.80 3.36 -2.23
CA PHE A 9 -0.15 2.83 -3.18
C PHE A 9 0.50 2.69 -4.56
N ILE A 10 1.28 3.67 -4.93
CA ILE A 10 1.96 3.64 -6.23
C ILE A 10 3.14 2.68 -6.21
N GLU A 11 3.76 2.50 -5.04
CA GLU A 11 4.93 1.61 -4.93
C GLU A 11 4.52 0.17 -4.59
N GLY A 12 3.74 0.01 -3.53
CA GLY A 12 3.30 -1.35 -3.11
C GLY A 12 1.85 -1.58 -3.47
N GLY A 13 1.39 -0.93 -4.52
CA GLY A 13 0.02 -1.09 -4.98
C GLY A 13 -0.96 -1.07 -3.81
N TRP A 14 -2.04 -1.83 -3.92
CA TRP A 14 -3.04 -1.88 -2.87
C TRP A 14 -2.41 -2.23 -1.52
N THR A 15 -1.62 -3.29 -1.49
CA THR A 15 -0.95 -3.72 -0.27
C THR A 15 -0.17 -2.56 0.35
N GLY A 16 0.47 -1.77 -0.49
CA GLY A 16 1.24 -0.64 -0.01
C GLY A 16 0.33 0.42 0.63
N MET A 17 -0.85 0.59 0.07
CA MET A 17 -1.79 1.57 0.59
C MET A 17 -2.10 1.28 2.06
N ILE A 18 -2.40 0.03 2.35
CA ILE A 18 -2.71 -0.36 3.72
C ILE A 18 -1.52 -0.09 4.63
N ASP A 19 -0.34 -0.53 4.22
CA ASP A 19 0.86 -0.34 5.01
C ASP A 19 1.13 1.15 5.26
N GLY A 20 1.06 1.94 4.20
CA GLY A 20 1.30 3.37 4.31
C GLY A 20 0.30 4.01 5.26
N TRP A 21 -0.95 3.54 5.19
CA TRP A 21 -2.00 4.08 6.05
C TRP A 21 -1.72 3.75 7.51
N TYR A 22 -1.26 2.53 7.75
CA TYR A 22 -0.96 2.08 9.12
C TYR A 22 0.48 2.43 9.49
N GLY A 23 1.21 3.00 8.54
CA GLY A 23 2.60 3.37 8.78
C GLY A 23 2.68 4.69 9.55
N SER A 24 2.74 4.60 10.87
CA SER A 24 2.82 5.79 11.71
C SER A 24 4.27 6.27 11.82
N GLY B 1 5.40 -3.22 22.69
CA GLY B 1 4.06 -2.57 22.90
C GLY B 1 3.35 -2.44 21.56
N LEU B 2 2.73 -1.29 21.34
CA LEU B 2 2.01 -1.06 20.10
C LEU B 2 2.95 -1.19 18.90
N PHE B 3 4.12 -0.58 19.02
CA PHE B 3 5.09 -0.63 17.93
C PHE B 3 5.61 -2.05 17.74
N GLY B 4 5.87 -2.74 18.85
CA GLY B 4 6.37 -4.10 18.80
C GLY B 4 5.37 -5.01 18.10
N ALA B 5 4.10 -4.79 18.37
CA ALA B 5 3.04 -5.59 17.76
C ALA B 5 3.07 -5.47 16.24
N ILE B 6 2.99 -4.23 15.76
CA ILE B 6 3.00 -3.98 14.33
C ILE B 6 4.35 -4.37 13.73
N ALA B 7 5.42 -4.14 14.49
CA ALA B 7 6.76 -4.47 14.03
C ALA B 7 6.98 -5.98 14.02
N ALA B 8 6.62 -6.62 15.12
CA ALA B 8 6.78 -8.07 15.23
C ALA B 8 5.93 -8.79 14.20
N PHE B 9 4.88 -8.11 13.74
CA PHE B 9 3.99 -8.70 12.74
C PHE B 9 4.68 -8.73 11.37
N ILE B 10 5.28 -7.61 10.99
CA ILE B 10 5.97 -7.51 9.69
C ILE B 10 7.39 -8.08 9.79
N GLU B 11 8.19 -7.50 10.67
CA GLU B 11 9.58 -7.96 10.85
C GLU B 11 9.62 -9.30 11.59
N GLY B 12 8.84 -9.39 12.66
CA GLY B 12 8.80 -10.62 13.45
C GLY B 12 8.07 -11.73 12.69
N GLY B 13 7.88 -11.54 11.39
CA GLY B 13 7.19 -12.53 10.58
C GLY B 13 5.85 -12.92 11.19
N TRP B 14 4.77 -12.34 10.67
CA TRP B 14 3.43 -12.63 11.19
C TRP B 14 3.22 -14.13 11.36
N THR B 15 3.64 -14.90 10.37
CA THR B 15 3.51 -16.35 10.44
C THR B 15 4.40 -16.92 11.54
N GLY B 16 5.57 -16.32 11.72
CA GLY B 16 6.49 -16.78 12.74
C GLY B 16 5.91 -16.62 14.14
N MET B 17 5.19 -15.52 14.35
CA MET B 17 4.58 -15.26 15.66
C MET B 17 3.54 -16.33 15.99
N ILE B 18 2.72 -16.67 15.01
CA ILE B 18 1.68 -17.68 15.21
C ILE B 18 2.30 -19.00 15.66
N ASP B 19 3.37 -19.39 14.98
CA ASP B 19 4.05 -20.64 15.31
C ASP B 19 4.47 -20.63 16.78
N GLY B 20 4.99 -19.48 17.23
CA GLY B 20 5.44 -19.35 18.61
C GLY B 20 4.26 -19.48 19.58
N TRP B 21 3.14 -18.87 19.22
CA TRP B 21 1.96 -18.91 20.07
C TRP B 21 1.49 -20.36 20.25
N TYR B 22 1.56 -21.14 19.18
CA TYR B 22 1.15 -22.54 19.22
C TYR B 22 2.24 -23.39 19.87
N GLY B 23 3.49 -23.14 19.50
CA GLY B 23 4.60 -23.89 20.05
C GLY B 23 4.61 -23.83 21.58
N SER B 24 3.95 -24.80 22.20
CA SER B 24 3.88 -24.85 23.66
C SER B 24 5.18 -25.39 24.24
N GLY C 1 -3.44 15.14 -5.51
CA GLY C 1 -4.08 16.48 -5.45
C GLY C 1 -4.56 16.87 -6.84
N LEU C 2 -5.17 18.04 -6.95
CA LEU C 2 -5.67 18.51 -8.23
C LEU C 2 -4.55 18.52 -9.26
N PHE C 3 -3.48 19.24 -8.96
CA PHE C 3 -2.36 19.33 -9.88
C PHE C 3 -1.67 17.98 -10.04
N GLY C 4 -1.38 17.33 -8.92
CA GLY C 4 -0.73 16.04 -8.92
C GLY C 4 -1.55 15.01 -9.69
N ALA C 5 -2.88 15.13 -9.57
CA ALA C 5 -3.77 14.20 -10.25
C ALA C 5 -3.70 14.41 -11.76
N ILE C 6 -3.75 15.66 -12.19
CA ILE C 6 -3.70 15.97 -13.61
C ILE C 6 -2.38 15.48 -14.21
N ALA C 7 -1.29 15.73 -13.50
CA ALA C 7 0.01 15.29 -13.97
C ALA C 7 0.11 13.77 -13.97
N ALA C 8 -0.34 13.16 -12.89
CA ALA C 8 -0.30 11.71 -12.77
C ALA C 8 -1.16 11.06 -13.85
N PHE C 9 -2.28 11.69 -14.19
CA PHE C 9 -3.17 11.16 -15.20
C PHE C 9 -2.50 11.18 -16.57
N ILE C 10 -1.77 12.26 -16.86
CA ILE C 10 -1.07 12.40 -18.14
C ILE C 10 0.16 11.50 -18.17
N GLU C 11 0.88 11.48 -17.07
CA GLU C 11 2.10 10.68 -16.99
C GLU C 11 1.78 9.19 -17.13
N GLY C 12 0.51 8.84 -16.97
CA GLY C 12 0.10 7.44 -17.07
C GLY C 12 0.12 7.00 -18.53
N GLY C 13 0.65 7.86 -19.40
CA GLY C 13 0.73 7.55 -20.82
C GLY C 13 -0.66 7.58 -21.45
N TRP C 14 -0.93 8.65 -22.19
CA TRP C 14 -2.21 8.80 -22.86
C TRP C 14 -2.57 7.53 -23.63
N THR C 15 -1.58 6.95 -24.29
CA THR C 15 -1.80 5.74 -25.07
C THR C 15 -2.25 4.60 -24.16
N GLY C 16 -1.93 4.71 -22.87
CA GLY C 16 -2.31 3.69 -21.90
C GLY C 16 -3.83 3.66 -21.72
N MET C 17 -4.44 4.83 -21.72
CA MET C 17 -5.89 4.92 -21.54
C MET C 17 -6.63 4.16 -22.64
N ILE C 18 -6.27 4.42 -23.88
CA ILE C 18 -6.93 3.75 -25.01
C ILE C 18 -6.69 2.24 -24.92
N ASP C 19 -5.46 1.86 -24.60
CA ASP C 19 -5.10 0.45 -24.49
C ASP C 19 -5.95 -0.25 -23.42
N GLY C 20 -6.00 0.35 -22.24
CA GLY C 20 -6.77 -0.23 -21.15
C GLY C 20 -8.26 -0.24 -21.47
N TRP C 21 -8.65 0.62 -22.40
CA TRP C 21 -10.06 0.70 -22.80
C TRP C 21 -10.44 -0.54 -23.63
N TYR C 22 -9.62 -0.86 -24.63
CA TYR C 22 -9.88 -2.01 -25.48
C TYR C 22 -9.57 -3.31 -24.75
N GLY C 23 -8.56 -3.27 -23.89
CA GLY C 23 -8.16 -4.45 -23.13
C GLY C 23 -9.05 -4.63 -21.90
N SER C 24 -10.36 -4.50 -22.11
CA SER C 24 -11.31 -4.64 -21.01
C SER C 24 -11.14 -6.00 -20.33
N GLY A 1 1.08 9.09 7.01
CA GLY A 1 -0.21 8.34 7.08
C GLY A 1 -0.93 8.47 5.75
N LEU A 2 -1.68 9.55 5.58
CA LEU A 2 -2.42 9.79 4.34
C LEU A 2 -1.46 9.86 3.16
N PHE A 3 -0.42 10.66 3.31
CA PHE A 3 0.55 10.80 2.24
C PHE A 3 1.28 9.47 2.01
N GLY A 4 1.59 8.78 3.10
CA GLY A 4 2.27 7.50 3.00
C GLY A 4 1.43 6.49 2.22
N ALA A 5 0.10 6.56 2.40
CA ALA A 5 -0.80 5.65 1.72
C ALA A 5 -0.76 5.86 0.21
N ILE A 6 -0.72 7.13 -0.21
CA ILE A 6 -0.66 7.45 -1.62
C ILE A 6 0.66 6.99 -2.23
N ALA A 7 1.75 7.27 -1.54
CA ALA A 7 3.07 6.87 -2.02
C ALA A 7 3.20 5.34 -2.04
N ALA A 8 2.73 4.71 -0.98
CA ALA A 8 2.80 3.26 -0.89
C ALA A 8 1.88 2.62 -1.90
N PHE A 9 0.80 3.32 -2.26
CA PHE A 9 -0.16 2.81 -3.22
C PHE A 9 0.49 2.67 -4.59
N ILE A 10 1.28 3.64 -4.96
CA ILE A 10 1.96 3.63 -6.24
C ILE A 10 3.12 2.64 -6.23
N GLU A 11 3.71 2.40 -5.05
CA GLU A 11 4.87 1.48 -4.93
C GLU A 11 4.45 0.05 -4.54
N GLY A 12 3.69 -0.08 -3.44
CA GLY A 12 3.25 -1.41 -2.97
C GLY A 12 1.79 -1.64 -3.29
N GLY A 13 1.34 -1.04 -4.39
CA GLY A 13 -0.05 -1.17 -4.83
C GLY A 13 -1.01 -1.09 -3.65
N TRP A 14 -2.12 -1.81 -3.76
CA TRP A 14 -3.12 -1.81 -2.70
C TRP A 14 -2.50 -2.23 -1.36
N THR A 15 -1.60 -3.20 -1.41
CA THR A 15 -0.93 -3.67 -0.20
C THR A 15 -0.14 -2.54 0.46
N GLY A 16 0.45 -1.69 -0.36
CA GLY A 16 1.24 -0.56 0.14
C GLY A 16 0.34 0.50 0.78
N MET A 17 -0.84 0.70 0.22
CA MET A 17 -1.77 1.69 0.77
C MET A 17 -2.09 1.34 2.21
N ILE A 18 -2.39 0.08 2.48
CA ILE A 18 -2.72 -0.34 3.83
C ILE A 18 -1.53 -0.12 4.76
N ASP A 19 -0.37 -0.63 4.36
CA ASP A 19 0.84 -0.49 5.17
C ASP A 19 1.21 0.98 5.36
N GLY A 20 0.73 1.83 4.46
CA GLY A 20 1.02 3.27 4.54
C GLY A 20 0.08 3.97 5.51
N TRP A 21 -1.20 3.58 5.48
CA TRP A 21 -2.20 4.18 6.36
C TRP A 21 -2.10 3.60 7.78
N TYR A 22 -1.65 2.35 7.87
CA TYR A 22 -1.50 1.71 9.18
C TYR A 22 -0.20 2.15 9.85
N GLY A 23 0.85 2.28 9.05
CA GLY A 23 2.14 2.71 9.58
C GLY A 23 2.10 4.17 10.00
N SER A 24 2.38 4.43 11.27
CA SER A 24 2.37 5.80 11.79
C SER A 24 3.44 5.98 12.86
N GLY B 1 5.42 -2.05 22.85
CA GLY B 1 3.93 -1.98 23.00
C GLY B 1 3.29 -2.08 21.62
N LEU B 2 2.61 -1.03 21.22
CA LEU B 2 1.94 -1.00 19.92
C LEU B 2 2.95 -1.21 18.81
N PHE B 3 4.07 -0.50 18.88
CA PHE B 3 5.10 -0.62 17.86
C PHE B 3 5.57 -2.05 17.75
N GLY B 4 5.81 -2.69 18.89
CA GLY B 4 6.27 -4.08 18.91
C GLY B 4 5.30 -4.99 18.16
N ALA B 5 4.03 -4.91 18.51
CA ALA B 5 3.01 -5.72 17.86
C ALA B 5 3.07 -5.56 16.35
N ILE B 6 3.02 -4.32 15.89
CA ILE B 6 3.07 -4.04 14.46
C ILE B 6 4.44 -4.41 13.88
N ALA B 7 5.50 -4.05 14.60
CA ALA B 7 6.85 -4.33 14.14
C ALA B 7 7.08 -5.84 14.02
N ALA B 8 6.65 -6.57 15.03
CA ALA B 8 6.79 -8.02 15.04
C ALA B 8 5.90 -8.65 13.98
N PHE B 9 4.81 -7.98 13.65
CA PHE B 9 3.89 -8.49 12.65
C PHE B 9 4.60 -8.69 11.32
N ILE B 10 5.31 -7.65 10.87
CA ILE B 10 6.04 -7.72 9.60
C ILE B 10 7.40 -8.39 9.79
N GLU B 11 8.22 -7.83 10.67
CA GLU B 11 9.55 -8.38 10.92
C GLU B 11 9.47 -9.69 11.70
N GLY B 12 8.80 -9.65 12.84
CA GLY B 12 8.66 -10.84 13.66
C GLY B 12 7.70 -11.84 13.03
N GLY B 13 7.54 -11.76 11.72
CA GLY B 13 6.64 -12.66 11.01
C GLY B 13 5.21 -12.50 11.51
N TRP B 14 4.26 -12.50 10.58
CA TRP B 14 2.85 -12.36 10.95
C TRP B 14 2.29 -13.70 11.43
N THR B 15 2.73 -14.78 10.81
CA THR B 15 2.28 -16.11 11.18
C THR B 15 2.87 -16.53 12.52
N GLY B 16 4.09 -16.08 12.80
CA GLY B 16 4.76 -16.43 14.05
C GLY B 16 3.98 -15.88 15.26
N MET B 17 3.47 -14.66 15.13
CA MET B 17 2.71 -14.04 16.21
C MET B 17 1.48 -14.88 16.56
N ILE B 18 0.76 -15.30 15.53
CA ILE B 18 -0.44 -16.11 15.73
C ILE B 18 -0.09 -17.42 16.43
N ASP B 19 0.97 -18.07 15.96
CA ASP B 19 1.40 -19.32 16.57
C ASP B 19 1.81 -19.11 18.02
N GLY B 20 2.55 -18.03 18.25
CA GLY B 20 3.02 -17.70 19.60
C GLY B 20 1.84 -17.39 20.51
N TRP B 21 0.76 -16.89 19.93
CA TRP B 21 -0.43 -16.55 20.70
C TRP B 21 -1.14 -17.82 21.19
N TYR B 22 -1.30 -18.78 20.28
CA TYR B 22 -1.95 -20.05 20.61
C TYR B 22 -1.08 -20.87 21.55
N GLY B 23 0.24 -20.70 21.43
CA GLY B 23 1.18 -21.44 22.28
C GLY B 23 1.39 -20.74 23.62
N SER B 24 0.57 -21.11 24.60
CA SER B 24 0.66 -20.51 25.92
C SER B 24 2.07 -20.69 26.49
N GLY C 1 -3.00 15.91 -5.54
CA GLY C 1 -4.42 16.37 -5.54
C GLY C 1 -4.84 16.74 -6.95
N LEU C 2 -5.52 17.86 -7.10
CA LEU C 2 -5.97 18.30 -8.41
C LEU C 2 -4.80 18.41 -9.37
N PHE C 3 -3.80 19.20 -8.97
CA PHE C 3 -2.63 19.38 -9.83
C PHE C 3 -1.83 18.09 -9.93
N GLY C 4 -1.59 17.44 -8.80
CA GLY C 4 -0.83 16.19 -8.79
C GLY C 4 -1.53 15.11 -9.63
N ALA C 5 -2.86 15.07 -9.54
CA ALA C 5 -3.65 14.10 -10.28
C ALA C 5 -3.54 14.34 -11.78
N ILE C 6 -3.68 15.59 -12.18
CA ILE C 6 -3.59 15.93 -13.59
C ILE C 6 -2.25 15.47 -14.15
N ALA C 7 -1.20 15.68 -13.39
CA ALA C 7 0.14 15.28 -13.82
C ALA C 7 0.23 13.75 -13.92
N ALA C 8 -0.21 13.06 -12.88
CA ALA C 8 -0.18 11.60 -12.88
C ALA C 8 -1.17 11.04 -13.91
N PHE C 9 -2.17 11.85 -14.26
CA PHE C 9 -3.18 11.42 -15.24
C PHE C 9 -2.56 11.28 -16.64
N ILE C 10 -1.78 12.28 -17.05
CA ILE C 10 -1.13 12.26 -18.35
C ILE C 10 0.04 11.28 -18.37
N GLU C 11 0.88 11.35 -17.34
CA GLU C 11 2.03 10.46 -17.23
C GLU C 11 1.59 9.00 -17.31
N GLY C 12 0.32 8.74 -17.05
CA GLY C 12 -0.22 7.38 -17.10
C GLY C 12 -0.33 6.90 -18.54
N GLY C 13 0.24 7.67 -19.45
CA GLY C 13 0.21 7.32 -20.89
C GLY C 13 -1.23 7.29 -21.40
N TRP C 14 -1.42 7.81 -22.61
CA TRP C 14 -2.73 7.86 -23.22
C TRP C 14 -3.25 6.44 -23.52
N THR C 15 -2.38 5.62 -24.10
CA THR C 15 -2.75 4.25 -24.45
C THR C 15 -2.96 3.42 -23.19
N GLY C 16 -2.13 3.67 -22.17
CA GLY C 16 -2.24 2.94 -20.91
C GLY C 16 -3.54 3.29 -20.19
N MET C 17 -3.94 4.56 -20.27
CA MET C 17 -5.17 5.00 -19.62
C MET C 17 -6.38 4.24 -20.15
N ILE C 18 -6.54 4.22 -21.46
CA ILE C 18 -7.68 3.52 -22.06
C ILE C 18 -7.62 2.03 -21.72
N ASP C 19 -6.43 1.45 -21.83
CA ASP C 19 -6.24 0.04 -21.53
C ASP C 19 -6.62 -0.26 -20.08
N GLY C 20 -6.12 0.56 -19.16
CA GLY C 20 -6.42 0.34 -17.75
C GLY C 20 -7.90 0.54 -17.46
N TRP C 21 -8.57 1.33 -18.31
CA TRP C 21 -9.99 1.58 -18.14
C TRP C 21 -10.79 0.29 -18.33
N TYR C 22 -10.62 -0.34 -19.51
CA TYR C 22 -11.34 -1.58 -19.81
C TYR C 22 -10.87 -2.70 -18.90
N GLY C 23 -9.59 -2.65 -18.52
CA GLY C 23 -9.02 -3.66 -17.64
C GLY C 23 -9.70 -3.63 -16.27
N SER C 24 -10.73 -4.44 -16.11
CA SER C 24 -11.46 -4.50 -14.84
C SER C 24 -10.52 -4.85 -13.70
N GLY A 1 0.48 9.68 7.12
CA GLY A 1 -0.50 8.55 6.92
C GLY A 1 -1.15 8.68 5.57
N LEU A 2 -1.79 9.82 5.31
CA LEU A 2 -2.43 10.04 4.03
C LEU A 2 -1.42 9.99 2.89
N PHE A 3 -0.31 10.70 3.06
CA PHE A 3 0.73 10.73 2.04
C PHE A 3 1.36 9.35 1.90
N GLY A 4 1.68 8.73 3.04
CA GLY A 4 2.28 7.40 3.01
C GLY A 4 1.40 6.41 2.26
N ALA A 5 0.08 6.56 2.41
CA ALA A 5 -0.87 5.67 1.74
C ALA A 5 -0.82 5.88 0.23
N ILE A 6 -0.81 7.14 -0.19
CA ILE A 6 -0.76 7.45 -1.61
C ILE A 6 0.57 7.01 -2.22
N ALA A 7 1.66 7.28 -1.51
CA ALA A 7 3.00 6.91 -1.99
C ALA A 7 3.17 5.40 -1.99
N ALA A 8 2.74 4.75 -0.92
CA ALA A 8 2.85 3.31 -0.83
C ALA A 8 1.91 2.64 -1.83
N PHE A 9 0.86 3.36 -2.23
CA PHE A 9 -0.09 2.82 -3.19
C PHE A 9 0.54 2.70 -4.58
N ILE A 10 1.30 3.70 -4.94
CA ILE A 10 1.97 3.70 -6.24
C ILE A 10 3.14 2.71 -6.26
N GLU A 11 3.75 2.48 -5.09
CA GLU A 11 4.92 1.57 -4.99
C GLU A 11 4.50 0.12 -4.65
N GLY A 12 3.73 -0.05 -3.58
CA GLY A 12 3.30 -1.39 -3.15
C GLY A 12 1.84 -1.63 -3.44
N GLY A 13 1.37 -1.04 -4.53
CA GLY A 13 -0.02 -1.21 -4.95
C GLY A 13 -0.98 -1.15 -3.75
N TRP A 14 -2.06 -1.93 -3.83
CA TRP A 14 -3.05 -1.95 -2.76
C TRP A 14 -2.39 -2.28 -1.42
N THR A 15 -1.64 -3.38 -1.39
CA THR A 15 -0.96 -3.80 -0.16
C THR A 15 -0.16 -2.64 0.43
N GLY A 16 0.46 -1.86 -0.44
CA GLY A 16 1.25 -0.72 0.01
C GLY A 16 0.38 0.34 0.66
N MET A 17 -0.82 0.53 0.12
CA MET A 17 -1.73 1.53 0.66
C MET A 17 -2.05 1.23 2.12
N ILE A 18 -2.34 -0.02 2.42
CA ILE A 18 -2.65 -0.41 3.78
C ILE A 18 -1.48 -0.14 4.71
N ASP A 19 -0.29 -0.54 4.28
CA ASP A 19 0.92 -0.34 5.09
C ASP A 19 1.22 1.15 5.26
N GLY A 20 1.02 1.91 4.20
CA GLY A 20 1.26 3.33 4.26
C GLY A 20 0.31 4.02 5.23
N TRP A 21 -0.96 3.60 5.21
CA TRP A 21 -1.96 4.18 6.10
C TRP A 21 -1.66 3.83 7.55
N TYR A 22 -1.17 2.61 7.76
CA TYR A 22 -0.86 2.15 9.11
C TYR A 22 0.50 2.69 9.55
N GLY A 23 1.28 3.15 8.59
CA GLY A 23 2.61 3.70 8.88
C GLY A 23 2.49 5.01 9.67
N SER A 24 2.59 4.92 10.98
CA SER A 24 2.49 6.10 11.83
C SER A 24 3.84 6.82 11.92
N GLY B 1 4.99 -2.74 23.04
CA GLY B 1 3.68 -2.04 22.98
C GLY B 1 3.07 -2.19 21.60
N LEU B 2 2.37 -1.16 21.15
CA LEU B 2 1.74 -1.19 19.84
C LEU B 2 2.79 -1.29 18.74
N PHE B 3 3.86 -0.52 18.90
CA PHE B 3 4.93 -0.54 17.92
C PHE B 3 5.53 -1.94 17.79
N GLY B 4 5.79 -2.57 18.93
CA GLY B 4 6.36 -3.90 18.93
C GLY B 4 5.44 -4.88 18.20
N ALA B 5 4.15 -4.78 18.48
CA ALA B 5 3.17 -5.67 17.85
C ALA B 5 3.22 -5.53 16.33
N ILE B 6 3.04 -4.30 15.86
CA ILE B 6 3.05 -4.04 14.42
C ILE B 6 4.39 -4.47 13.82
N ALA B 7 5.47 -4.17 14.54
CA ALA B 7 6.81 -4.52 14.07
C ALA B 7 6.98 -6.04 14.00
N ALA B 8 6.57 -6.72 15.07
CA ALA B 8 6.67 -8.17 15.11
C ALA B 8 5.80 -8.80 14.05
N PHE B 9 4.77 -8.08 13.63
CA PHE B 9 3.87 -8.59 12.61
C PHE B 9 4.59 -8.66 11.25
N ILE B 10 5.38 -7.64 10.95
CA ILE B 10 6.11 -7.61 9.68
C ILE B 10 7.46 -8.32 9.81
N GLU B 11 8.14 -8.11 10.95
CA GLU B 11 9.45 -8.73 11.18
C GLU B 11 9.31 -10.03 12.01
N GLY B 12 8.52 -9.95 13.08
CA GLY B 12 8.32 -11.11 13.95
C GLY B 12 7.42 -12.14 13.27
N GLY B 13 7.17 -11.93 11.98
CA GLY B 13 6.32 -12.83 11.22
C GLY B 13 4.87 -12.73 11.68
N TRP B 14 3.95 -12.59 10.73
CA TRP B 14 2.52 -12.50 11.08
C TRP B 14 1.99 -13.88 11.46
N THR B 15 2.53 -14.91 10.83
CA THR B 15 2.11 -16.28 11.10
C THR B 15 2.64 -16.76 12.46
N GLY B 16 3.87 -16.36 12.78
CA GLY B 16 4.47 -16.76 14.05
C GLY B 16 3.73 -16.15 15.24
N MET B 17 3.23 -14.93 15.06
CA MET B 17 2.50 -14.25 16.12
C MET B 17 1.20 -14.98 16.42
N ILE B 18 0.52 -15.43 15.37
CA ILE B 18 -0.75 -16.14 15.52
C ILE B 18 -0.53 -17.45 16.28
N ASP B 19 0.53 -18.16 15.92
CA ASP B 19 0.84 -19.42 16.58
C ASP B 19 1.05 -19.21 18.08
N GLY B 20 1.72 -18.11 18.42
CA GLY B 20 1.97 -17.80 19.82
C GLY B 20 0.67 -17.63 20.59
N TRP B 21 -0.28 -16.93 19.97
CA TRP B 21 -1.57 -16.68 20.61
C TRP B 21 -2.31 -18.01 20.84
N TYR B 22 -2.31 -18.88 19.83
CA TYR B 22 -2.97 -20.17 19.94
C TYR B 22 -2.23 -21.07 20.93
N GLY B 23 -0.91 -20.98 20.94
CA GLY B 23 -0.11 -21.78 21.83
C GLY B 23 -0.46 -21.49 23.30
N SER B 24 -1.42 -22.23 23.82
CA SER B 24 -1.85 -22.05 25.22
C SER B 24 -0.85 -22.66 26.18
N GLY C 1 -3.24 15.61 -5.08
CA GLY C 1 -3.96 16.91 -5.23
C GLY C 1 -4.43 17.05 -6.66
N LEU C 2 -5.20 18.10 -6.92
CA LEU C 2 -5.71 18.34 -8.27
C LEU C 2 -4.57 18.43 -9.26
N PHE C 3 -3.59 19.26 -8.95
CA PHE C 3 -2.45 19.45 -9.83
C PHE C 3 -1.69 18.14 -10.01
N GLY C 4 -1.50 17.42 -8.91
CA GLY C 4 -0.79 16.16 -8.93
C GLY C 4 -1.59 15.11 -9.70
N ALA C 5 -2.91 15.14 -9.53
CA ALA C 5 -3.77 14.18 -10.20
C ALA C 5 -3.69 14.33 -11.72
N ILE C 6 -3.74 15.56 -12.19
CA ILE C 6 -3.66 15.81 -13.62
C ILE C 6 -2.32 15.35 -14.16
N ALA C 7 -1.26 15.64 -13.43
CA ALA C 7 0.09 15.25 -13.84
C ALA C 7 0.20 13.74 -13.90
N ALA C 8 -0.29 13.06 -12.87
CA ALA C 8 -0.22 11.61 -12.83
C ALA C 8 -1.16 11.00 -13.87
N PHE C 9 -2.21 11.75 -14.23
CA PHE C 9 -3.17 11.29 -15.22
C PHE C 9 -2.55 11.25 -16.62
N ILE C 10 -1.77 12.28 -16.95
CA ILE C 10 -1.12 12.36 -18.26
C ILE C 10 0.11 11.46 -18.32
N GLU C 11 0.78 11.30 -17.18
CA GLU C 11 1.99 10.46 -17.12
C GLU C 11 1.63 9.00 -17.35
N GLY C 12 0.40 8.63 -17.05
CA GLY C 12 -0.04 7.25 -17.23
C GLY C 12 -0.10 6.89 -18.69
N GLY C 13 0.22 7.87 -19.54
CA GLY C 13 0.22 7.65 -20.98
C GLY C 13 -1.20 7.65 -21.54
N TRP C 14 -1.47 8.62 -22.39
CA TRP C 14 -2.78 8.77 -23.02
C TRP C 14 -3.13 7.51 -23.82
N THR C 15 -2.10 6.76 -24.25
CA THR C 15 -2.31 5.55 -25.04
C THR C 15 -2.65 4.36 -24.13
N GLY C 16 -2.09 4.37 -22.92
CA GLY C 16 -2.35 3.30 -21.97
C GLY C 16 -3.81 3.27 -21.57
N MET C 17 -4.36 4.46 -21.34
CA MET C 17 -5.75 4.58 -20.93
C MET C 17 -6.69 3.93 -21.97
N ILE C 18 -6.44 4.19 -23.24
CA ILE C 18 -7.27 3.63 -24.29
C ILE C 18 -7.16 2.11 -24.30
N ASP C 19 -5.94 1.62 -24.19
CA ASP C 19 -5.71 0.18 -24.18
C ASP C 19 -6.52 -0.49 -23.07
N GLY C 20 -6.49 0.10 -21.89
CA GLY C 20 -7.22 -0.45 -20.75
C GLY C 20 -8.72 -0.39 -20.99
N TRP C 21 -9.18 0.72 -21.54
CA TRP C 21 -10.60 0.89 -21.82
C TRP C 21 -11.13 -0.31 -22.62
N TYR C 22 -10.47 -0.61 -23.74
CA TYR C 22 -10.87 -1.74 -24.58
C TYR C 22 -10.61 -3.06 -23.86
N GLY C 23 -9.53 -3.11 -23.10
CA GLY C 23 -9.18 -4.32 -22.36
C GLY C 23 -9.97 -4.41 -21.07
N SER C 24 -11.18 -4.94 -21.16
CA SER C 24 -12.04 -5.08 -19.99
C SER C 24 -11.52 -6.19 -19.08
N GLY A 1 0.95 9.31 7.04
CA GLY A 1 -0.30 8.51 7.11
C GLY A 1 -1.03 8.58 5.78
N LEU A 2 -1.73 9.68 5.55
CA LEU A 2 -2.46 9.87 4.30
C LEU A 2 -1.48 9.89 3.13
N PHE A 3 -0.41 10.65 3.26
CA PHE A 3 0.59 10.74 2.20
C PHE A 3 1.28 9.39 2.02
N GLY A 4 1.58 8.72 3.12
CA GLY A 4 2.23 7.41 3.05
C GLY A 4 1.40 6.43 2.24
N ALA A 5 0.08 6.49 2.41
CA ALA A 5 -0.82 5.60 1.69
C ALA A 5 -0.76 5.86 0.19
N ILE A 6 -0.73 7.13 -0.19
CA ILE A 6 -0.68 7.50 -1.60
C ILE A 6 0.66 7.05 -2.21
N ALA A 7 1.75 7.35 -1.52
CA ALA A 7 3.07 6.97 -1.99
C ALA A 7 3.22 5.46 -2.06
N ALA A 8 2.76 4.80 -1.00
CA ALA A 8 2.84 3.35 -0.93
C ALA A 8 1.90 2.71 -1.94
N PHE A 9 0.80 3.39 -2.24
CA PHE A 9 -0.17 2.87 -3.20
C PHE A 9 0.49 2.69 -4.57
N ILE A 10 1.32 3.62 -4.93
CA ILE A 10 2.01 3.56 -6.21
C ILE A 10 3.13 2.49 -6.20
N GLU A 11 3.84 2.38 -5.08
CA GLU A 11 4.96 1.43 -4.96
C GLU A 11 4.48 -0.01 -4.69
N GLY A 12 3.69 -0.19 -3.64
CA GLY A 12 3.20 -1.53 -3.26
C GLY A 12 1.73 -1.70 -3.57
N GLY A 13 1.30 -1.07 -4.64
CA GLY A 13 -0.10 -1.15 -5.06
C GLY A 13 -1.04 -1.06 -3.85
N TRP A 14 -2.15 -1.80 -3.92
CA TRP A 14 -3.12 -1.80 -2.83
C TRP A 14 -2.46 -2.22 -1.51
N THR A 15 -1.49 -3.13 -1.60
CA THR A 15 -0.78 -3.60 -0.40
C THR A 15 -0.04 -2.45 0.28
N GLY A 16 0.58 -1.60 -0.51
CA GLY A 16 1.32 -0.47 0.04
C GLY A 16 0.38 0.54 0.69
N MET A 17 -0.81 0.70 0.11
CA MET A 17 -1.78 1.65 0.66
C MET A 17 -2.10 1.32 2.10
N ILE A 18 -2.40 0.06 2.38
CA ILE A 18 -2.72 -0.35 3.73
C ILE A 18 -1.54 -0.13 4.66
N ASP A 19 -0.36 -0.60 4.24
CA ASP A 19 0.83 -0.45 5.05
C ASP A 19 1.13 1.03 5.30
N GLY A 20 1.04 1.83 4.25
CA GLY A 20 1.31 3.26 4.37
C GLY A 20 0.35 3.92 5.34
N TRP A 21 -0.91 3.49 5.31
CA TRP A 21 -1.92 4.06 6.19
C TRP A 21 -1.65 3.68 7.64
N TYR A 22 -1.25 2.44 7.86
CA TYR A 22 -0.96 1.96 9.20
C TYR A 22 0.37 2.55 9.70
N GLY A 23 1.34 2.64 8.81
CA GLY A 23 2.65 3.18 9.16
C GLY A 23 2.50 4.48 9.94
N SER A 24 2.97 4.49 11.18
CA SER A 24 2.88 5.68 12.02
C SER A 24 4.02 6.64 11.69
N GLY B 1 4.95 -2.81 23.42
CA GLY B 1 3.99 -1.71 23.09
C GLY B 1 3.36 -1.99 21.73
N LEU B 2 2.50 -1.09 21.29
CA LEU B 2 1.84 -1.24 20.00
C LEU B 2 2.86 -1.35 18.88
N PHE B 3 3.84 -0.47 18.91
CA PHE B 3 4.87 -0.46 17.90
C PHE B 3 5.49 -1.85 17.75
N GLY B 4 5.72 -2.50 18.88
CA GLY B 4 6.30 -3.84 18.88
C GLY B 4 5.39 -4.83 18.16
N ALA B 5 4.13 -4.85 18.55
CA ALA B 5 3.16 -5.75 17.94
C ALA B 5 3.18 -5.62 16.43
N ILE B 6 3.15 -4.37 15.96
CA ILE B 6 3.16 -4.11 14.52
C ILE B 6 4.50 -4.52 13.92
N ALA B 7 5.59 -4.19 14.61
CA ALA B 7 6.92 -4.53 14.12
C ALA B 7 7.08 -6.03 14.01
N ALA B 8 6.59 -6.75 15.02
CA ALA B 8 6.68 -8.20 15.03
C ALA B 8 5.79 -8.79 13.94
N PHE B 9 4.73 -8.09 13.59
CA PHE B 9 3.82 -8.56 12.57
C PHE B 9 4.53 -8.63 11.22
N ILE B 10 5.37 -7.64 10.96
CA ILE B 10 6.13 -7.59 9.70
C ILE B 10 7.45 -8.34 9.83
N GLU B 11 8.19 -8.06 10.90
CA GLU B 11 9.49 -8.71 11.13
C GLU B 11 9.31 -10.08 11.79
N GLY B 12 8.44 -10.14 12.79
CA GLY B 12 8.21 -11.40 13.50
C GLY B 12 7.24 -12.28 12.72
N GLY B 13 7.00 -11.92 11.47
CA GLY B 13 6.09 -12.67 10.63
C GLY B 13 4.64 -12.44 11.04
N TRP B 14 3.73 -12.45 10.06
CA TRP B 14 2.31 -12.24 10.35
C TRP B 14 1.67 -13.54 10.84
N THR B 15 2.15 -14.66 10.31
CA THR B 15 1.61 -15.97 10.69
C THR B 15 2.29 -16.47 11.97
N GLY B 16 3.42 -15.87 12.33
CA GLY B 16 4.14 -16.27 13.53
C GLY B 16 3.41 -15.84 14.79
N MET B 17 2.76 -14.68 14.73
CA MET B 17 2.03 -14.17 15.89
C MET B 17 0.74 -14.96 16.09
N ILE B 18 0.05 -15.27 14.99
CA ILE B 18 -1.19 -16.02 15.06
C ILE B 18 -0.94 -17.45 15.50
N ASP B 19 0.09 -18.07 14.93
CA ASP B 19 0.43 -19.44 15.28
C ASP B 19 0.79 -19.53 16.76
N GLY B 20 1.49 -18.51 17.26
CA GLY B 20 1.90 -18.50 18.66
C GLY B 20 0.68 -18.56 19.58
N TRP B 21 -0.26 -17.64 19.38
CA TRP B 21 -1.47 -17.60 20.20
C TRP B 21 -2.18 -18.97 20.15
N TYR B 22 -2.30 -19.52 18.96
CA TYR B 22 -2.96 -20.81 18.78
C TYR B 22 -2.12 -21.93 19.41
N GLY B 23 -0.82 -21.88 19.18
CA GLY B 23 0.08 -22.89 19.71
C GLY B 23 -0.08 -23.00 21.22
N SER B 24 -1.01 -23.86 21.64
CA SER B 24 -1.26 -24.06 23.07
C SER B 24 0.05 -24.36 23.80
N GLY C 1 -3.19 15.78 -5.16
CA GLY C 1 -4.36 16.68 -5.31
C GLY C 1 -4.67 16.87 -6.77
N LEU C 2 -5.45 17.91 -7.09
CA LEU C 2 -5.83 18.18 -8.46
C LEU C 2 -4.59 18.33 -9.36
N PHE C 3 -3.64 19.14 -8.92
CA PHE C 3 -2.43 19.35 -9.70
C PHE C 3 -1.68 18.03 -9.89
N GLY C 4 -1.53 17.27 -8.82
CA GLY C 4 -0.82 16.01 -8.88
C GLY C 4 -1.59 15.00 -9.72
N ALA C 5 -2.91 15.00 -9.59
CA ALA C 5 -3.75 14.07 -10.33
C ALA C 5 -3.66 14.34 -11.83
N ILE C 6 -3.75 15.59 -12.21
CA ILE C 6 -3.66 15.95 -13.63
C ILE C 6 -2.33 15.50 -14.20
N ALA C 7 -1.26 15.81 -13.50
CA ALA C 7 0.08 15.43 -13.96
C ALA C 7 0.22 13.90 -13.99
N ALA C 8 -0.27 13.25 -12.93
CA ALA C 8 -0.18 11.80 -12.86
C ALA C 8 -1.14 11.15 -13.87
N PHE C 9 -2.21 11.87 -14.20
CA PHE C 9 -3.19 11.36 -15.16
C PHE C 9 -2.58 11.22 -16.55
N ILE C 10 -1.74 12.19 -16.92
CA ILE C 10 -1.08 12.17 -18.24
C ILE C 10 0.11 11.22 -18.24
N GLU C 11 0.88 11.23 -17.17
CA GLU C 11 2.06 10.37 -17.07
C GLU C 11 1.66 8.90 -17.22
N GLY C 12 0.48 8.56 -16.73
CA GLY C 12 0.00 7.19 -16.80
C GLY C 12 -0.27 6.80 -18.25
N GLY C 13 0.09 7.68 -19.18
CA GLY C 13 -0.12 7.40 -20.60
C GLY C 13 -1.57 7.59 -20.98
N TRP C 14 -1.88 8.76 -21.54
CA TRP C 14 -3.23 9.07 -21.97
C TRP C 14 -3.76 7.98 -22.90
N THR C 15 -2.85 7.30 -23.59
CA THR C 15 -3.24 6.23 -24.52
C THR C 15 -3.49 4.92 -23.77
N GLY C 16 -3.07 4.88 -22.52
CA GLY C 16 -3.25 3.70 -21.70
C GLY C 16 -4.72 3.49 -21.36
N MET C 17 -5.40 4.58 -21.03
CA MET C 17 -6.82 4.50 -20.69
C MET C 17 -7.64 3.99 -21.87
N ILE C 18 -7.32 4.47 -23.06
CA ILE C 18 -8.04 4.04 -24.26
C ILE C 18 -7.83 2.55 -24.51
N ASP C 19 -6.58 2.13 -24.47
CA ASP C 19 -6.24 0.73 -24.71
C ASP C 19 -6.98 -0.17 -23.72
N GLY C 20 -6.99 0.25 -22.46
CA GLY C 20 -7.68 -0.53 -21.42
C GLY C 20 -9.18 -0.56 -21.67
N TRP C 21 -9.70 0.53 -22.23
CA TRP C 21 -11.13 0.61 -22.52
C TRP C 21 -11.55 -0.53 -23.46
N TYR C 22 -10.88 -0.63 -24.60
CA TYR C 22 -11.18 -1.67 -25.58
C TYR C 22 -10.84 -3.04 -25.01
N GLY C 23 -9.78 -3.10 -24.22
CA GLY C 23 -9.36 -4.37 -23.62
C GLY C 23 -10.10 -4.62 -22.30
N SER C 24 -11.34 -5.07 -22.41
CA SER C 24 -12.15 -5.34 -21.22
C SER C 24 -11.62 -6.58 -20.49
#